data_8FW7
# 
_entry.id   8FW7 
# 
_audit_conform.dict_name       mmcif_pdbx.dic 
_audit_conform.dict_version    5.388 
_audit_conform.dict_location   http://mmcif.pdb.org/dictionaries/ascii/mmcif_pdbx.dic 
# 
loop_
_database_2.database_id 
_database_2.database_code 
_database_2.pdbx_database_accession 
_database_2.pdbx_DOI 
PDB   8FW7         pdb_00008fw7 10.2210/pdb8fw7/pdb 
WWPDB D_1000271415 ?            ?                   
# 
loop_
_pdbx_audit_revision_history.ordinal 
_pdbx_audit_revision_history.data_content_type 
_pdbx_audit_revision_history.major_revision 
_pdbx_audit_revision_history.minor_revision 
_pdbx_audit_revision_history.revision_date 
1 'Structure model' 1 0 2023-08-30 
2 'Structure model' 1 1 2024-03-13 
# 
_pdbx_audit_revision_details.ordinal             1 
_pdbx_audit_revision_details.revision_ordinal    1 
_pdbx_audit_revision_details.data_content_type   'Structure model' 
_pdbx_audit_revision_details.provider            repository 
_pdbx_audit_revision_details.type                'Initial release' 
_pdbx_audit_revision_details.description         ? 
_pdbx_audit_revision_details.details             ? 
# 
_pdbx_audit_revision_group.ordinal             1 
_pdbx_audit_revision_group.revision_ordinal    2 
_pdbx_audit_revision_group.data_content_type   'Structure model' 
_pdbx_audit_revision_group.group               'Database references' 
# 
loop_
_pdbx_audit_revision_category.ordinal 
_pdbx_audit_revision_category.revision_ordinal 
_pdbx_audit_revision_category.data_content_type 
_pdbx_audit_revision_category.category 
1 2 'Structure model' citation        
2 2 'Structure model' citation_author 
# 
loop_
_pdbx_audit_revision_item.ordinal 
_pdbx_audit_revision_item.revision_ordinal 
_pdbx_audit_revision_item.data_content_type 
_pdbx_audit_revision_item.item 
1  2 'Structure model' '_citation.country'                 
2  2 'Structure model' '_citation.journal_abbrev'          
3  2 'Structure model' '_citation.journal_id_CSD'          
4  2 'Structure model' '_citation.journal_id_ISSN'         
5  2 'Structure model' '_citation.journal_volume'          
6  2 'Structure model' '_citation.page_first'              
7  2 'Structure model' '_citation.page_last'               
8  2 'Structure model' '_citation.pdbx_database_id_DOI'    
9  2 'Structure model' '_citation.pdbx_database_id_PubMed' 
10 2 'Structure model' '_citation.title'                   
11 2 'Structure model' '_citation.year'                    
# 
_pdbx_database_status.status_code                     REL 
_pdbx_database_status.status_code_sf                  REL 
_pdbx_database_status.status_code_mr                  ? 
_pdbx_database_status.entry_id                        8FW7 
_pdbx_database_status.recvd_initial_deposition_date   2023-01-20 
_pdbx_database_status.SG_entry                        N 
_pdbx_database_status.deposit_site                    RCSB 
_pdbx_database_status.process_site                    RCSB 
_pdbx_database_status.status_code_cs                  ? 
_pdbx_database_status.status_code_nmr_data            ? 
_pdbx_database_status.methods_development_category    ? 
_pdbx_database_status.pdb_format_compatible           Y 
# 
_pdbx_contact_author.id                 2 
_pdbx_contact_author.email              karolin.luger@colorado.edu 
_pdbx_contact_author.name_first         Karolin 
_pdbx_contact_author.name_last          Luger 
_pdbx_contact_author.name_mi            ? 
_pdbx_contact_author.role               'principal investigator/group leader' 
_pdbx_contact_author.identifier_ORCID   0000-0001-5136-5331 
# 
loop_
_audit_author.name 
_audit_author.pdbx_ordinal 
_audit_author.identifier_ORCID 
'Laursen, S.P.' 1 0000-0001-6308-0763 
'Luger, K.'     2 0000-0001-5136-5331 
# 
_citation.abstract                  ? 
_citation.abstract_id_CAS           ? 
_citation.book_id_ISBN              ? 
_citation.book_publisher            ? 
_citation.book_publisher_city       ? 
_citation.book_title                ? 
_citation.coordinate_linkage        ? 
_citation.country                   UK 
_citation.database_id_Medline       ? 
_citation.details                   ? 
_citation.id                        primary 
_citation.journal_abbrev            'Nat Microbiol' 
_citation.journal_id_ASTM           ? 
_citation.journal_id_CSD            ? 
_citation.journal_id_ISSN           2058-5276 
_citation.journal_full              ? 
_citation.journal_issue             ? 
_citation.journal_volume            8 
_citation.language                  ? 
_citation.page_first                2006 
_citation.page_last                 2019 
_citation.title                     
;Histones with an unconventional DNA-binding mode in vitro are major chromatin constituents in the bacterium Bdellovibrio bacteriovorus.
;
_citation.year                      2023 
_citation.database_id_CSD           ? 
_citation.pdbx_database_id_DOI      10.1038/s41564-023-01492-x 
_citation.pdbx_database_id_PubMed   37814071 
_citation.pdbx_database_id_patent   ? 
_citation.unpublished_flag          ? 
# 
loop_
_citation_author.citation_id 
_citation_author.name 
_citation_author.ordinal 
_citation_author.identifier_ORCID 
primary 'Hocher, A.'    1  0000-0001-7389-7558 
primary 'Laursen, S.P.' 2  0000-0001-6308-0763 
primary 'Radford, P.'   3  ?                   
primary 'Tyson, J.'     4  0000-0002-5655-0031 
primary 'Lambert, C.'   5  0000-0002-1844-457X 
primary 'Stevens, K.M.' 6  ?                   
primary 'Montoya, A.'   7  ?                   
primary 'Shliaha, P.V.' 8  ?                   
primary 'Picardeau, M.' 9  0000-0002-5338-5579 
primary 'Sockett, R.E.' 10 0000-0002-6271-2674 
primary 'Luger, K.'     11 0000-0001-5136-5331 
primary 'Warnecke, T.'  12 0000-0002-4936-5428 
# 
loop_
_entity.id 
_entity.type 
_entity.src_method 
_entity.pdbx_description 
_entity.formula_weight 
_entity.pdbx_number_of_molecules 
_entity.pdbx_ec 
_entity.pdbx_mutation 
_entity.pdbx_fragment 
_entity.details 
1 polymer syn 
;DNA (5'-D(P*CP*AP*T)-3')
;
861.624  1  ? ? ? ? 
2 polymer man 'CBFD_NFYB_HMF domain-containing protein' 6994.307 2  ? ? ? ? 
3 polymer syn 
;DNA (5'-D(P*AP*T)-3')
;
572.442  1  ? ? ? ? 
4 water   nat water                                     18.015   52 ? ? ? ? 
# 
loop_
_entity_poly.entity_id 
_entity_poly.type 
_entity_poly.nstd_linkage 
_entity_poly.nstd_monomer 
_entity_poly.pdbx_seq_one_letter_code 
_entity_poly.pdbx_seq_one_letter_code_can 
_entity_poly.pdbx_strand_id 
_entity_poly.pdbx_target_identifier 
1 polydeoxyribonucleotide no no '(DC)(DA)(DT)'                                                   CAT A   ? 
2 'polypeptide(L)'        no no MAEVLVVTSKVKKLIKEKGQMNTSAETIDVLSKAIEQLCLKGVESAKADGRKTVMARDIVIDHL 
MAEVLVVTSKVKKLIKEKGQMNTSAETIDVLSKAIEQLCLKGVESAKADGRKTVMARDIVIDHL D,H ? 
3 polydeoxyribonucleotide no no '(DA)(DT)'                                                       AT B   ? 
# 
_pdbx_entity_nonpoly.entity_id   4 
_pdbx_entity_nonpoly.name        water 
_pdbx_entity_nonpoly.comp_id     HOH 
# 
loop_
_entity_poly_seq.entity_id 
_entity_poly_seq.num 
_entity_poly_seq.mon_id 
_entity_poly_seq.hetero 
1 1  DC  n 
1 2  DA  n 
1 3  DT  n 
2 1  MET n 
2 2  ALA n 
2 3  GLU n 
2 4  VAL n 
2 5  LEU n 
2 6  VAL n 
2 7  VAL n 
2 8  THR n 
2 9  SER n 
2 10 LYS n 
2 11 VAL n 
2 12 LYS n 
2 13 LYS n 
2 14 LEU n 
2 15 ILE n 
2 16 LYS n 
2 17 GLU n 
2 18 LYS n 
2 19 GLY n 
2 20 GLN n 
2 21 MET n 
2 22 ASN n 
2 23 THR n 
2 24 SER n 
2 25 ALA n 
2 26 GLU n 
2 27 THR n 
2 28 ILE n 
2 29 ASP n 
2 30 VAL n 
2 31 LEU n 
2 32 SER n 
2 33 LYS n 
2 34 ALA n 
2 35 ILE n 
2 36 GLU n 
2 37 GLN n 
2 38 LEU n 
2 39 CYS n 
2 40 LEU n 
2 41 LYS n 
2 42 GLY n 
2 43 VAL n 
2 44 GLU n 
2 45 SER n 
2 46 ALA n 
2 47 LYS n 
2 48 ALA n 
2 49 ASP n 
2 50 GLY n 
2 51 ARG n 
2 52 LYS n 
2 53 THR n 
2 54 VAL n 
2 55 MET n 
2 56 ALA n 
2 57 ARG n 
2 58 ASP n 
2 59 ILE n 
2 60 VAL n 
2 61 ILE n 
2 62 ASP n 
2 63 HIS n 
2 64 LEU n 
3 1  DA  n 
3 2  DT  n 
# 
_entity_src_gen.entity_id                          2 
_entity_src_gen.pdbx_src_id                        1 
_entity_src_gen.pdbx_alt_source_flag               sample 
_entity_src_gen.pdbx_seq_type                      'Biological sequence' 
_entity_src_gen.pdbx_beg_seq_num                   1 
_entity_src_gen.pdbx_end_seq_num                   64 
_entity_src_gen.gene_src_common_name               ? 
_entity_src_gen.gene_src_genus                     ? 
_entity_src_gen.pdbx_gene_src_gene                 Bd0055 
_entity_src_gen.gene_src_species                   ? 
_entity_src_gen.gene_src_strain                    ? 
_entity_src_gen.gene_src_tissue                    ? 
_entity_src_gen.gene_src_tissue_fraction           ? 
_entity_src_gen.gene_src_details                   ? 
_entity_src_gen.pdbx_gene_src_fragment             ? 
_entity_src_gen.pdbx_gene_src_scientific_name      'Bdellovibrio bacteriovorus HD100' 
_entity_src_gen.pdbx_gene_src_ncbi_taxonomy_id     264462 
_entity_src_gen.pdbx_gene_src_variant              ? 
_entity_src_gen.pdbx_gene_src_cell_line            ? 
_entity_src_gen.pdbx_gene_src_atcc                 ? 
_entity_src_gen.pdbx_gene_src_organ                ? 
_entity_src_gen.pdbx_gene_src_organelle            ? 
_entity_src_gen.pdbx_gene_src_cell                 ? 
_entity_src_gen.pdbx_gene_src_cellular_location    ? 
_entity_src_gen.host_org_common_name               ? 
_entity_src_gen.pdbx_host_org_scientific_name      'Escherichia coli' 
_entity_src_gen.pdbx_host_org_ncbi_taxonomy_id     562 
_entity_src_gen.host_org_genus                     ? 
_entity_src_gen.pdbx_host_org_gene                 ? 
_entity_src_gen.pdbx_host_org_organ                ? 
_entity_src_gen.host_org_species                   ? 
_entity_src_gen.pdbx_host_org_tissue               ? 
_entity_src_gen.pdbx_host_org_tissue_fraction      ? 
_entity_src_gen.pdbx_host_org_strain               ? 
_entity_src_gen.pdbx_host_org_variant              ? 
_entity_src_gen.pdbx_host_org_cell_line            ? 
_entity_src_gen.pdbx_host_org_atcc                 ? 
_entity_src_gen.pdbx_host_org_culture_collection   ? 
_entity_src_gen.pdbx_host_org_cell                 ? 
_entity_src_gen.pdbx_host_org_organelle            ? 
_entity_src_gen.pdbx_host_org_cellular_location    ? 
_entity_src_gen.pdbx_host_org_vector_type          ? 
_entity_src_gen.pdbx_host_org_vector               ? 
_entity_src_gen.host_org_details                   ? 
_entity_src_gen.expression_system_id               ? 
_entity_src_gen.plasmid_name                       ? 
_entity_src_gen.plasmid_details                    ? 
_entity_src_gen.pdbx_description                   ? 
# 
loop_
_pdbx_entity_src_syn.entity_id 
_pdbx_entity_src_syn.pdbx_src_id 
_pdbx_entity_src_syn.pdbx_alt_source_flag 
_pdbx_entity_src_syn.pdbx_beg_seq_num 
_pdbx_entity_src_syn.pdbx_end_seq_num 
_pdbx_entity_src_syn.organism_scientific 
_pdbx_entity_src_syn.organism_common_name 
_pdbx_entity_src_syn.ncbi_taxonomy_id 
_pdbx_entity_src_syn.details 
1 1 sample 1 3 'synthetic construct' ? 32630 ? 
3 1 sample 1 2 'synthetic construct' ? 32630 ? 
# 
loop_
_chem_comp.id 
_chem_comp.type 
_chem_comp.mon_nstd_flag 
_chem_comp.name 
_chem_comp.pdbx_synonyms 
_chem_comp.formula 
_chem_comp.formula_weight 
ALA 'L-peptide linking' y ALANINE                              ? 'C3 H7 N O2'      89.093  
ARG 'L-peptide linking' y ARGININE                             ? 'C6 H15 N4 O2 1'  175.209 
ASN 'L-peptide linking' y ASPARAGINE                           ? 'C4 H8 N2 O3'     132.118 
ASP 'L-peptide linking' y 'ASPARTIC ACID'                      ? 'C4 H7 N O4'      133.103 
CYS 'L-peptide linking' y CYSTEINE                             ? 'C3 H7 N O2 S'    121.158 
DA  'DNA linking'       y "2'-DEOXYADENOSINE-5'-MONOPHOSPHATE" ? 'C10 H14 N5 O6 P' 331.222 
DC  'DNA linking'       y "2'-DEOXYCYTIDINE-5'-MONOPHOSPHATE"  ? 'C9 H14 N3 O7 P'  307.197 
DT  'DNA linking'       y "THYMIDINE-5'-MONOPHOSPHATE"         ? 'C10 H15 N2 O8 P' 322.208 
GLN 'L-peptide linking' y GLUTAMINE                            ? 'C5 H10 N2 O3'    146.144 
GLU 'L-peptide linking' y 'GLUTAMIC ACID'                      ? 'C5 H9 N O4'      147.129 
GLY 'peptide linking'   y GLYCINE                              ? 'C2 H5 N O2'      75.067  
HIS 'L-peptide linking' y HISTIDINE                            ? 'C6 H10 N3 O2 1'  156.162 
HOH non-polymer         . WATER                                ? 'H2 O'            18.015  
ILE 'L-peptide linking' y ISOLEUCINE                           ? 'C6 H13 N O2'     131.173 
LEU 'L-peptide linking' y LEUCINE                              ? 'C6 H13 N O2'     131.173 
LYS 'L-peptide linking' y LYSINE                               ? 'C6 H15 N2 O2 1'  147.195 
MET 'L-peptide linking' y METHIONINE                           ? 'C5 H11 N O2 S'   149.211 
SER 'L-peptide linking' y SERINE                               ? 'C3 H7 N O3'      105.093 
THR 'L-peptide linking' y THREONINE                            ? 'C4 H9 N O3'      119.119 
VAL 'L-peptide linking' y VALINE                               ? 'C5 H11 N O2'     117.146 
# 
loop_
_pdbx_poly_seq_scheme.asym_id 
_pdbx_poly_seq_scheme.entity_id 
_pdbx_poly_seq_scheme.seq_id 
_pdbx_poly_seq_scheme.mon_id 
_pdbx_poly_seq_scheme.ndb_seq_num 
_pdbx_poly_seq_scheme.pdb_seq_num 
_pdbx_poly_seq_scheme.auth_seq_num 
_pdbx_poly_seq_scheme.pdb_mon_id 
_pdbx_poly_seq_scheme.auth_mon_id 
_pdbx_poly_seq_scheme.pdb_strand_id 
_pdbx_poly_seq_scheme.pdb_ins_code 
_pdbx_poly_seq_scheme.hetero 
A 1 1  DC  1  4  4  DC  DC  A . n 
A 1 2  DA  2  5  5  DA  DA  A . n 
A 1 3  DT  3  6  6  DT  DT  A . n 
B 2 1  MET 1  1  ?  ?   ?   D . n 
B 2 2  ALA 2  2  2  ALA ALA D . n 
B 2 3  GLU 3  3  3  GLU GLU D . n 
B 2 4  VAL 4  4  4  VAL VAL D . n 
B 2 5  LEU 5  5  5  LEU LEU D . n 
B 2 6  VAL 6  6  6  VAL VAL D . n 
B 2 7  VAL 7  7  7  VAL VAL D . n 
B 2 8  THR 8  8  8  THR THR D . n 
B 2 9  SER 9  9  9  SER SER D . n 
B 2 10 LYS 10 10 10 LYS LYS D . n 
B 2 11 VAL 11 11 11 VAL VAL D . n 
B 2 12 LYS 12 12 12 LYS LYS D . n 
B 2 13 LYS 13 13 13 LYS LYS D . n 
B 2 14 LEU 14 14 14 LEU LEU D . n 
B 2 15 ILE 15 15 15 ILE ILE D . n 
B 2 16 LYS 16 16 16 LYS LYS D . n 
B 2 17 GLU 17 17 17 GLU GLU D . n 
B 2 18 LYS 18 18 18 LYS LYS D . n 
B 2 19 GLY 19 19 19 GLY GLY D . n 
B 2 20 GLN 20 20 20 GLN GLN D . n 
B 2 21 MET 21 21 21 MET MET D . n 
B 2 22 ASN 22 22 22 ASN ASN D . n 
B 2 23 THR 23 23 23 THR THR D . n 
B 2 24 SER 24 24 24 SER SER D . n 
B 2 25 ALA 25 25 25 ALA ALA D . n 
B 2 26 GLU 26 26 26 GLU GLU D . n 
B 2 27 THR 27 27 27 THR THR D . n 
B 2 28 ILE 28 28 28 ILE ILE D . n 
B 2 29 ASP 29 29 29 ASP ASP D . n 
B 2 30 VAL 30 30 30 VAL VAL D . n 
B 2 31 LEU 31 31 31 LEU LEU D . n 
B 2 32 SER 32 32 32 SER SER D . n 
B 2 33 LYS 33 33 33 LYS LYS D . n 
B 2 34 ALA 34 34 34 ALA ALA D . n 
B 2 35 ILE 35 35 35 ILE ILE D . n 
B 2 36 GLU 36 36 36 GLU GLU D . n 
B 2 37 GLN 37 37 37 GLN GLN D . n 
B 2 38 LEU 38 38 38 LEU LEU D . n 
B 2 39 CYS 39 39 39 CYS CYS D . n 
B 2 40 LEU 40 40 40 LEU LEU D . n 
B 2 41 LYS 41 41 41 LYS LYS D . n 
B 2 42 GLY 42 42 42 GLY GLY D . n 
B 2 43 VAL 43 43 43 VAL VAL D . n 
B 2 44 GLU 44 44 44 GLU GLU D . n 
B 2 45 SER 45 45 45 SER SER D . n 
B 2 46 ALA 46 46 46 ALA ALA D . n 
B 2 47 LYS 47 47 47 LYS LYS D . n 
B 2 48 ALA 48 48 48 ALA ALA D . n 
B 2 49 ASP 49 49 49 ASP ASP D . n 
B 2 50 GLY 50 50 50 GLY GLY D . n 
B 2 51 ARG 51 51 51 ARG ARG D . n 
B 2 52 LYS 52 52 52 LYS LYS D . n 
B 2 53 THR 53 53 53 THR THR D . n 
B 2 54 VAL 54 54 54 VAL VAL D . n 
B 2 55 MET 55 55 55 MET MET D . n 
B 2 56 ALA 56 56 56 ALA ALA D . n 
B 2 57 ARG 57 57 57 ARG ARG D . n 
B 2 58 ASP 58 58 58 ASP ASP D . n 
B 2 59 ILE 59 59 59 ILE ILE D . n 
B 2 60 VAL 60 60 60 VAL VAL D . n 
B 2 61 ILE 61 61 61 ILE ILE D . n 
B 2 62 ASP 62 62 62 ASP ASP D . n 
B 2 63 HIS 63 63 63 HIS HIS D . n 
B 2 64 LEU 64 64 64 LEU LEU D . n 
C 2 1  MET 1  1  ?  ?   ?   H . n 
C 2 2  ALA 2  2  2  ALA ALA H . n 
C 2 3  GLU 3  3  3  GLU GLU H . n 
C 2 4  VAL 4  4  4  VAL VAL H . n 
C 2 5  LEU 5  5  5  LEU LEU H . n 
C 2 6  VAL 6  6  6  VAL VAL H . n 
C 2 7  VAL 7  7  7  VAL VAL H . n 
C 2 8  THR 8  8  8  THR THR H . n 
C 2 9  SER 9  9  9  SER SER H . n 
C 2 10 LYS 10 10 10 LYS LYS H . n 
C 2 11 VAL 11 11 11 VAL VAL H . n 
C 2 12 LYS 12 12 12 LYS LYS H . n 
C 2 13 LYS 13 13 13 LYS LYS H . n 
C 2 14 LEU 14 14 14 LEU LEU H . n 
C 2 15 ILE 15 15 15 ILE ILE H . n 
C 2 16 LYS 16 16 16 LYS LYS H . n 
C 2 17 GLU 17 17 17 GLU GLU H . n 
C 2 18 LYS 18 18 18 LYS LYS H . n 
C 2 19 GLY 19 19 19 GLY GLY H . n 
C 2 20 GLN 20 20 20 GLN GLN H . n 
C 2 21 MET 21 21 21 MET MET H . n 
C 2 22 ASN 22 22 22 ASN ASN H . n 
C 2 23 THR 23 23 23 THR THR H . n 
C 2 24 SER 24 24 24 SER SER H . n 
C 2 25 ALA 25 25 25 ALA ALA H . n 
C 2 26 GLU 26 26 26 GLU GLU H . n 
C 2 27 THR 27 27 27 THR THR H . n 
C 2 28 ILE 28 28 28 ILE ILE H . n 
C 2 29 ASP 29 29 29 ASP ASP H . n 
C 2 30 VAL 30 30 30 VAL VAL H . n 
C 2 31 LEU 31 31 31 LEU LEU H . n 
C 2 32 SER 32 32 32 SER SER H . n 
C 2 33 LYS 33 33 33 LYS LYS H . n 
C 2 34 ALA 34 34 34 ALA ALA H . n 
C 2 35 ILE 35 35 35 ILE ILE H . n 
C 2 36 GLU 36 36 36 GLU GLU H . n 
C 2 37 GLN 37 37 37 GLN GLN H . n 
C 2 38 LEU 38 38 38 LEU LEU H . n 
C 2 39 CYS 39 39 39 CYS CYS H . n 
C 2 40 LEU 40 40 40 LEU LEU H . n 
C 2 41 LYS 41 41 41 LYS LYS H . n 
C 2 42 GLY 42 42 42 GLY GLY H . n 
C 2 43 VAL 43 43 43 VAL VAL H . n 
C 2 44 GLU 44 44 44 GLU GLU H . n 
C 2 45 SER 45 45 45 SER SER H . n 
C 2 46 ALA 46 46 46 ALA ALA H . n 
C 2 47 LYS 47 47 47 LYS LYS H . n 
C 2 48 ALA 48 48 48 ALA ALA H . n 
C 2 49 ASP 49 49 49 ASP ASP H . n 
C 2 50 GLY 50 50 50 GLY GLY H . n 
C 2 51 ARG 51 51 51 ARG ARG H . n 
C 2 52 LYS 52 52 52 LYS LYS H . n 
C 2 53 THR 53 53 53 THR THR H . n 
C 2 54 VAL 54 54 54 VAL VAL H . n 
C 2 55 MET 55 55 55 MET MET H . n 
C 2 56 ALA 56 56 56 ALA ALA H . n 
C 2 57 ARG 57 57 57 ARG ARG H . n 
C 2 58 ASP 58 58 58 ASP ASP H . n 
C 2 59 ILE 59 59 59 ILE ILE H . n 
C 2 60 VAL 60 60 60 VAL VAL H . n 
C 2 61 ILE 61 61 61 ILE ILE H . n 
C 2 62 ASP 62 62 62 ASP ASP H . n 
C 2 63 HIS 63 63 63 HIS HIS H . n 
C 2 64 LEU 64 64 64 LEU LEU H . n 
D 3 1  DA  1  2  2  DA  DA  B . n 
D 3 2  DT  2  3  3  DT  DT  B . n 
# 
loop_
_pdbx_nonpoly_scheme.asym_id 
_pdbx_nonpoly_scheme.entity_id 
_pdbx_nonpoly_scheme.mon_id 
_pdbx_nonpoly_scheme.ndb_seq_num 
_pdbx_nonpoly_scheme.pdb_seq_num 
_pdbx_nonpoly_scheme.auth_seq_num 
_pdbx_nonpoly_scheme.pdb_mon_id 
_pdbx_nonpoly_scheme.auth_mon_id 
_pdbx_nonpoly_scheme.pdb_strand_id 
_pdbx_nonpoly_scheme.pdb_ins_code 
E 4 HOH 1  101 1  HOH HOH A . 
E 4 HOH 2  102 21 HOH HOH A . 
E 4 HOH 3  103 23 HOH HOH A . 
E 4 HOH 4  104 7  HOH HOH A . 
E 4 HOH 5  105 2  HOH HOH A . 
E 4 HOH 6  106 36 HOH HOH A . 
E 4 HOH 7  107 15 HOH HOH A . 
E 4 HOH 8  108 27 HOH HOH A . 
E 4 HOH 9  109 9  HOH HOH A . 
E 4 HOH 10 110 34 HOH HOH A . 
E 4 HOH 11 111 11 HOH HOH A . 
E 4 HOH 12 112 51 HOH HOH A . 
F 4 HOH 1  101 29 HOH HOH D . 
F 4 HOH 2  102 25 HOH HOH D . 
F 4 HOH 3  103 58 HOH HOH D . 
F 4 HOH 4  104 30 HOH HOH D . 
F 4 HOH 5  105 40 HOH HOH D . 
F 4 HOH 6  106 19 HOH HOH D . 
F 4 HOH 7  107 41 HOH HOH D . 
F 4 HOH 8  108 31 HOH HOH D . 
F 4 HOH 9  109 8  HOH HOH D . 
F 4 HOH 10 110 33 HOH HOH D . 
F 4 HOH 11 111 5  HOH HOH D . 
F 4 HOH 12 112 48 HOH HOH D . 
F 4 HOH 13 113 22 HOH HOH D . 
F 4 HOH 14 114 47 HOH HOH D . 
F 4 HOH 15 115 39 HOH HOH D . 
F 4 HOH 16 116 45 HOH HOH D . 
F 4 HOH 17 117 37 HOH HOH D . 
F 4 HOH 18 118 50 HOH HOH D . 
G 4 HOH 1  101 26 HOH HOH H . 
G 4 HOH 2  102 18 HOH HOH H . 
G 4 HOH 3  103 52 HOH HOH H . 
G 4 HOH 4  104 54 HOH HOH H . 
G 4 HOH 5  105 3  HOH HOH H . 
G 4 HOH 6  106 14 HOH HOH H . 
G 4 HOH 7  107 6  HOH HOH H . 
G 4 HOH 8  108 55 HOH HOH H . 
G 4 HOH 9  109 16 HOH HOH H . 
G 4 HOH 10 110 60 HOH HOH H . 
G 4 HOH 11 111 13 HOH HOH H . 
G 4 HOH 12 112 59 HOH HOH H . 
G 4 HOH 13 113 56 HOH HOH H . 
G 4 HOH 14 114 57 HOH HOH H . 
G 4 HOH 15 115 44 HOH HOH H . 
G 4 HOH 16 116 17 HOH HOH H . 
H 4 HOH 1  101 10 HOH HOH B . 
H 4 HOH 2  102 42 HOH HOH B . 
H 4 HOH 3  103 4  HOH HOH B . 
H 4 HOH 4  104 28 HOH HOH B . 
H 4 HOH 5  105 24 HOH HOH B . 
H 4 HOH 6  106 43 HOH HOH B . 
# 
loop_
_pdbx_unobs_or_zero_occ_atoms.id 
_pdbx_unobs_or_zero_occ_atoms.PDB_model_num 
_pdbx_unobs_or_zero_occ_atoms.polymer_flag 
_pdbx_unobs_or_zero_occ_atoms.occupancy_flag 
_pdbx_unobs_or_zero_occ_atoms.auth_asym_id 
_pdbx_unobs_or_zero_occ_atoms.auth_comp_id 
_pdbx_unobs_or_zero_occ_atoms.auth_seq_id 
_pdbx_unobs_or_zero_occ_atoms.PDB_ins_code 
_pdbx_unobs_or_zero_occ_atoms.auth_atom_id 
_pdbx_unobs_or_zero_occ_atoms.label_alt_id 
_pdbx_unobs_or_zero_occ_atoms.label_asym_id 
_pdbx_unobs_or_zero_occ_atoms.label_comp_id 
_pdbx_unobs_or_zero_occ_atoms.label_seq_id 
_pdbx_unobs_or_zero_occ_atoms.label_atom_id 
1 1 Y 1 A DT 6 ? "O3'" ? A DT 3 "O3'" 
2 1 Y 1 B DT 3 ? "O3'" ? D DT 2 "O3'" 
# 
loop_
_software.citation_id 
_software.classification 
_software.compiler_name 
_software.compiler_version 
_software.contact_author 
_software.contact_author_email 
_software.date 
_software.description 
_software.dependencies 
_software.hardware 
_software.language 
_software.location 
_software.mods 
_software.name 
_software.os 
_software.os_version 
_software.type 
_software.version 
_software.pdbx_ordinal 
? 'data reduction' ? ? ? ? ? ? ? ? ? ? ? XDS     ? ? ? .           1 
? 'data scaling'   ? ? ? ? ? ? ? ? ? ? ? Aimless ? ? ? .           2 
? phasing          ? ? ? ? ? ? ? ? ? ? ? PHASER  ? ? ? .           3 
? refinement       ? ? ? ? ? ? ? ? ? ? ? PHENIX  ? ? ? 1.20.1_4487 4 
# 
_cell.angle_alpha                  90.000 
_cell.angle_alpha_esd              ? 
_cell.angle_beta                   90.000 
_cell.angle_beta_esd               ? 
_cell.angle_gamma                  90.000 
_cell.angle_gamma_esd              ? 
_cell.entry_id                     8FW7 
_cell.details                      ? 
_cell.formula_units_Z              ? 
_cell.length_a                     33.081 
_cell.length_a_esd                 ? 
_cell.length_b                     103.143 
_cell.length_b_esd                 ? 
_cell.length_c                     111.145 
_cell.length_c_esd                 ? 
_cell.volume                       379234.918 
_cell.volume_esd                   ? 
_cell.Z_PDB                        16 
_cell.reciprocal_angle_alpha       ? 
_cell.reciprocal_angle_beta        ? 
_cell.reciprocal_angle_gamma       ? 
_cell.reciprocal_angle_alpha_esd   ? 
_cell.reciprocal_angle_beta_esd    ? 
_cell.reciprocal_angle_gamma_esd   ? 
_cell.reciprocal_length_a          ? 
_cell.reciprocal_length_b          ? 
_cell.reciprocal_length_c          ? 
_cell.reciprocal_length_a_esd      ? 
_cell.reciprocal_length_b_esd      ? 
_cell.reciprocal_length_c_esd      ? 
_cell.pdbx_unique_axis             ? 
_cell.pdbx_esd_method              ? 
# 
_symmetry.entry_id                         8FW7 
_symmetry.cell_setting                     ? 
_symmetry.Int_Tables_number                24 
_symmetry.space_group_name_Hall            'I 2b 2c' 
_symmetry.space_group_name_H-M             'I 21 21 21' 
_symmetry.pdbx_full_space_group_name_H-M   ? 
# 
_exptl.absorpt_coefficient_mu     ? 
_exptl.absorpt_correction_T_max   ? 
_exptl.absorpt_correction_T_min   ? 
_exptl.absorpt_correction_type    ? 
_exptl.absorpt_process_details    ? 
_exptl.entry_id                   8FW7 
_exptl.crystals_number            1 
_exptl.details                    ? 
_exptl.method                     'X-RAY DIFFRACTION' 
_exptl.method_details             ? 
# 
_exptl_crystal.colour                       ? 
_exptl_crystal.density_diffrn               ? 
_exptl_crystal.density_Matthews             3.13 
_exptl_crystal.density_method               ? 
_exptl_crystal.density_percent_sol          60.66 
_exptl_crystal.description                  Cubic 
_exptl_crystal.F_000                        ? 
_exptl_crystal.id                           1 
_exptl_crystal.preparation                  ? 
_exptl_crystal.size_max                     ? 
_exptl_crystal.size_mid                     ? 
_exptl_crystal.size_min                     ? 
_exptl_crystal.size_rad                     ? 
_exptl_crystal.colour_lustre                ? 
_exptl_crystal.colour_modifier              ? 
_exptl_crystal.colour_primary               ? 
_exptl_crystal.density_meas                 ? 
_exptl_crystal.density_meas_esd             ? 
_exptl_crystal.density_meas_gt              ? 
_exptl_crystal.density_meas_lt              ? 
_exptl_crystal.density_meas_temp            ? 
_exptl_crystal.density_meas_temp_esd        ? 
_exptl_crystal.density_meas_temp_gt         ? 
_exptl_crystal.density_meas_temp_lt         ? 
_exptl_crystal.pdbx_crystal_image_url       ? 
_exptl_crystal.pdbx_crystal_image_format    ? 
_exptl_crystal.pdbx_mosaicity               ? 
_exptl_crystal.pdbx_mosaicity_esd           ? 
_exptl_crystal.pdbx_mosaic_method           ? 
_exptl_crystal.pdbx_mosaic_block_size       ? 
_exptl_crystal.pdbx_mosaic_block_size_esd   ? 
# 
_exptl_crystal_grow.apparatus       ? 
_exptl_crystal_grow.atmosphere      ? 
_exptl_crystal_grow.crystal_id      1 
_exptl_crystal_grow.details         ? 
_exptl_crystal_grow.method          'VAPOR DIFFUSION, HANGING DROP' 
_exptl_crystal_grow.method_ref      ? 
_exptl_crystal_grow.pH              8.0 
_exptl_crystal_grow.pressure        ? 
_exptl_crystal_grow.pressure_esd    ? 
_exptl_crystal_grow.seeding         ? 
_exptl_crystal_grow.seeding_ref     ? 
_exptl_crystal_grow.temp_details    ? 
_exptl_crystal_grow.temp_esd        ? 
_exptl_crystal_grow.time            ? 
_exptl_crystal_grow.pdbx_details    '15% PEG 550 MME, 50 mM HEPES' 
_exptl_crystal_grow.pdbx_pH_range   ? 
_exptl_crystal_grow.temp            293 
# 
_diffrn.ambient_environment              ? 
_diffrn.ambient_temp                     100 
_diffrn.ambient_temp_details             ? 
_diffrn.ambient_temp_esd                 ? 
_diffrn.crystal_id                       1 
_diffrn.crystal_support                  ? 
_diffrn.crystal_treatment                ? 
_diffrn.details                          ? 
_diffrn.id                               1 
_diffrn.ambient_pressure                 ? 
_diffrn.ambient_pressure_esd             ? 
_diffrn.ambient_pressure_gt              ? 
_diffrn.ambient_pressure_lt              ? 
_diffrn.ambient_temp_gt                  ? 
_diffrn.ambient_temp_lt                  ? 
_diffrn.pdbx_serial_crystal_experiment   N 
# 
_diffrn_detector.details                      ? 
_diffrn_detector.detector                     CCD 
_diffrn_detector.diffrn_id                    1 
_diffrn_detector.type                         'ADSC QUANTUM 315r' 
_diffrn_detector.area_resol_mean              ? 
_diffrn_detector.dtime                        ? 
_diffrn_detector.pdbx_frames_total            ? 
_diffrn_detector.pdbx_collection_time_total   ? 
_diffrn_detector.pdbx_collection_date         2022-05-05 
_diffrn_detector.pdbx_frequency               ? 
# 
_diffrn_radiation.collimation                      ? 
_diffrn_radiation.diffrn_id                        1 
_diffrn_radiation.filter_edge                      ? 
_diffrn_radiation.inhomogeneity                    ? 
_diffrn_radiation.monochromator                    'Double-crystal Si(111) and multilayer' 
_diffrn_radiation.polarisn_norm                    ? 
_diffrn_radiation.polarisn_ratio                   ? 
_diffrn_radiation.probe                            ? 
_diffrn_radiation.type                             ? 
_diffrn_radiation.xray_symbol                      ? 
_diffrn_radiation.wavelength_id                    1 
_diffrn_radiation.pdbx_monochromatic_or_laue_m_l   M 
_diffrn_radiation.pdbx_wavelength_list             ? 
_diffrn_radiation.pdbx_wavelength                  ? 
_diffrn_radiation.pdbx_diffrn_protocol             'SINGLE WAVELENGTH' 
_diffrn_radiation.pdbx_analyzer                    ? 
_diffrn_radiation.pdbx_scattering_type             x-ray 
# 
_diffrn_radiation_wavelength.id           1 
_diffrn_radiation_wavelength.wavelength   1.000040 
_diffrn_radiation_wavelength.wt           1.0 
# 
_diffrn_source.current                     ? 
_diffrn_source.details                     ? 
_diffrn_source.diffrn_id                   1 
_diffrn_source.power                       ? 
_diffrn_source.size                        ? 
_diffrn_source.source                      SYNCHROTRON 
_diffrn_source.target                      ? 
_diffrn_source.type                        'ALS BEAMLINE 8.2.1' 
_diffrn_source.voltage                     ? 
_diffrn_source.take-off_angle              ? 
_diffrn_source.pdbx_wavelength_list        1.000040 
_diffrn_source.pdbx_wavelength             ? 
_diffrn_source.pdbx_synchrotron_beamline   8.2.1 
_diffrn_source.pdbx_synchrotron_site       ALS 
# 
_reflns.B_iso_Wilson_estimate                          35.83 
_reflns.entry_id                                       8FW7 
_reflns.data_reduction_details                         ? 
_reflns.data_reduction_method                          ? 
_reflns.d_resolution_high                              2.0 
_reflns.d_resolution_low                               27.79 
_reflns.details                                        ? 
_reflns.limit_h_max                                    ? 
_reflns.limit_h_min                                    ? 
_reflns.limit_k_max                                    ? 
_reflns.limit_k_min                                    ? 
_reflns.limit_l_max                                    ? 
_reflns.limit_l_min                                    ? 
_reflns.number_all                                     ? 
_reflns.number_obs                                     13147 
_reflns.observed_criterion                             ? 
_reflns.observed_criterion_F_max                       ? 
_reflns.observed_criterion_F_min                       ? 
_reflns.observed_criterion_I_max                       ? 
_reflns.observed_criterion_I_min                       ? 
_reflns.observed_criterion_sigma_F                     ? 
_reflns.observed_criterion_sigma_I                     ? 
_reflns.percent_possible_obs                           98.37 
_reflns.R_free_details                                 ? 
_reflns.Rmerge_F_all                                   ? 
_reflns.Rmerge_F_obs                                   ? 
_reflns.Friedel_coverage                               ? 
_reflns.number_gt                                      ? 
_reflns.threshold_expression                           ? 
_reflns.pdbx_redundancy                                7.1 
_reflns.pdbx_netI_over_av_sigmaI                       ? 
_reflns.pdbx_netI_over_sigmaI                          16.49 
_reflns.pdbx_res_netI_over_av_sigmaI_2                 ? 
_reflns.pdbx_res_netI_over_sigmaI_2                    ? 
_reflns.pdbx_chi_squared                               ? 
_reflns.pdbx_scaling_rejects                           ? 
_reflns.pdbx_d_res_high_opt                            ? 
_reflns.pdbx_d_res_low_opt                             ? 
_reflns.pdbx_d_res_opt_method                          ? 
_reflns.phase_calculation_details                      ? 
_reflns.pdbx_Rrim_I_all                                0.06554 
_reflns.pdbx_Rpim_I_all                                0.0249 
_reflns.pdbx_d_opt                                     ? 
_reflns.pdbx_number_measured_all                       ? 
_reflns.pdbx_diffrn_id                                 1 
_reflns.pdbx_ordinal                                   1 
_reflns.pdbx_CC_half                                   0.999 
_reflns.pdbx_CC_star                                   1 
_reflns.pdbx_R_split                                   ? 
_reflns.pdbx_Rmerge_I_obs                              0.06045 
_reflns.pdbx_Rmerge_I_all                              ? 
_reflns.pdbx_Rsym_value                                ? 
_reflns.pdbx_CC_split_method                           ? 
_reflns.pdbx_aniso_diffraction_limit_axis_1_ortho[1]   ? 
_reflns.pdbx_aniso_diffraction_limit_axis_1_ortho[2]   ? 
_reflns.pdbx_aniso_diffraction_limit_axis_1_ortho[3]   ? 
_reflns.pdbx_aniso_diffraction_limit_axis_2_ortho[1]   ? 
_reflns.pdbx_aniso_diffraction_limit_axis_2_ortho[2]   ? 
_reflns.pdbx_aniso_diffraction_limit_axis_2_ortho[3]   ? 
_reflns.pdbx_aniso_diffraction_limit_axis_3_ortho[1]   ? 
_reflns.pdbx_aniso_diffraction_limit_axis_3_ortho[2]   ? 
_reflns.pdbx_aniso_diffraction_limit_axis_3_ortho[3]   ? 
_reflns.pdbx_aniso_diffraction_limit_1                 ? 
_reflns.pdbx_aniso_diffraction_limit_2                 ? 
_reflns.pdbx_aniso_diffraction_limit_3                 ? 
_reflns.pdbx_aniso_B_tensor_eigenvector_1_ortho[1]     ? 
_reflns.pdbx_aniso_B_tensor_eigenvector_1_ortho[2]     ? 
_reflns.pdbx_aniso_B_tensor_eigenvector_1_ortho[3]     ? 
_reflns.pdbx_aniso_B_tensor_eigenvector_2_ortho[1]     ? 
_reflns.pdbx_aniso_B_tensor_eigenvector_2_ortho[2]     ? 
_reflns.pdbx_aniso_B_tensor_eigenvector_2_ortho[3]     ? 
_reflns.pdbx_aniso_B_tensor_eigenvector_3_ortho[1]     ? 
_reflns.pdbx_aniso_B_tensor_eigenvector_3_ortho[2]     ? 
_reflns.pdbx_aniso_B_tensor_eigenvector_3_ortho[3]     ? 
_reflns.pdbx_aniso_B_tensor_eigenvalue_1               ? 
_reflns.pdbx_aniso_B_tensor_eigenvalue_2               ? 
_reflns.pdbx_aniso_B_tensor_eigenvalue_3               ? 
_reflns.pdbx_orthogonalization_convention              ? 
_reflns.pdbx_percent_possible_ellipsoidal              ? 
_reflns.pdbx_percent_possible_spherical                ? 
_reflns.pdbx_percent_possible_ellipsoidal_anomalous    ? 
_reflns.pdbx_percent_possible_spherical_anomalous      ? 
_reflns.pdbx_redundancy_anomalous                      ? 
_reflns.pdbx_CC_half_anomalous                         ? 
_reflns.pdbx_absDiff_over_sigma_anomalous              ? 
_reflns.pdbx_percent_possible_anomalous                ? 
_reflns.pdbx_observed_signal_threshold                 ? 
_reflns.pdbx_signal_type                               ? 
_reflns.pdbx_signal_details                            ? 
_reflns.pdbx_signal_software_id                        ? 
# 
_reflns_shell.d_res_high                                    2.0 
_reflns_shell.d_res_low                                     2.072 
_reflns_shell.meanI_over_sigI_all                           ? 
_reflns_shell.meanI_over_sigI_obs                           3.86 
_reflns_shell.number_measured_all                           ? 
_reflns_shell.number_measured_obs                           ? 
_reflns_shell.number_possible                               ? 
_reflns_shell.number_unique_all                             ? 
_reflns_shell.number_unique_obs                             1302 
_reflns_shell.percent_possible_obs                          ? 
_reflns_shell.Rmerge_F_all                                  ? 
_reflns_shell.Rmerge_F_obs                                  ? 
_reflns_shell.meanI_over_sigI_gt                            ? 
_reflns_shell.meanI_over_uI_all                             ? 
_reflns_shell.meanI_over_uI_gt                              ? 
_reflns_shell.number_measured_gt                            ? 
_reflns_shell.number_unique_gt                              ? 
_reflns_shell.percent_possible_gt                           ? 
_reflns_shell.Rmerge_F_gt                                   ? 
_reflns_shell.Rmerge_I_gt                                   ? 
_reflns_shell.pdbx_redundancy                               7.4 
_reflns_shell.pdbx_chi_squared                              ? 
_reflns_shell.pdbx_netI_over_sigmaI_all                     ? 
_reflns_shell.pdbx_netI_over_sigmaI_obs                     ? 
_reflns_shell.pdbx_Rrim_I_all                               0.6299 
_reflns_shell.pdbx_Rpim_I_all                               0.2299 
_reflns_shell.pdbx_rejects                                  ? 
_reflns_shell.pdbx_ordinal                                  1 
_reflns_shell.pdbx_diffrn_id                                1 
_reflns_shell.pdbx_CC_half                                  0.908 
_reflns_shell.pdbx_CC_star                                  0.976 
_reflns_shell.pdbx_R_split                                  ? 
_reflns_shell.percent_possible_all                          97.89 
_reflns_shell.Rmerge_I_all                                  ? 
_reflns_shell.Rmerge_I_obs                                  0.5857 
_reflns_shell.pdbx_Rsym_value                               ? 
_reflns_shell.pdbx_percent_possible_ellipsoidal             ? 
_reflns_shell.pdbx_percent_possible_spherical               ? 
_reflns_shell.pdbx_percent_possible_ellipsoidal_anomalous   ? 
_reflns_shell.pdbx_percent_possible_spherical_anomalous     ? 
_reflns_shell.pdbx_redundancy_anomalous                     ? 
_reflns_shell.pdbx_CC_half_anomalous                        ? 
_reflns_shell.pdbx_absDiff_over_sigma_anomalous             ? 
_reflns_shell.pdbx_percent_possible_anomalous               ? 
# 
_refine.aniso_B[1][1]                            ? 
_refine.aniso_B[1][2]                            ? 
_refine.aniso_B[1][3]                            ? 
_refine.aniso_B[2][2]                            ? 
_refine.aniso_B[2][3]                            ? 
_refine.aniso_B[3][3]                            ? 
_refine.B_iso_max                                ? 
_refine.B_iso_mean                               44.74 
_refine.B_iso_min                                ? 
_refine.correlation_coeff_Fo_to_Fc               ? 
_refine.correlation_coeff_Fo_to_Fc_free          ? 
_refine.details                                  ? 
_refine.diff_density_max                         ? 
_refine.diff_density_max_esd                     ? 
_refine.diff_density_min                         ? 
_refine.diff_density_min_esd                     ? 
_refine.diff_density_rms                         ? 
_refine.diff_density_rms_esd                     ? 
_refine.entry_id                                 8FW7 
_refine.pdbx_refine_id                           'X-RAY DIFFRACTION' 
_refine.ls_abs_structure_details                 ? 
_refine.ls_abs_structure_Flack                   ? 
_refine.ls_abs_structure_Flack_esd               ? 
_refine.ls_abs_structure_Rogers                  ? 
_refine.ls_abs_structure_Rogers_esd              ? 
_refine.ls_d_res_high                            2.00 
_refine.ls_d_res_low                             27.79 
_refine.ls_extinction_coef                       ? 
_refine.ls_extinction_coef_esd                   ? 
_refine.ls_extinction_expression                 ? 
_refine.ls_extinction_method                     ? 
_refine.ls_goodness_of_fit_all                   ? 
_refine.ls_goodness_of_fit_all_esd               ? 
_refine.ls_goodness_of_fit_obs                   ? 
_refine.ls_goodness_of_fit_obs_esd               ? 
_refine.ls_hydrogen_treatment                    ? 
_refine.ls_matrix_type                           ? 
_refine.ls_number_constraints                    ? 
_refine.ls_number_parameters                     ? 
_refine.ls_number_reflns_all                     ? 
_refine.ls_number_reflns_obs                     13136 
_refine.ls_number_reflns_R_free                  1317 
_refine.ls_number_reflns_R_work                  11819 
_refine.ls_number_restraints                     ? 
_refine.ls_percent_reflns_obs                    98.43 
_refine.ls_percent_reflns_R_free                 10.03 
_refine.ls_R_factor_all                          ? 
_refine.ls_R_factor_obs                          0.2249 
_refine.ls_R_factor_R_free                       0.2539 
_refine.ls_R_factor_R_free_error                 ? 
_refine.ls_R_factor_R_free_error_details         ? 
_refine.ls_R_factor_R_work                       0.2217 
_refine.ls_R_Fsqd_factor_obs                     ? 
_refine.ls_R_I_factor_obs                        ? 
_refine.ls_redundancy_reflns_all                 ? 
_refine.ls_redundancy_reflns_obs                 ? 
_refine.ls_restrained_S_all                      ? 
_refine.ls_restrained_S_obs                      ? 
_refine.ls_shift_over_esd_max                    ? 
_refine.ls_shift_over_esd_mean                   ? 
_refine.ls_structure_factor_coef                 ? 
_refine.ls_weighting_details                     ? 
_refine.ls_weighting_scheme                      ? 
_refine.ls_wR_factor_all                         ? 
_refine.ls_wR_factor_obs                         ? 
_refine.ls_wR_factor_R_free                      ? 
_refine.ls_wR_factor_R_work                      ? 
_refine.occupancy_max                            ? 
_refine.occupancy_min                            ? 
_refine.solvent_model_details                    'FLAT BULK SOLVENT MODEL' 
_refine.solvent_model_param_bsol                 ? 
_refine.solvent_model_param_ksol                 ? 
_refine.pdbx_R_complete                          ? 
_refine.ls_R_factor_gt                           ? 
_refine.ls_goodness_of_fit_gt                    ? 
_refine.ls_goodness_of_fit_ref                   ? 
_refine.ls_shift_over_su_max                     ? 
_refine.ls_shift_over_su_max_lt                  ? 
_refine.ls_shift_over_su_mean                    ? 
_refine.ls_shift_over_su_mean_lt                 ? 
_refine.pdbx_ls_sigma_I                          ? 
_refine.pdbx_ls_sigma_F                          1.34 
_refine.pdbx_ls_sigma_Fsqd                       ? 
_refine.pdbx_data_cutoff_high_absF               ? 
_refine.pdbx_data_cutoff_high_rms_absF           ? 
_refine.pdbx_data_cutoff_low_absF                ? 
_refine.pdbx_isotropic_thermal_model             ? 
_refine.pdbx_ls_cross_valid_method               'FREE R-VALUE' 
_refine.pdbx_method_to_determine_struct          'MOLECULAR REPLACEMENT' 
_refine.pdbx_starting_model                      ? 
_refine.pdbx_stereochemistry_target_values       'GeoStd + Monomer Library + CDL v1.2' 
_refine.pdbx_R_Free_selection_details            ? 
_refine.pdbx_stereochem_target_val_spec_case     ? 
_refine.pdbx_overall_ESU_R                       ? 
_refine.pdbx_overall_ESU_R_Free                  ? 
_refine.pdbx_solvent_vdw_probe_radii             1.1000 
_refine.pdbx_solvent_ion_probe_radii             ? 
_refine.pdbx_solvent_shrinkage_radii             0.9000 
_refine.pdbx_real_space_R                        ? 
_refine.pdbx_density_correlation                 ? 
_refine.pdbx_pd_number_of_powder_patterns        ? 
_refine.pdbx_pd_number_of_points                 ? 
_refine.pdbx_pd_meas_number_of_points            ? 
_refine.pdbx_pd_proc_ls_prof_R_factor            ? 
_refine.pdbx_pd_proc_ls_prof_wR_factor           ? 
_refine.pdbx_pd_Marquardt_correlation_coeff      ? 
_refine.pdbx_pd_Fsqrd_R_factor                   ? 
_refine.pdbx_pd_ls_matrix_band_width             ? 
_refine.pdbx_overall_phase_error                 25.6993 
_refine.pdbx_overall_SU_R_free_Cruickshank_DPI   ? 
_refine.pdbx_overall_SU_R_free_Blow_DPI          ? 
_refine.pdbx_overall_SU_R_Blow_DPI               ? 
_refine.pdbx_TLS_residual_ADP_flag               ? 
_refine.pdbx_diffrn_id                           1 
_refine.overall_SU_B                             ? 
_refine.overall_SU_ML                            0.2063 
_refine.overall_SU_R_Cruickshank_DPI             ? 
_refine.overall_SU_R_free                        ? 
_refine.overall_FOM_free_R_set                   ? 
_refine.overall_FOM_work_R_set                   ? 
_refine.pdbx_average_fsc_overall                 ? 
_refine.pdbx_average_fsc_work                    ? 
_refine.pdbx_average_fsc_free                    ? 
# 
_refine_hist.pdbx_refine_id                   'X-RAY DIFFRACTION' 
_refine_hist.cycle_id                         LAST 
_refine_hist.details                          ? 
_refine_hist.d_res_high                       2.00 
_refine_hist.d_res_low                        27.79 
_refine_hist.number_atoms_solvent             52 
_refine_hist.number_atoms_total               1103 
_refine_hist.number_reflns_all                ? 
_refine_hist.number_reflns_obs                ? 
_refine_hist.number_reflns_R_free             ? 
_refine_hist.number_reflns_R_work             ? 
_refine_hist.R_factor_all                     ? 
_refine_hist.R_factor_obs                     ? 
_refine_hist.R_factor_R_free                  ? 
_refine_hist.R_factor_R_work                  ? 
_refine_hist.pdbx_number_residues_total       ? 
_refine_hist.pdbx_B_iso_mean_ligand           ? 
_refine_hist.pdbx_B_iso_mean_solvent          ? 
_refine_hist.pdbx_number_atoms_protein        952 
_refine_hist.pdbx_number_atoms_nucleic_acid   99 
_refine_hist.pdbx_number_atoms_ligand         0 
_refine_hist.pdbx_number_atoms_lipid          ? 
_refine_hist.pdbx_number_atoms_carb           ? 
_refine_hist.pdbx_pseudo_atom_details         ? 
# 
loop_
_refine_ls_restr.pdbx_refine_id 
_refine_ls_restr.criterion 
_refine_ls_restr.dev_ideal 
_refine_ls_restr.dev_ideal_target 
_refine_ls_restr.number 
_refine_ls_restr.rejects 
_refine_ls_restr.type 
_refine_ls_restr.weight 
_refine_ls_restr.pdbx_restraint_function 
'X-RAY DIFFRACTION' ? 0.0076  ? 1061 ? f_bond_d           ? ? 
'X-RAY DIFFRACTION' ? 0.9192  ? 1434 ? f_angle_d          ? ? 
'X-RAY DIFFRACTION' ? 0.0867  ? 184  ? f_chiral_restr     ? ? 
'X-RAY DIFFRACTION' ? 0.0050  ? 159  ? f_plane_restr      ? ? 
'X-RAY DIFFRACTION' ? 17.8815 ? 170  ? f_dihedral_angle_d ? ? 
# 
loop_
_refine_ls_shell.pdbx_refine_id 
_refine_ls_shell.d_res_high 
_refine_ls_shell.d_res_low 
_refine_ls_shell.number_reflns_all 
_refine_ls_shell.number_reflns_obs 
_refine_ls_shell.number_reflns_R_free 
_refine_ls_shell.number_reflns_R_work 
_refine_ls_shell.percent_reflns_obs 
_refine_ls_shell.percent_reflns_R_free 
_refine_ls_shell.R_factor_all 
_refine_ls_shell.R_factor_obs 
_refine_ls_shell.R_factor_R_free_error 
_refine_ls_shell.R_factor_R_work 
_refine_ls_shell.redundancy_reflns_all 
_refine_ls_shell.redundancy_reflns_obs 
_refine_ls_shell.wR_factor_all 
_refine_ls_shell.wR_factor_obs 
_refine_ls_shell.wR_factor_R_free 
_refine_ls_shell.wR_factor_R_work 
_refine_ls_shell.pdbx_R_complete 
_refine_ls_shell.pdbx_total_number_of_bins_used 
_refine_ls_shell.pdbx_phase_error 
_refine_ls_shell.pdbx_fsc_work 
_refine_ls_shell.pdbx_fsc_free 
_refine_ls_shell.R_factor_R_free 
'X-RAY DIFFRACTION' 2.00 2.08  . . 153 1292 98.10 . . . . 0.2302 . . . . . . . . . . . 0.2626 
'X-RAY DIFFRACTION' 2.08 2.17  . . 129 1308 99.93 . . . . 0.2378 . . . . . . . . . . . 0.2942 
'X-RAY DIFFRACTION' 2.17 2.29  . . 146 1293 98.63 . . . . 0.2291 . . . . . . . . . . . 0.2923 
'X-RAY DIFFRACTION' 2.29 2.43  . . 144 1299 99.04 . . . . 0.2421 . . . . . . . . . . . 0.2838 
'X-RAY DIFFRACTION' 2.43 2.62  . . 148 1302 99.38 . . . . 0.2490 . . . . . . . . . . . 0.2949 
'X-RAY DIFFRACTION' 2.62 2.88  . . 146 1332 99.53 . . . . 0.2450 . . . . . . . . . . . 0.2635 
'X-RAY DIFFRACTION' 2.88 3.30  . . 148 1319 98.92 . . . . 0.2473 . . . . . . . . . . . 0.2745 
'X-RAY DIFFRACTION' 3.30 4.15  . . 149 1328 98.01 . . . . 0.2135 . . . . . . . . . . . 0.2568 
'X-RAY DIFFRACTION' 4.16 27.79 . . 154 1346 94.76 . . . . 0.1988 . . . . . . . . . . . 0.2198 
# 
_struct.entry_id                     8FW7 
_struct.title                        'Histone from Bdellovibrio bacteriovorus bound to dsDNA' 
_struct.pdbx_model_details           ? 
_struct.pdbx_formula_weight          ? 
_struct.pdbx_formula_weight_method   ? 
_struct.pdbx_model_type_details      ? 
_struct.pdbx_CASP_flag               N 
# 
_struct_keywords.entry_id        8FW7 
_struct_keywords.text            'Histone, nucleosome, scaffold, DNA BINDING PROTEIN, DNA BINDING PROTEIN-DNA complex' 
_struct_keywords.pdbx_keywords   'DNA BINDING PROTEIN/DNA' 
# 
loop_
_struct_asym.id 
_struct_asym.pdbx_blank_PDB_chainid_flag 
_struct_asym.pdbx_modified 
_struct_asym.entity_id 
_struct_asym.details 
A N N 1 ? 
B N N 2 ? 
C N N 2 ? 
D N N 3 ? 
E N N 4 ? 
F N N 4 ? 
G N N 4 ? 
H N N 4 ? 
# 
loop_
_struct_ref.id 
_struct_ref.db_name 
_struct_ref.db_code 
_struct_ref.pdbx_db_accession 
_struct_ref.pdbx_db_isoform 
_struct_ref.entity_id 
_struct_ref.pdbx_seq_one_letter_code 
_struct_ref.pdbx_align_begin 
1 PDB 8FW7         8FW7   ? 1 ?                                                                1 
2 UNP Q6MRM1_BDEBA Q6MRM1 ? 2 MAEVLVVTSKVKKLIKEKGQMNTSAETIDVLSKAIEQLCLKGVESAKADGRKTVMARDIVIDHL 1 
3 PDB 8FW7         8FW7   ? 3 ?                                                                1 
# 
loop_
_struct_ref_seq.align_id 
_struct_ref_seq.ref_id 
_struct_ref_seq.pdbx_PDB_id_code 
_struct_ref_seq.pdbx_strand_id 
_struct_ref_seq.seq_align_beg 
_struct_ref_seq.pdbx_seq_align_beg_ins_code 
_struct_ref_seq.seq_align_end 
_struct_ref_seq.pdbx_seq_align_end_ins_code 
_struct_ref_seq.pdbx_db_accession 
_struct_ref_seq.db_align_beg 
_struct_ref_seq.pdbx_db_align_beg_ins_code 
_struct_ref_seq.db_align_end 
_struct_ref_seq.pdbx_db_align_end_ins_code 
_struct_ref_seq.pdbx_auth_seq_align_beg 
_struct_ref_seq.pdbx_auth_seq_align_end 
1 1 8FW7 A 1 ? 3  ? 8FW7   4 ? 6  ? 4 6  
2 2 8FW7 D 1 ? 64 ? Q6MRM1 1 ? 64 ? 1 64 
3 2 8FW7 H 1 ? 64 ? Q6MRM1 1 ? 64 ? 1 64 
4 3 8FW7 B 1 ? 2  ? 8FW7   2 ? 3  ? 2 3  
# 
_pdbx_struct_assembly.id                   1 
_pdbx_struct_assembly.details              author_defined_assembly 
_pdbx_struct_assembly.method_details       ? 
_pdbx_struct_assembly.oligomeric_details   hexadecameric 
_pdbx_struct_assembly.oligomeric_count     16 
# 
loop_
_pdbx_struct_assembly_gen.assembly_id 
_pdbx_struct_assembly_gen.oper_expression 
_pdbx_struct_assembly_gen.asym_id_list 
1 1 A,B,C,D,E,F,G,H 
1 2 A,B,C,D,E,F,G,H 
1 3 A,B,C,D,E,F,G,H 
1 4 A,B,C,D,E,F,G,H 
# 
_pdbx_struct_assembly_auth_evidence.id                     1 
_pdbx_struct_assembly_auth_evidence.assembly_id            1 
_pdbx_struct_assembly_auth_evidence.experimental_support   'native gel electrophoresis' 
_pdbx_struct_assembly_auth_evidence.details                ? 
# 
loop_
_pdbx_struct_oper_list.id 
_pdbx_struct_oper_list.type 
_pdbx_struct_oper_list.name 
_pdbx_struct_oper_list.symmetry_operation 
_pdbx_struct_oper_list.matrix[1][1] 
_pdbx_struct_oper_list.matrix[1][2] 
_pdbx_struct_oper_list.matrix[1][3] 
_pdbx_struct_oper_list.vector[1] 
_pdbx_struct_oper_list.matrix[2][1] 
_pdbx_struct_oper_list.matrix[2][2] 
_pdbx_struct_oper_list.matrix[2][3] 
_pdbx_struct_oper_list.vector[2] 
_pdbx_struct_oper_list.matrix[3][1] 
_pdbx_struct_oper_list.matrix[3][2] 
_pdbx_struct_oper_list.matrix[3][3] 
_pdbx_struct_oper_list.vector[3] 
1 'identity operation'         1_555 x,y,z           1.0000000000  0.0000000000  0.0000000000  0.0000000000  0.0000000000  1.0000000000  0.0000000000  0.0000000000   0.0000000000  0.0000000000  1.0000000000  0.0000000000   
2 'crystal symmetry operation' 4_445 x-1/2,-y-1/2,-z -0.9219391103 -0.2667554584 0.2808376798  48.7033605967 -0.2667554584 -0.0884234756 -0.9596993354 14.8559238197  0.2808376798  -0.9596993354 0.0103625859  -22.6979954709 
3 'crystal symmetry operation' 6_545 -x,-y-1/2,z     0.5210339512  0.7886813790  0.3263515039  11.7344983045 0.7886813790  -0.5910555994 0.1692186778  -13.0717660091 0.3263515039  0.1692186778  -0.9299783519 -23.1012015854 
4 'crystal symmetry operation' 7_555 -x+1/2,y,-z     -0.5990948410 -0.5219259206 -0.6071891838 41.4196682404 -0.5219259206 -0.3205209250 0.7904806576  12.7180658462  -0.6071891838 0.7904806576  -0.0803842340 16.4157575979 
# 
loop_
_struct_conf.conf_type_id 
_struct_conf.id 
_struct_conf.pdbx_PDB_helix_id 
_struct_conf.beg_label_comp_id 
_struct_conf.beg_label_asym_id 
_struct_conf.beg_label_seq_id 
_struct_conf.pdbx_beg_PDB_ins_code 
_struct_conf.end_label_comp_id 
_struct_conf.end_label_asym_id 
_struct_conf.end_label_seq_id 
_struct_conf.pdbx_end_PDB_ins_code 
_struct_conf.beg_auth_comp_id 
_struct_conf.beg_auth_asym_id 
_struct_conf.beg_auth_seq_id 
_struct_conf.end_auth_comp_id 
_struct_conf.end_auth_asym_id 
_struct_conf.end_auth_seq_id 
_struct_conf.pdbx_PDB_helix_class 
_struct_conf.details 
_struct_conf.pdbx_PDB_helix_length 
HELX_P HELX_P1 AA1 VAL B 7  ? GLN B 20 ? VAL D 7  GLN D 20 1 ? 14 
HELX_P HELX_P2 AA2 SER B 24 ? ASP B 49 ? SER D 24 ASP D 49 1 ? 26 
HELX_P HELX_P3 AA3 MET B 55 ? ILE B 59 ? MET D 55 ILE D 59 5 ? 5  
HELX_P HELX_P4 AA4 VAL C 7  ? GLN C 20 ? VAL H 7  GLN H 20 1 ? 14 
HELX_P HELX_P5 AA5 SER C 24 ? ALA C 48 ? SER H 24 ALA H 48 1 ? 25 
HELX_P HELX_P6 AA6 MET C 55 ? ILE C 59 ? MET H 55 ILE H 59 5 ? 5  
# 
_struct_conf_type.id          HELX_P 
_struct_conf_type.criteria    ? 
_struct_conf_type.reference   ? 
# 
loop_
_struct_sheet.id 
_struct_sheet.type 
_struct_sheet.number_strands 
_struct_sheet.details 
AA1 ? 2 ? 
AA2 ? 2 ? 
# 
loop_
_struct_sheet_order.sheet_id 
_struct_sheet_order.range_id_1 
_struct_sheet_order.range_id_2 
_struct_sheet_order.offset 
_struct_sheet_order.sense 
AA1 1 2 ? parallel 
AA2 1 2 ? parallel 
# 
loop_
_struct_sheet_range.sheet_id 
_struct_sheet_range.id 
_struct_sheet_range.beg_label_comp_id 
_struct_sheet_range.beg_label_asym_id 
_struct_sheet_range.beg_label_seq_id 
_struct_sheet_range.pdbx_beg_PDB_ins_code 
_struct_sheet_range.end_label_comp_id 
_struct_sheet_range.end_label_asym_id 
_struct_sheet_range.end_label_seq_id 
_struct_sheet_range.pdbx_end_PDB_ins_code 
_struct_sheet_range.beg_auth_comp_id 
_struct_sheet_range.beg_auth_asym_id 
_struct_sheet_range.beg_auth_seq_id 
_struct_sheet_range.end_auth_comp_id 
_struct_sheet_range.end_auth_asym_id 
_struct_sheet_range.end_auth_seq_id 
AA1 1 ASN B 22 ? THR B 23 ? ASN D 22 THR D 23 
AA1 2 THR C 53 ? VAL C 54 ? THR H 53 VAL H 54 
AA2 1 THR B 53 ? VAL B 54 ? THR D 53 VAL D 54 
AA2 2 ASN C 22 ? THR C 23 ? ASN H 22 THR H 23 
# 
loop_
_pdbx_struct_sheet_hbond.sheet_id 
_pdbx_struct_sheet_hbond.range_id_1 
_pdbx_struct_sheet_hbond.range_id_2 
_pdbx_struct_sheet_hbond.range_1_label_atom_id 
_pdbx_struct_sheet_hbond.range_1_label_comp_id 
_pdbx_struct_sheet_hbond.range_1_label_asym_id 
_pdbx_struct_sheet_hbond.range_1_label_seq_id 
_pdbx_struct_sheet_hbond.range_1_PDB_ins_code 
_pdbx_struct_sheet_hbond.range_1_auth_atom_id 
_pdbx_struct_sheet_hbond.range_1_auth_comp_id 
_pdbx_struct_sheet_hbond.range_1_auth_asym_id 
_pdbx_struct_sheet_hbond.range_1_auth_seq_id 
_pdbx_struct_sheet_hbond.range_2_label_atom_id 
_pdbx_struct_sheet_hbond.range_2_label_comp_id 
_pdbx_struct_sheet_hbond.range_2_label_asym_id 
_pdbx_struct_sheet_hbond.range_2_label_seq_id 
_pdbx_struct_sheet_hbond.range_2_PDB_ins_code 
_pdbx_struct_sheet_hbond.range_2_auth_atom_id 
_pdbx_struct_sheet_hbond.range_2_auth_comp_id 
_pdbx_struct_sheet_hbond.range_2_auth_asym_id 
_pdbx_struct_sheet_hbond.range_2_auth_seq_id 
AA1 1 2 N ASN B 22 ? N ASN D 22 O VAL C 54 ? O VAL H 54 
AA2 1 2 N VAL B 54 ? N VAL D 54 O ASN C 22 ? O ASN H 22 
# 
loop_
_pdbx_validate_torsion.id 
_pdbx_validate_torsion.PDB_model_num 
_pdbx_validate_torsion.auth_comp_id 
_pdbx_validate_torsion.auth_asym_id 
_pdbx_validate_torsion.auth_seq_id 
_pdbx_validate_torsion.PDB_ins_code 
_pdbx_validate_torsion.label_alt_id 
_pdbx_validate_torsion.phi 
_pdbx_validate_torsion.psi 
1 1 GLU D 3 ? ? 70.64 111.31 
2 1 GLU H 3 ? ? 73.35 104.65 
# 
_pdbx_struct_special_symmetry.id              1 
_pdbx_struct_special_symmetry.PDB_model_num   1 
_pdbx_struct_special_symmetry.auth_asym_id    A 
_pdbx_struct_special_symmetry.auth_comp_id    HOH 
_pdbx_struct_special_symmetry.auth_seq_id     101 
_pdbx_struct_special_symmetry.PDB_ins_code    ? 
_pdbx_struct_special_symmetry.label_asym_id   E 
_pdbx_struct_special_symmetry.label_comp_id   HOH 
_pdbx_struct_special_symmetry.label_seq_id    . 
# 
loop_
_space_group_symop.id 
_space_group_symop.operation_xyz 
1 x,y,z             
2 x,-y,-z+1/2       
3 -x+1/2,y,-z       
4 -x,-y+1/2,z       
5 x+1/2,y+1/2,z+1/2 
6 x+1/2,-y+1/2,-z+1 
7 -x+1,y+1/2,-z+1/2 
8 -x+1/2,-y+1,z+1/2 
# 
_pdbx_entry_details.compound_details         ? 
_pdbx_entry_details.entry_id                 8FW7 
_pdbx_entry_details.has_ligand_of_interest   ? 
_pdbx_entry_details.nonpolymer_details       ? 
_pdbx_entry_details.sequence_details         
;The authors state that the complex was crystallized with 35 bp of dsDNA (TCTTGCACTAAGAGCTACTGGAGTGCGTCAGATGT).  The continuous helix can be built using crystallographic symmetry of 5 ambiguous bases.
;
_pdbx_entry_details.source_details           ? 
# 
loop_
_pdbx_unobs_or_zero_occ_residues.id 
_pdbx_unobs_or_zero_occ_residues.PDB_model_num 
_pdbx_unobs_or_zero_occ_residues.polymer_flag 
_pdbx_unobs_or_zero_occ_residues.occupancy_flag 
_pdbx_unobs_or_zero_occ_residues.auth_asym_id 
_pdbx_unobs_or_zero_occ_residues.auth_comp_id 
_pdbx_unobs_or_zero_occ_residues.auth_seq_id 
_pdbx_unobs_or_zero_occ_residues.PDB_ins_code 
_pdbx_unobs_or_zero_occ_residues.label_asym_id 
_pdbx_unobs_or_zero_occ_residues.label_comp_id 
_pdbx_unobs_or_zero_occ_residues.label_seq_id 
1 1 Y 1 D MET 1 ? B MET 1 
2 1 Y 1 H MET 1 ? C MET 1 
# 
loop_
_chem_comp_atom.comp_id 
_chem_comp_atom.atom_id 
_chem_comp_atom.type_symbol 
_chem_comp_atom.pdbx_aromatic_flag 
_chem_comp_atom.pdbx_stereo_config 
_chem_comp_atom.pdbx_ordinal 
ALA N      N N N 1   
ALA CA     C N S 2   
ALA C      C N N 3   
ALA O      O N N 4   
ALA CB     C N N 5   
ALA OXT    O N N 6   
ALA H      H N N 7   
ALA H2     H N N 8   
ALA HA     H N N 9   
ALA HB1    H N N 10  
ALA HB2    H N N 11  
ALA HB3    H N N 12  
ALA HXT    H N N 13  
ARG N      N N N 14  
ARG CA     C N S 15  
ARG C      C N N 16  
ARG O      O N N 17  
ARG CB     C N N 18  
ARG CG     C N N 19  
ARG CD     C N N 20  
ARG NE     N N N 21  
ARG CZ     C N N 22  
ARG NH1    N N N 23  
ARG NH2    N N N 24  
ARG OXT    O N N 25  
ARG H      H N N 26  
ARG H2     H N N 27  
ARG HA     H N N 28  
ARG HB2    H N N 29  
ARG HB3    H N N 30  
ARG HG2    H N N 31  
ARG HG3    H N N 32  
ARG HD2    H N N 33  
ARG HD3    H N N 34  
ARG HE     H N N 35  
ARG HH11   H N N 36  
ARG HH12   H N N 37  
ARG HH21   H N N 38  
ARG HH22   H N N 39  
ARG HXT    H N N 40  
ASN N      N N N 41  
ASN CA     C N S 42  
ASN C      C N N 43  
ASN O      O N N 44  
ASN CB     C N N 45  
ASN CG     C N N 46  
ASN OD1    O N N 47  
ASN ND2    N N N 48  
ASN OXT    O N N 49  
ASN H      H N N 50  
ASN H2     H N N 51  
ASN HA     H N N 52  
ASN HB2    H N N 53  
ASN HB3    H N N 54  
ASN HD21   H N N 55  
ASN HD22   H N N 56  
ASN HXT    H N N 57  
ASP N      N N N 58  
ASP CA     C N S 59  
ASP C      C N N 60  
ASP O      O N N 61  
ASP CB     C N N 62  
ASP CG     C N N 63  
ASP OD1    O N N 64  
ASP OD2    O N N 65  
ASP OXT    O N N 66  
ASP H      H N N 67  
ASP H2     H N N 68  
ASP HA     H N N 69  
ASP HB2    H N N 70  
ASP HB3    H N N 71  
ASP HD2    H N N 72  
ASP HXT    H N N 73  
CYS N      N N N 74  
CYS CA     C N R 75  
CYS C      C N N 76  
CYS O      O N N 77  
CYS CB     C N N 78  
CYS SG     S N N 79  
CYS OXT    O N N 80  
CYS H      H N N 81  
CYS H2     H N N 82  
CYS HA     H N N 83  
CYS HB2    H N N 84  
CYS HB3    H N N 85  
CYS HG     H N N 86  
CYS HXT    H N N 87  
DA  OP3    O N N 88  
DA  P      P N N 89  
DA  OP1    O N N 90  
DA  OP2    O N N 91  
DA  "O5'"  O N N 92  
DA  "C5'"  C N N 93  
DA  "C4'"  C N R 94  
DA  "O4'"  O N N 95  
DA  "C3'"  C N S 96  
DA  "O3'"  O N N 97  
DA  "C2'"  C N N 98  
DA  "C1'"  C N R 99  
DA  N9     N Y N 100 
DA  C8     C Y N 101 
DA  N7     N Y N 102 
DA  C5     C Y N 103 
DA  C6     C Y N 104 
DA  N6     N N N 105 
DA  N1     N Y N 106 
DA  C2     C Y N 107 
DA  N3     N Y N 108 
DA  C4     C Y N 109 
DA  HOP3   H N N 110 
DA  HOP2   H N N 111 
DA  "H5'"  H N N 112 
DA  "H5''" H N N 113 
DA  "H4'"  H N N 114 
DA  "H3'"  H N N 115 
DA  "HO3'" H N N 116 
DA  "H2'"  H N N 117 
DA  "H2''" H N N 118 
DA  "H1'"  H N N 119 
DA  H8     H N N 120 
DA  H61    H N N 121 
DA  H62    H N N 122 
DA  H2     H N N 123 
DC  OP3    O N N 124 
DC  P      P N N 125 
DC  OP1    O N N 126 
DC  OP2    O N N 127 
DC  "O5'"  O N N 128 
DC  "C5'"  C N N 129 
DC  "C4'"  C N R 130 
DC  "O4'"  O N N 131 
DC  "C3'"  C N S 132 
DC  "O3'"  O N N 133 
DC  "C2'"  C N N 134 
DC  "C1'"  C N R 135 
DC  N1     N N N 136 
DC  C2     C N N 137 
DC  O2     O N N 138 
DC  N3     N N N 139 
DC  C4     C N N 140 
DC  N4     N N N 141 
DC  C5     C N N 142 
DC  C6     C N N 143 
DC  HOP3   H N N 144 
DC  HOP2   H N N 145 
DC  "H5'"  H N N 146 
DC  "H5''" H N N 147 
DC  "H4'"  H N N 148 
DC  "H3'"  H N N 149 
DC  "HO3'" H N N 150 
DC  "H2'"  H N N 151 
DC  "H2''" H N N 152 
DC  "H1'"  H N N 153 
DC  H41    H N N 154 
DC  H42    H N N 155 
DC  H5     H N N 156 
DC  H6     H N N 157 
DT  OP3    O N N 158 
DT  P      P N N 159 
DT  OP1    O N N 160 
DT  OP2    O N N 161 
DT  "O5'"  O N N 162 
DT  "C5'"  C N N 163 
DT  "C4'"  C N R 164 
DT  "O4'"  O N N 165 
DT  "C3'"  C N S 166 
DT  "O3'"  O N N 167 
DT  "C2'"  C N N 168 
DT  "C1'"  C N R 169 
DT  N1     N N N 170 
DT  C2     C N N 171 
DT  O2     O N N 172 
DT  N3     N N N 173 
DT  C4     C N N 174 
DT  O4     O N N 175 
DT  C5     C N N 176 
DT  C7     C N N 177 
DT  C6     C N N 178 
DT  HOP3   H N N 179 
DT  HOP2   H N N 180 
DT  "H5'"  H N N 181 
DT  "H5''" H N N 182 
DT  "H4'"  H N N 183 
DT  "H3'"  H N N 184 
DT  "HO3'" H N N 185 
DT  "H2'"  H N N 186 
DT  "H2''" H N N 187 
DT  "H1'"  H N N 188 
DT  H3     H N N 189 
DT  H71    H N N 190 
DT  H72    H N N 191 
DT  H73    H N N 192 
DT  H6     H N N 193 
GLN N      N N N 194 
GLN CA     C N S 195 
GLN C      C N N 196 
GLN O      O N N 197 
GLN CB     C N N 198 
GLN CG     C N N 199 
GLN CD     C N N 200 
GLN OE1    O N N 201 
GLN NE2    N N N 202 
GLN OXT    O N N 203 
GLN H      H N N 204 
GLN H2     H N N 205 
GLN HA     H N N 206 
GLN HB2    H N N 207 
GLN HB3    H N N 208 
GLN HG2    H N N 209 
GLN HG3    H N N 210 
GLN HE21   H N N 211 
GLN HE22   H N N 212 
GLN HXT    H N N 213 
GLU N      N N N 214 
GLU CA     C N S 215 
GLU C      C N N 216 
GLU O      O N N 217 
GLU CB     C N N 218 
GLU CG     C N N 219 
GLU CD     C N N 220 
GLU OE1    O N N 221 
GLU OE2    O N N 222 
GLU OXT    O N N 223 
GLU H      H N N 224 
GLU H2     H N N 225 
GLU HA     H N N 226 
GLU HB2    H N N 227 
GLU HB3    H N N 228 
GLU HG2    H N N 229 
GLU HG3    H N N 230 
GLU HE2    H N N 231 
GLU HXT    H N N 232 
GLY N      N N N 233 
GLY CA     C N N 234 
GLY C      C N N 235 
GLY O      O N N 236 
GLY OXT    O N N 237 
GLY H      H N N 238 
GLY H2     H N N 239 
GLY HA2    H N N 240 
GLY HA3    H N N 241 
GLY HXT    H N N 242 
HIS N      N N N 243 
HIS CA     C N S 244 
HIS C      C N N 245 
HIS O      O N N 246 
HIS CB     C N N 247 
HIS CG     C Y N 248 
HIS ND1    N Y N 249 
HIS CD2    C Y N 250 
HIS CE1    C Y N 251 
HIS NE2    N Y N 252 
HIS OXT    O N N 253 
HIS H      H N N 254 
HIS H2     H N N 255 
HIS HA     H N N 256 
HIS HB2    H N N 257 
HIS HB3    H N N 258 
HIS HD1    H N N 259 
HIS HD2    H N N 260 
HIS HE1    H N N 261 
HIS HE2    H N N 262 
HIS HXT    H N N 263 
HOH O      O N N 264 
HOH H1     H N N 265 
HOH H2     H N N 266 
ILE N      N N N 267 
ILE CA     C N S 268 
ILE C      C N N 269 
ILE O      O N N 270 
ILE CB     C N S 271 
ILE CG1    C N N 272 
ILE CG2    C N N 273 
ILE CD1    C N N 274 
ILE OXT    O N N 275 
ILE H      H N N 276 
ILE H2     H N N 277 
ILE HA     H N N 278 
ILE HB     H N N 279 
ILE HG12   H N N 280 
ILE HG13   H N N 281 
ILE HG21   H N N 282 
ILE HG22   H N N 283 
ILE HG23   H N N 284 
ILE HD11   H N N 285 
ILE HD12   H N N 286 
ILE HD13   H N N 287 
ILE HXT    H N N 288 
LEU N      N N N 289 
LEU CA     C N S 290 
LEU C      C N N 291 
LEU O      O N N 292 
LEU CB     C N N 293 
LEU CG     C N N 294 
LEU CD1    C N N 295 
LEU CD2    C N N 296 
LEU OXT    O N N 297 
LEU H      H N N 298 
LEU H2     H N N 299 
LEU HA     H N N 300 
LEU HB2    H N N 301 
LEU HB3    H N N 302 
LEU HG     H N N 303 
LEU HD11   H N N 304 
LEU HD12   H N N 305 
LEU HD13   H N N 306 
LEU HD21   H N N 307 
LEU HD22   H N N 308 
LEU HD23   H N N 309 
LEU HXT    H N N 310 
LYS N      N N N 311 
LYS CA     C N S 312 
LYS C      C N N 313 
LYS O      O N N 314 
LYS CB     C N N 315 
LYS CG     C N N 316 
LYS CD     C N N 317 
LYS CE     C N N 318 
LYS NZ     N N N 319 
LYS OXT    O N N 320 
LYS H      H N N 321 
LYS H2     H N N 322 
LYS HA     H N N 323 
LYS HB2    H N N 324 
LYS HB3    H N N 325 
LYS HG2    H N N 326 
LYS HG3    H N N 327 
LYS HD2    H N N 328 
LYS HD3    H N N 329 
LYS HE2    H N N 330 
LYS HE3    H N N 331 
LYS HZ1    H N N 332 
LYS HZ2    H N N 333 
LYS HZ3    H N N 334 
LYS HXT    H N N 335 
MET N      N N N 336 
MET CA     C N S 337 
MET C      C N N 338 
MET O      O N N 339 
MET CB     C N N 340 
MET CG     C N N 341 
MET SD     S N N 342 
MET CE     C N N 343 
MET OXT    O N N 344 
MET H      H N N 345 
MET H2     H N N 346 
MET HA     H N N 347 
MET HB2    H N N 348 
MET HB3    H N N 349 
MET HG2    H N N 350 
MET HG3    H N N 351 
MET HE1    H N N 352 
MET HE2    H N N 353 
MET HE3    H N N 354 
MET HXT    H N N 355 
SER N      N N N 356 
SER CA     C N S 357 
SER C      C N N 358 
SER O      O N N 359 
SER CB     C N N 360 
SER OG     O N N 361 
SER OXT    O N N 362 
SER H      H N N 363 
SER H2     H N N 364 
SER HA     H N N 365 
SER HB2    H N N 366 
SER HB3    H N N 367 
SER HG     H N N 368 
SER HXT    H N N 369 
THR N      N N N 370 
THR CA     C N S 371 
THR C      C N N 372 
THR O      O N N 373 
THR CB     C N R 374 
THR OG1    O N N 375 
THR CG2    C N N 376 
THR OXT    O N N 377 
THR H      H N N 378 
THR H2     H N N 379 
THR HA     H N N 380 
THR HB     H N N 381 
THR HG1    H N N 382 
THR HG21   H N N 383 
THR HG22   H N N 384 
THR HG23   H N N 385 
THR HXT    H N N 386 
VAL N      N N N 387 
VAL CA     C N S 388 
VAL C      C N N 389 
VAL O      O N N 390 
VAL CB     C N N 391 
VAL CG1    C N N 392 
VAL CG2    C N N 393 
VAL OXT    O N N 394 
VAL H      H N N 395 
VAL H2     H N N 396 
VAL HA     H N N 397 
VAL HB     H N N 398 
VAL HG11   H N N 399 
VAL HG12   H N N 400 
VAL HG13   H N N 401 
VAL HG21   H N N 402 
VAL HG22   H N N 403 
VAL HG23   H N N 404 
VAL HXT    H N N 405 
# 
loop_
_chem_comp_bond.comp_id 
_chem_comp_bond.atom_id_1 
_chem_comp_bond.atom_id_2 
_chem_comp_bond.value_order 
_chem_comp_bond.pdbx_aromatic_flag 
_chem_comp_bond.pdbx_stereo_config 
_chem_comp_bond.pdbx_ordinal 
ALA N     CA     sing N N 1   
ALA N     H      sing N N 2   
ALA N     H2     sing N N 3   
ALA CA    C      sing N N 4   
ALA CA    CB     sing N N 5   
ALA CA    HA     sing N N 6   
ALA C     O      doub N N 7   
ALA C     OXT    sing N N 8   
ALA CB    HB1    sing N N 9   
ALA CB    HB2    sing N N 10  
ALA CB    HB3    sing N N 11  
ALA OXT   HXT    sing N N 12  
ARG N     CA     sing N N 13  
ARG N     H      sing N N 14  
ARG N     H2     sing N N 15  
ARG CA    C      sing N N 16  
ARG CA    CB     sing N N 17  
ARG CA    HA     sing N N 18  
ARG C     O      doub N N 19  
ARG C     OXT    sing N N 20  
ARG CB    CG     sing N N 21  
ARG CB    HB2    sing N N 22  
ARG CB    HB3    sing N N 23  
ARG CG    CD     sing N N 24  
ARG CG    HG2    sing N N 25  
ARG CG    HG3    sing N N 26  
ARG CD    NE     sing N N 27  
ARG CD    HD2    sing N N 28  
ARG CD    HD3    sing N N 29  
ARG NE    CZ     sing N N 30  
ARG NE    HE     sing N N 31  
ARG CZ    NH1    sing N N 32  
ARG CZ    NH2    doub N N 33  
ARG NH1   HH11   sing N N 34  
ARG NH1   HH12   sing N N 35  
ARG NH2   HH21   sing N N 36  
ARG NH2   HH22   sing N N 37  
ARG OXT   HXT    sing N N 38  
ASN N     CA     sing N N 39  
ASN N     H      sing N N 40  
ASN N     H2     sing N N 41  
ASN CA    C      sing N N 42  
ASN CA    CB     sing N N 43  
ASN CA    HA     sing N N 44  
ASN C     O      doub N N 45  
ASN C     OXT    sing N N 46  
ASN CB    CG     sing N N 47  
ASN CB    HB2    sing N N 48  
ASN CB    HB3    sing N N 49  
ASN CG    OD1    doub N N 50  
ASN CG    ND2    sing N N 51  
ASN ND2   HD21   sing N N 52  
ASN ND2   HD22   sing N N 53  
ASN OXT   HXT    sing N N 54  
ASP N     CA     sing N N 55  
ASP N     H      sing N N 56  
ASP N     H2     sing N N 57  
ASP CA    C      sing N N 58  
ASP CA    CB     sing N N 59  
ASP CA    HA     sing N N 60  
ASP C     O      doub N N 61  
ASP C     OXT    sing N N 62  
ASP CB    CG     sing N N 63  
ASP CB    HB2    sing N N 64  
ASP CB    HB3    sing N N 65  
ASP CG    OD1    doub N N 66  
ASP CG    OD2    sing N N 67  
ASP OD2   HD2    sing N N 68  
ASP OXT   HXT    sing N N 69  
CYS N     CA     sing N N 70  
CYS N     H      sing N N 71  
CYS N     H2     sing N N 72  
CYS CA    C      sing N N 73  
CYS CA    CB     sing N N 74  
CYS CA    HA     sing N N 75  
CYS C     O      doub N N 76  
CYS C     OXT    sing N N 77  
CYS CB    SG     sing N N 78  
CYS CB    HB2    sing N N 79  
CYS CB    HB3    sing N N 80  
CYS SG    HG     sing N N 81  
CYS OXT   HXT    sing N N 82  
DA  OP3   P      sing N N 83  
DA  OP3   HOP3   sing N N 84  
DA  P     OP1    doub N N 85  
DA  P     OP2    sing N N 86  
DA  P     "O5'"  sing N N 87  
DA  OP2   HOP2   sing N N 88  
DA  "O5'" "C5'"  sing N N 89  
DA  "C5'" "C4'"  sing N N 90  
DA  "C5'" "H5'"  sing N N 91  
DA  "C5'" "H5''" sing N N 92  
DA  "C4'" "O4'"  sing N N 93  
DA  "C4'" "C3'"  sing N N 94  
DA  "C4'" "H4'"  sing N N 95  
DA  "O4'" "C1'"  sing N N 96  
DA  "C3'" "O3'"  sing N N 97  
DA  "C3'" "C2'"  sing N N 98  
DA  "C3'" "H3'"  sing N N 99  
DA  "O3'" "HO3'" sing N N 100 
DA  "C2'" "C1'"  sing N N 101 
DA  "C2'" "H2'"  sing N N 102 
DA  "C2'" "H2''" sing N N 103 
DA  "C1'" N9     sing N N 104 
DA  "C1'" "H1'"  sing N N 105 
DA  N9    C8     sing Y N 106 
DA  N9    C4     sing Y N 107 
DA  C8    N7     doub Y N 108 
DA  C8    H8     sing N N 109 
DA  N7    C5     sing Y N 110 
DA  C5    C6     sing Y N 111 
DA  C5    C4     doub Y N 112 
DA  C6    N6     sing N N 113 
DA  C6    N1     doub Y N 114 
DA  N6    H61    sing N N 115 
DA  N6    H62    sing N N 116 
DA  N1    C2     sing Y N 117 
DA  C2    N3     doub Y N 118 
DA  C2    H2     sing N N 119 
DA  N3    C4     sing Y N 120 
DC  OP3   P      sing N N 121 
DC  OP3   HOP3   sing N N 122 
DC  P     OP1    doub N N 123 
DC  P     OP2    sing N N 124 
DC  P     "O5'"  sing N N 125 
DC  OP2   HOP2   sing N N 126 
DC  "O5'" "C5'"  sing N N 127 
DC  "C5'" "C4'"  sing N N 128 
DC  "C5'" "H5'"  sing N N 129 
DC  "C5'" "H5''" sing N N 130 
DC  "C4'" "O4'"  sing N N 131 
DC  "C4'" "C3'"  sing N N 132 
DC  "C4'" "H4'"  sing N N 133 
DC  "O4'" "C1'"  sing N N 134 
DC  "C3'" "O3'"  sing N N 135 
DC  "C3'" "C2'"  sing N N 136 
DC  "C3'" "H3'"  sing N N 137 
DC  "O3'" "HO3'" sing N N 138 
DC  "C2'" "C1'"  sing N N 139 
DC  "C2'" "H2'"  sing N N 140 
DC  "C2'" "H2''" sing N N 141 
DC  "C1'" N1     sing N N 142 
DC  "C1'" "H1'"  sing N N 143 
DC  N1    C2     sing N N 144 
DC  N1    C6     sing N N 145 
DC  C2    O2     doub N N 146 
DC  C2    N3     sing N N 147 
DC  N3    C4     doub N N 148 
DC  C4    N4     sing N N 149 
DC  C4    C5     sing N N 150 
DC  N4    H41    sing N N 151 
DC  N4    H42    sing N N 152 
DC  C5    C6     doub N N 153 
DC  C5    H5     sing N N 154 
DC  C6    H6     sing N N 155 
DT  OP3   P      sing N N 156 
DT  OP3   HOP3   sing N N 157 
DT  P     OP1    doub N N 158 
DT  P     OP2    sing N N 159 
DT  P     "O5'"  sing N N 160 
DT  OP2   HOP2   sing N N 161 
DT  "O5'" "C5'"  sing N N 162 
DT  "C5'" "C4'"  sing N N 163 
DT  "C5'" "H5'"  sing N N 164 
DT  "C5'" "H5''" sing N N 165 
DT  "C4'" "O4'"  sing N N 166 
DT  "C4'" "C3'"  sing N N 167 
DT  "C4'" "H4'"  sing N N 168 
DT  "O4'" "C1'"  sing N N 169 
DT  "C3'" "O3'"  sing N N 170 
DT  "C3'" "C2'"  sing N N 171 
DT  "C3'" "H3'"  sing N N 172 
DT  "O3'" "HO3'" sing N N 173 
DT  "C2'" "C1'"  sing N N 174 
DT  "C2'" "H2'"  sing N N 175 
DT  "C2'" "H2''" sing N N 176 
DT  "C1'" N1     sing N N 177 
DT  "C1'" "H1'"  sing N N 178 
DT  N1    C2     sing N N 179 
DT  N1    C6     sing N N 180 
DT  C2    O2     doub N N 181 
DT  C2    N3     sing N N 182 
DT  N3    C4     sing N N 183 
DT  N3    H3     sing N N 184 
DT  C4    O4     doub N N 185 
DT  C4    C5     sing N N 186 
DT  C5    C7     sing N N 187 
DT  C5    C6     doub N N 188 
DT  C7    H71    sing N N 189 
DT  C7    H72    sing N N 190 
DT  C7    H73    sing N N 191 
DT  C6    H6     sing N N 192 
GLN N     CA     sing N N 193 
GLN N     H      sing N N 194 
GLN N     H2     sing N N 195 
GLN CA    C      sing N N 196 
GLN CA    CB     sing N N 197 
GLN CA    HA     sing N N 198 
GLN C     O      doub N N 199 
GLN C     OXT    sing N N 200 
GLN CB    CG     sing N N 201 
GLN CB    HB2    sing N N 202 
GLN CB    HB3    sing N N 203 
GLN CG    CD     sing N N 204 
GLN CG    HG2    sing N N 205 
GLN CG    HG3    sing N N 206 
GLN CD    OE1    doub N N 207 
GLN CD    NE2    sing N N 208 
GLN NE2   HE21   sing N N 209 
GLN NE2   HE22   sing N N 210 
GLN OXT   HXT    sing N N 211 
GLU N     CA     sing N N 212 
GLU N     H      sing N N 213 
GLU N     H2     sing N N 214 
GLU CA    C      sing N N 215 
GLU CA    CB     sing N N 216 
GLU CA    HA     sing N N 217 
GLU C     O      doub N N 218 
GLU C     OXT    sing N N 219 
GLU CB    CG     sing N N 220 
GLU CB    HB2    sing N N 221 
GLU CB    HB3    sing N N 222 
GLU CG    CD     sing N N 223 
GLU CG    HG2    sing N N 224 
GLU CG    HG3    sing N N 225 
GLU CD    OE1    doub N N 226 
GLU CD    OE2    sing N N 227 
GLU OE2   HE2    sing N N 228 
GLU OXT   HXT    sing N N 229 
GLY N     CA     sing N N 230 
GLY N     H      sing N N 231 
GLY N     H2     sing N N 232 
GLY CA    C      sing N N 233 
GLY CA    HA2    sing N N 234 
GLY CA    HA3    sing N N 235 
GLY C     O      doub N N 236 
GLY C     OXT    sing N N 237 
GLY OXT   HXT    sing N N 238 
HIS N     CA     sing N N 239 
HIS N     H      sing N N 240 
HIS N     H2     sing N N 241 
HIS CA    C      sing N N 242 
HIS CA    CB     sing N N 243 
HIS CA    HA     sing N N 244 
HIS C     O      doub N N 245 
HIS C     OXT    sing N N 246 
HIS CB    CG     sing N N 247 
HIS CB    HB2    sing N N 248 
HIS CB    HB3    sing N N 249 
HIS CG    ND1    sing Y N 250 
HIS CG    CD2    doub Y N 251 
HIS ND1   CE1    doub Y N 252 
HIS ND1   HD1    sing N N 253 
HIS CD2   NE2    sing Y N 254 
HIS CD2   HD2    sing N N 255 
HIS CE1   NE2    sing Y N 256 
HIS CE1   HE1    sing N N 257 
HIS NE2   HE2    sing N N 258 
HIS OXT   HXT    sing N N 259 
HOH O     H1     sing N N 260 
HOH O     H2     sing N N 261 
ILE N     CA     sing N N 262 
ILE N     H      sing N N 263 
ILE N     H2     sing N N 264 
ILE CA    C      sing N N 265 
ILE CA    CB     sing N N 266 
ILE CA    HA     sing N N 267 
ILE C     O      doub N N 268 
ILE C     OXT    sing N N 269 
ILE CB    CG1    sing N N 270 
ILE CB    CG2    sing N N 271 
ILE CB    HB     sing N N 272 
ILE CG1   CD1    sing N N 273 
ILE CG1   HG12   sing N N 274 
ILE CG1   HG13   sing N N 275 
ILE CG2   HG21   sing N N 276 
ILE CG2   HG22   sing N N 277 
ILE CG2   HG23   sing N N 278 
ILE CD1   HD11   sing N N 279 
ILE CD1   HD12   sing N N 280 
ILE CD1   HD13   sing N N 281 
ILE OXT   HXT    sing N N 282 
LEU N     CA     sing N N 283 
LEU N     H      sing N N 284 
LEU N     H2     sing N N 285 
LEU CA    C      sing N N 286 
LEU CA    CB     sing N N 287 
LEU CA    HA     sing N N 288 
LEU C     O      doub N N 289 
LEU C     OXT    sing N N 290 
LEU CB    CG     sing N N 291 
LEU CB    HB2    sing N N 292 
LEU CB    HB3    sing N N 293 
LEU CG    CD1    sing N N 294 
LEU CG    CD2    sing N N 295 
LEU CG    HG     sing N N 296 
LEU CD1   HD11   sing N N 297 
LEU CD1   HD12   sing N N 298 
LEU CD1   HD13   sing N N 299 
LEU CD2   HD21   sing N N 300 
LEU CD2   HD22   sing N N 301 
LEU CD2   HD23   sing N N 302 
LEU OXT   HXT    sing N N 303 
LYS N     CA     sing N N 304 
LYS N     H      sing N N 305 
LYS N     H2     sing N N 306 
LYS CA    C      sing N N 307 
LYS CA    CB     sing N N 308 
LYS CA    HA     sing N N 309 
LYS C     O      doub N N 310 
LYS C     OXT    sing N N 311 
LYS CB    CG     sing N N 312 
LYS CB    HB2    sing N N 313 
LYS CB    HB3    sing N N 314 
LYS CG    CD     sing N N 315 
LYS CG    HG2    sing N N 316 
LYS CG    HG3    sing N N 317 
LYS CD    CE     sing N N 318 
LYS CD    HD2    sing N N 319 
LYS CD    HD3    sing N N 320 
LYS CE    NZ     sing N N 321 
LYS CE    HE2    sing N N 322 
LYS CE    HE3    sing N N 323 
LYS NZ    HZ1    sing N N 324 
LYS NZ    HZ2    sing N N 325 
LYS NZ    HZ3    sing N N 326 
LYS OXT   HXT    sing N N 327 
MET N     CA     sing N N 328 
MET N     H      sing N N 329 
MET N     H2     sing N N 330 
MET CA    C      sing N N 331 
MET CA    CB     sing N N 332 
MET CA    HA     sing N N 333 
MET C     O      doub N N 334 
MET C     OXT    sing N N 335 
MET CB    CG     sing N N 336 
MET CB    HB2    sing N N 337 
MET CB    HB3    sing N N 338 
MET CG    SD     sing N N 339 
MET CG    HG2    sing N N 340 
MET CG    HG3    sing N N 341 
MET SD    CE     sing N N 342 
MET CE    HE1    sing N N 343 
MET CE    HE2    sing N N 344 
MET CE    HE3    sing N N 345 
MET OXT   HXT    sing N N 346 
SER N     CA     sing N N 347 
SER N     H      sing N N 348 
SER N     H2     sing N N 349 
SER CA    C      sing N N 350 
SER CA    CB     sing N N 351 
SER CA    HA     sing N N 352 
SER C     O      doub N N 353 
SER C     OXT    sing N N 354 
SER CB    OG     sing N N 355 
SER CB    HB2    sing N N 356 
SER CB    HB3    sing N N 357 
SER OG    HG     sing N N 358 
SER OXT   HXT    sing N N 359 
THR N     CA     sing N N 360 
THR N     H      sing N N 361 
THR N     H2     sing N N 362 
THR CA    C      sing N N 363 
THR CA    CB     sing N N 364 
THR CA    HA     sing N N 365 
THR C     O      doub N N 366 
THR C     OXT    sing N N 367 
THR CB    OG1    sing N N 368 
THR CB    CG2    sing N N 369 
THR CB    HB     sing N N 370 
THR OG1   HG1    sing N N 371 
THR CG2   HG21   sing N N 372 
THR CG2   HG22   sing N N 373 
THR CG2   HG23   sing N N 374 
THR OXT   HXT    sing N N 375 
VAL N     CA     sing N N 376 
VAL N     H      sing N N 377 
VAL N     H2     sing N N 378 
VAL CA    C      sing N N 379 
VAL CA    CB     sing N N 380 
VAL CA    HA     sing N N 381 
VAL C     O      doub N N 382 
VAL C     OXT    sing N N 383 
VAL CB    CG1    sing N N 384 
VAL CB    CG2    sing N N 385 
VAL CB    HB     sing N N 386 
VAL CG1   HG11   sing N N 387 
VAL CG1   HG12   sing N N 388 
VAL CG1   HG13   sing N N 389 
VAL CG2   HG21   sing N N 390 
VAL CG2   HG22   sing N N 391 
VAL CG2   HG23   sing N N 392 
VAL OXT   HXT    sing N N 393 
# 
_pdbx_audit_support.funding_organization   'Howard Hughes Medical Institute (HHMI)' 
_pdbx_audit_support.country                'United States' 
_pdbx_audit_support.grant_number           ? 
_pdbx_audit_support.ordinal                1 
# 
_pdbx_initial_refinement_model.id               1 
_pdbx_initial_refinement_model.entity_id_list   ? 
_pdbx_initial_refinement_model.type             'experimental model' 
_pdbx_initial_refinement_model.source_name      PDB 
_pdbx_initial_refinement_model.accession_code   8FVX 
_pdbx_initial_refinement_model.details          ? 
# 
_space_group.name_H-M_alt     'I 21 21 21' 
_space_group.name_Hall        'I 2b 2c' 
_space_group.IT_number        24 
_space_group.crystal_system   orthorhombic 
_space_group.id               1 
# 
_atom_sites.entry_id                    8FW7 
_atom_sites.Cartn_transf_matrix[1][1]   ? 
_atom_sites.Cartn_transf_matrix[1][2]   ? 
_atom_sites.Cartn_transf_matrix[1][3]   ? 
_atom_sites.Cartn_transf_matrix[2][1]   ? 
_atom_sites.Cartn_transf_matrix[2][2]   ? 
_atom_sites.Cartn_transf_matrix[2][3]   ? 
_atom_sites.Cartn_transf_matrix[3][1]   ? 
_atom_sites.Cartn_transf_matrix[3][2]   ? 
_atom_sites.Cartn_transf_matrix[3][3]   ? 
_atom_sites.Cartn_transf_vector[1]      ? 
_atom_sites.Cartn_transf_vector[2]      ? 
_atom_sites.Cartn_transf_vector[3]      ? 
_atom_sites.fract_transf_matrix[1][1]   0.00597208 
_atom_sites.fract_transf_matrix[1][2]   -0.02040823 
_atom_sites.fract_transf_matrix[1][3]   0.02148560 
_atom_sites.fract_transf_matrix[2][1]   -0.00434064 
_atom_sites.fract_transf_matrix[2][2]   0.00565094 
_atom_sites.fract_transf_matrix[2][3]   0.00657410 
_atom_sites.fract_transf_matrix[3][1]   -0.00784607 
_atom_sites.fract_transf_matrix[3][2]   -0.00406832 
_atom_sites.fract_transf_matrix[3][3]   -0.00168344 
_atom_sites.fract_transf_vector[1]      0.079746 
_atom_sites.fract_transf_vector[2]      -0.111657 
_atom_sites.fract_transf_vector[3]      0.202179 
_atom_sites.solution_primary            ? 
_atom_sites.solution_secondary          ? 
_atom_sites.solution_hydrogens          ? 
_atom_sites.special_details             ? 
# 
loop_
_atom_type.symbol 
_atom_type.scat_dispersion_real 
_atom_type.scat_dispersion_imag 
_atom_type.scat_Cromer_Mann_a1 
_atom_type.scat_Cromer_Mann_a2 
_atom_type.scat_Cromer_Mann_a3 
_atom_type.scat_Cromer_Mann_a4 
_atom_type.scat_Cromer_Mann_b1 
_atom_type.scat_Cromer_Mann_b2 
_atom_type.scat_Cromer_Mann_b3 
_atom_type.scat_Cromer_Mann_b4 
_atom_type.scat_Cromer_Mann_c 
_atom_type.scat_source 
_atom_type.scat_dispersion_source 
C ? ? 3.54356 2.42580 ? ? 25.62398 1.50364  ? ? 0.0 
;2-Gaussian fit: Grosse-Kunstleve RW, Sauter NK, Adams PD: Newsletter of the IUCr Commission on Crystallographic Computing 2004, 3, 22-31.
;
? 
N ? ? 4.01032 2.96436 ? ? 19.97189 1.75589  ? ? 0.0 
;2-Gaussian fit: Grosse-Kunstleve RW, Sauter NK, Adams PD: Newsletter of the IUCr Commission on Crystallographic Computing 2004, 3, 22-31.
;
? 
O ? ? 4.49882 3.47563 ? ? 15.80542 1.70748  ? ? 0.0 
;2-Gaussian fit: Grosse-Kunstleve RW, Sauter NK, Adams PD: Newsletter of the IUCr Commission on Crystallographic Computing 2004, 3, 22-31.
;
? 
P ? ? 9.51135 5.44231 ? ? 1.42069  35.72801 ? ? 0.0 
;2-Gaussian fit: Grosse-Kunstleve RW, Sauter NK, Adams PD: Newsletter of the IUCr Commission on Crystallographic Computing 2004, 3, 22-31.
;
? 
S ? ? 9.55732 6.39887 ? ? 1.23737  29.19336 ? ? 0.0 
;2-Gaussian fit: Grosse-Kunstleve RW, Sauter NK, Adams PD: Newsletter of the IUCr Commission on Crystallographic Computing 2004, 3, 22-31.
;
? 
# 
loop_
_atom_site.group_PDB 
_atom_site.id 
_atom_site.type_symbol 
_atom_site.label_atom_id 
_atom_site.label_alt_id 
_atom_site.label_comp_id 
_atom_site.label_asym_id 
_atom_site.label_entity_id 
_atom_site.label_seq_id 
_atom_site.pdbx_PDB_ins_code 
_atom_site.Cartn_x 
_atom_site.Cartn_y 
_atom_site.Cartn_z 
_atom_site.occupancy 
_atom_site.B_iso_or_equiv 
_atom_site.pdbx_formal_charge 
_atom_site.auth_seq_id 
_atom_site.auth_comp_id 
_atom_site.auth_asym_id 
_atom_site.auth_atom_id 
_atom_site.pdbx_PDB_model_num 
ATOM   1    P P     . DC  A 1 1  ? 24.11849  0.13550   8.15257   1.000 37.05161 ? 4   DC  A P     1 
ATOM   2    O OP1   . DC  A 1 1  ? 22.85788  0.91458   8.03093   1.000 37.13994 ? 4   DC  A OP1   1 
ATOM   3    O OP2   . DC  A 1 1  ? 25.06706  0.29992   9.29442   1.000 34.75647 ? 4   DC  A OP2   1 
ATOM   4    O "O5'" . DC  A 1 1  ? 23.93184  -1.48088  8.13668   1.000 27.62077 ? 4   DC  A "O5'" 1 
ATOM   5    C "C5'" . DC  A 1 1  ? 23.13190  -2.11680  7.13337   1.000 27.68843 ? 4   DC  A "C5'" 1 
ATOM   6    C "C4'" . DC  A 1 1  ? 23.23737  -3.63833  7.24084   1.000 27.64218 ? 4   DC  A "C4'" 1 
ATOM   7    O "O4'" . DC  A 1 1  ? 24.49886  -4.09704  6.65989   1.000 26.82330 ? 4   DC  A "O4'" 1 
ATOM   8    C "C3'" . DC  A 1 1  ? 23.21921  -4.20443  8.67314   1.000 28.91467 ? 4   DC  A "C3'" 1 
ATOM   9    O "O3'" . DC  A 1 1  ? 22.47454  -5.42805  8.67001   1.000 29.84334 ? 4   DC  A "O3'" 1 
ATOM   10   C "C2'" . DC  A 1 1  ? 24.70835  -4.50856  8.92616   1.000 25.65894 ? 4   DC  A "C2'" 1 
ATOM   11   C "C1'" . DC  A 1 1  ? 25.09624  -5.02507  7.54514   1.000 27.54544 ? 4   DC  A "C1'" 1 
ATOM   12   N N1    . DC  A 1 1  ? 26.57733  -5.06312  7.26339   1.000 30.45533 ? 4   DC  A N1    1 
ATOM   13   C C2    . DC  A 1 1  ? 27.09191  -5.93128  6.27940   1.000 26.52802 ? 4   DC  A C2    1 
ATOM   14   O O2    . DC  A 1 1  ? 26.33962  -6.68339  5.66527   1.000 30.86517 ? 4   DC  A O2    1 
ATOM   15   N N3    . DC  A 1 1  ? 28.41330  -5.92650  6.02266   1.000 29.17204 ? 4   DC  A N3    1 
ATOM   16   C C4    . DC  A 1 1  ? 29.21951  -5.11510  6.68322   1.000 32.58396 ? 4   DC  A C4    1 
ATOM   17   N N4    . DC  A 1 1  ? 30.52193  -5.17618  6.38747   1.000 39.19321 ? 4   DC  A N4    1 
ATOM   18   C C5    . DC  A 1 1  ? 28.73634  -4.22154  7.68365   1.000 30.03180 ? 4   DC  A C5    1 
ATOM   19   C C6    . DC  A 1 1  ? 27.41823  -4.22457  7.94198   1.000 33.72436 ? 4   DC  A C6    1 
ATOM   20   P P     . DA  A 1 2  ? 21.04535  -5.57791  9.40169   1.000 26.93927 ? 5   DA  A P     1 
ATOM   21   O OP1   . DA  A 1 2  ? 20.15173  -4.49574  8.94219   1.000 28.82024 ? 5   DA  A OP1   1 
ATOM   22   O OP2   . DA  A 1 2  ? 21.23354  -5.74549  10.83154  1.000 27.49291 ? 5   DA  A OP2   1 
ATOM   23   O "O5'" . DA  A 1 2  ? 20.54412  -6.95495  8.79141   1.000 28.91395 ? 5   DA  A "O5'" 1 
ATOM   24   C "C5'" . DA  A 1 2  ? 20.21718  -7.03091  7.41066   1.000 28.50789 ? 5   DA  A "C5'" 1 
ATOM   25   C "C4'" . DA  A 1 2  ? 20.73060  -8.32484  6.79730   1.000 31.88700 ? 5   DA  A "C4'" 1 
ATOM   26   O "O4'" . DA  A 1 2  ? 22.18504  -8.32074  6.74561   1.000 29.64053 ? 5   DA  A "O4'" 1 
ATOM   27   C "C3'" . DA  A 1 2  ? 20.34452  -9.60153  7.53569   1.000 29.26827 ? 5   DA  A "C3'" 1 
ATOM   28   O "O3'" . DA  A 1 2  ? 20.02530  -10.56240 6.58918   1.000 29.56748 ? 5   DA  A "O3'" 1 
ATOM   29   C "C2'" . DA  A 1 2  ? 21.62343  -9.97495  8.29303   1.000 25.12697 ? 5   DA  A "C2'" 1 
ATOM   30   C "C1'" . DA  A 1 2  ? 22.69317  -9.50019  7.31093   1.000 28.47781 ? 5   DA  A "C1'" 1 
ATOM   31   N N9    . DA  A 1 2  ? 23.95494  -9.11094  7.91267   1.000 31.62687 ? 5   DA  A N9    1 
ATOM   32   C C8    . DA  A 1 2  ? 24.13455  -8.27605  8.98714   1.000 29.40442 ? 5   DA  A C8    1 
ATOM   33   N N7    . DA  A 1 2  ? 25.39571  -8.02745  9.25904   1.000 30.99368 ? 5   DA  A N7    1 
ATOM   34   C C5    . DA  A 1 2  ? 26.09083  -8.75028  8.28977   1.000 32.54066 ? 5   DA  A C5    1 
ATOM   35   C C6    . DA  A 1 2  ? 27.45911  -8.91028  8.04058   1.000 32.96679 ? 5   DA  A C6    1 
ATOM   36   N N6    . DA  A 1 2  ? 28.41398  -8.31646  8.78700   1.000 31.41658 ? 5   DA  A N6    1 
ATOM   37   N N1    . DA  A 1 2  ? 27.82337  -9.69962  6.99364   1.000 32.91874 ? 5   DA  A N1    1 
ATOM   38   C C2    . DA  A 1 2  ? 26.85573  -10.26849 6.23978   1.000 32.44124 ? 5   DA  A C2    1 
ATOM   39   N N3    . DA  A 1 2  ? 25.52716  -10.17740 6.38263   1.000 28.64134 ? 5   DA  A N3    1 
ATOM   40   C C4    . DA  A 1 2  ? 25.21313  -9.40152  7.43712   1.000 31.83650 ? 5   DA  A C4    1 
ATOM   41   P P     . DT  A 1 3  ? 19.43893  -11.97518 7.04833   1.000 30.94032 ? 6   DT  A P     1 
ATOM   42   O OP1   . DT  A 1 3  ? 18.65061  -12.48218 5.91632   1.000 33.83540 ? 6   DT  A OP1   1 
ATOM   43   O OP2   . DT  A 1 3  ? 18.83470  -11.82631 8.38621   1.000 29.77499 ? 6   DT  A OP2   1 
ATOM   44   O "O5'" . DT  A 1 3  ? 20.75549  -12.88407 7.19703   1.000 31.78911 ? 6   DT  A "O5'" 1 
ATOM   45   C "C5'" . DT  A 1 3  ? 21.61533  -13.02639 6.07164   1.000 32.30315 ? 6   DT  A "C5'" 1 
ATOM   46   C "C4'" . DT  A 1 3  ? 22.91698  -13.68480 6.47561   1.000 34.67098 ? 6   DT  A "C4'" 1 
ATOM   47   O "O4'" . DT  A 1 3  ? 23.73837  -12.76693 7.19940   1.000 29.04814 ? 6   DT  A "O4'" 1 
ATOM   48   C "C3'" . DT  A 1 3  ? 22.75562  -14.86008 7.42227   1.000 32.15257 ? 6   DT  A "C3'" 1 
ATOM   49   C "C2'" . DT  A 1 3  ? 23.89109  -14.68022 8.46360   1.000 31.48734 ? 6   DT  A "C2'" 1 
ATOM   50   C "C1'" . DT  A 1 3  ? 24.69900  -13.53939 7.85584   1.000 30.86929 ? 6   DT  A "C1'" 1 
ATOM   51   N N1    . DT  A 1 3  ? 25.43258  -12.67024 8.85974   1.000 30.82827 ? 6   DT  A N1    1 
ATOM   52   C C2    . DT  A 1 3  ? 26.82963  -12.55484 8.79915   1.000 34.29569 ? 6   DT  A C2    1 
ATOM   53   O O2    . DT  A 1 3  ? 27.52744  -13.10987 7.97786   1.000 31.18052 ? 6   DT  A O2    1 
ATOM   54   N N3    . DT  A 1 3  ? 27.38221  -11.75756 9.74323   1.000 34.71583 ? 6   DT  A N3    1 
ATOM   55   C C4    . DT  A 1 3  ? 26.73687  -11.05663 10.71886  1.000 36.47448 ? 6   DT  A C4    1 
ATOM   56   O O4    . DT  A 1 3  ? 27.35859  -10.35101 11.51285  1.000 37.66140 ? 6   DT  A O4    1 
ATOM   57   C C5    . DT  A 1 3  ? 25.28875  -11.21025 10.74741  1.000 34.43620 ? 6   DT  A C5    1 
ATOM   58   C C7    . DT  A 1 3  ? 24.46522  -10.49065 11.77733  1.000 40.59829 ? 6   DT  A C7    1 
ATOM   59   C C6    . DT  A 1 3  ? 24.71252  -12.00803 9.82389   1.000 31.85582 ? 6   DT  A C6    1 
ATOM   60   N N     . ALA B 2 2  ? 1.01934   14.45032  3.62916   1.000 61.29316 ? 2   ALA D N     1 
ATOM   61   C CA    . ALA B 2 2  ? 1.56573   14.67274  2.29930   1.000 61.69276 ? 2   ALA D CA    1 
ATOM   62   C C     . ALA B 2 2  ? 2.15997   13.39912  1.69744   1.000 61.48701 ? 2   ALA D C     1 
ATOM   63   O O     . ALA B 2 2  ? 2.07720   12.31491  2.28449   1.000 66.86593 ? 2   ALA D O     1 
ATOM   64   C CB    . ALA B 2 2  ? 2.62133   15.77331  2.34700   1.000 68.45479 ? 2   ALA D CB    1 
ATOM   65   N N     . GLU B 2 3  ? 2.73147   13.55275  0.50421   1.000 63.47586 ? 3   GLU D N     1 
ATOM   66   C CA    . GLU B 2 3  ? 3.52296   12.52629  -0.16981  1.000 56.67806 ? 3   GLU D CA    1 
ATOM   67   C C     . GLU B 2 3  ? 2.67907   11.36195  -0.66808  1.000 52.80578 ? 3   GLU D C     1 
ATOM   68   O O     . GLU B 2 3  ? 2.13960   10.58448  0.12721   1.000 46.21794 ? 3   GLU D O     1 
ATOM   69   C CB    . GLU B 2 3  ? 4.63908   12.01256  0.74923   1.000 58.64602 ? 3   GLU D CB    1 
ATOM   70   C CG    . GLU B 2 3  ? 5.91934   12.89402  0.88645   1.000 63.94020 ? 3   GLU D CG    1 
ATOM   71   C CD    . GLU B 2 3  ? 6.59156   13.34137  -0.42781  1.000 63.02929 ? 3   GLU D CD    1 
ATOM   72   O OE1   . GLU B 2 3  ? 7.72123   13.88328  -0.34929  1.000 68.07550 ? 3   GLU D OE1   1 
ATOM   73   O OE2   . GLU B 2 3  ? 6.03969   13.13688  -1.52967  1.000 68.03806 ? 3   GLU D OE2   1 
ATOM   74   N N     . VAL B 2 4  ? 2.56525   11.24991  -1.98858  1.000 41.49854 ? 4   VAL D N     1 
ATOM   75   C CA    . VAL B 2 4  ? 1.88091   10.13647  -2.63856  1.000 39.67964 ? 4   VAL D CA    1 
ATOM   76   C C     . VAL B 2 4  ? 2.85853   8.97384   -2.76242  1.000 40.98718 ? 4   VAL D C     1 
ATOM   77   O O     . VAL B 2 4  ? 3.88354   9.08643   -3.44007  1.000 32.96178 ? 4   VAL D O     1 
ATOM   78   C CB    . VAL B 2 4  ? 1.34909   10.54956  -4.01788  1.000 38.59134 ? 4   VAL D CB    1 
ATOM   79   C CG1   . VAL B 2 4  ? 0.60532   9.40254   -4.67029  1.000 36.75230 ? 4   VAL D CG1   1 
ATOM   80   C CG2   . VAL B 2 4  ? 0.47141   11.80373  -3.89766  1.000 47.26870 ? 4   VAL D CG2   1 
ATOM   81   N N     . LEU B 2 5  ? 2.53148   7.84455   -2.13275  1.000 33.70575 ? 5   LEU D N     1 
ATOM   82   C CA    . LEU B 2 5  ? 3.43739   6.70664   -2.09271  1.000 35.92629 ? 5   LEU D CA    1 
ATOM   83   C C     . LEU B 2 5  ? 3.01340   5.58617   -3.02878  1.000 36.53117 ? 5   LEU D C     1 
ATOM   84   O O     . LEU B 2 5  ? 3.70346   4.56295   -3.10932  1.000 33.42298 ? 5   LEU D O     1 
ATOM   85   C CB    . LEU B 2 5  ? 3.54973   6.18878   -0.65289  1.000 33.08181 ? 5   LEU D CB    1 
ATOM   86   C CG    . LEU B 2 5  ? 4.03288   7.19933   0.39620   1.000 30.83809 ? 5   LEU D CG    1 
ATOM   87   C CD1   . LEU B 2 5  ? 3.97747   6.52853   1.76972   1.000 35.13714 ? 5   LEU D CD1   1 
ATOM   88   C CD2   . LEU B 2 5  ? 5.46208   7.68218   0.10385   1.000 31.79558 ? 5   LEU D CD2   1 
ATOM   89   N N     . VAL B 2 6  ? 1.90724   5.75449   -3.75061  1.000 33.15654 ? 6   VAL D N     1 
ATOM   90   C CA    . VAL B 2 6  ? 1.45811   4.75738   -4.71308  1.000 34.27290 ? 6   VAL D CA    1 
ATOM   91   C C     . VAL B 2 6  ? 1.58705   5.34296   -6.11584  1.000 33.34589 ? 6   VAL D C     1 
ATOM   92   O O     . VAL B 2 6  ? 1.57200   6.55827   -6.30853  1.000 35.42286 ? 6   VAL D O     1 
ATOM   93   C CB    . VAL B 2 6  ? 0.01114   4.28285   -4.45564  1.000 41.30948 ? 6   VAL D CB    1 
ATOM   94   C CG1   . VAL B 2 6  ? -0.12136  3.67252   -3.07039  1.000 36.69324 ? 6   VAL D CG1   1 
ATOM   95   C CG2   . VAL B 2 6  ? -0.96140  5.43124   -4.63469  1.000 40.96395 ? 6   VAL D CG2   1 
ATOM   96   N N     . VAL B 2 7  ? 1.74372   4.45575   -7.09845  1.000 32.71712 ? 7   VAL D N     1 
ATOM   97   C CA    . VAL B 2 7  ? 1.81156   4.85059   -8.50240  1.000 41.74784 ? 7   VAL D CA    1 
ATOM   98   C C     . VAL B 2 7  ? 0.37363   4.99219   -8.99523  1.000 34.59025 ? 7   VAL D C     1 
ATOM   99   O O     . VAL B 2 7  ? -0.26934  4.00357   -9.34080  1.000 38.92415 ? 7   VAL D O     1 
ATOM   100  C CB    . VAL B 2 7  ? 2.59123   3.84519   -9.34996  1.000 37.09420 ? 7   VAL D CB    1 
ATOM   101  C CG1   . VAL B 2 7  ? 2.71604   4.38692   -10.77923 1.000 40.52611 ? 7   VAL D CG1   1 
ATOM   102  C CG2   . VAL B 2 7  ? 3.97070   3.57049   -8.74819  1.000 38.91220 ? 7   VAL D CG2   1 
ATOM   103  N N     . THR B 2 8  ? -0.11630  6.22482   -9.04851  1.000 38.33127 ? 8   THR D N     1 
ATOM   104  C CA    . THR B 2 8  ? -1.53858  6.45847   -9.28446  1.000 38.31197 ? 8   THR D CA    1 
ATOM   105  C C     . THR B 2 8  ? -2.00389  5.83267   -10.59625 1.000 42.47350 ? 8   THR D C     1 
ATOM   106  O O     . THR B 2 8  ? -3.02794  5.13290   -10.63541 1.000 39.86265 ? 8   THR D O     1 
ATOM   107  C CB    . THR B 2 8  ? -1.79944  7.95520   -9.25628  1.000 42.52553 ? 8   THR D CB    1 
ATOM   108  O OG1   . THR B 2 8  ? -1.47893  8.43839   -7.94529  1.000 36.76575 ? 8   THR D OG1   1 
ATOM   109  C CG2   . THR B 2 8  ? -3.25962  8.25811   -9.56158  1.000 43.75582 ? 8   THR D CG2   1 
ATOM   110  N N     . SER B 2 9  ? -1.23665  6.03266   -11.67572 1.000 42.96732 ? 9   SER D N     1 
ATOM   111  C CA    . SER B 2 9  ? -1.67070  5.56184   -12.99195 1.000 41.80983 ? 9   SER D CA    1 
ATOM   112  C C     . SER B 2 9  ? -1.86341  4.04896   -13.00998 1.000 44.98060 ? 9   SER D C     1 
ATOM   113  O O     . SER B 2 9  ? -2.81611  3.54619   -13.61943 1.000 41.45018 ? 9   SER D O     1 
ATOM   114  C CB    . SER B 2 9  ? -0.66237  5.98644   -14.05921 1.000 44.90866 ? 9   SER D CB    1 
ATOM   115  O OG    . SER B 2 9  ? 0.64591   5.62700   -13.66413 1.000 49.04317 ? 9   SER D OG    1 
ATOM   116  N N     . LYS B 2 10 ? -0.97807  3.30166   -12.33720 1.000 44.46051 ? 10  LYS D N     1 
ATOM   117  C CA    . LYS B 2 10 ? -1.10224  1.84559   -12.32430 1.000 42.44676 ? 10  LYS D CA    1 
ATOM   118  C C     . LYS B 2 10 ? -2.18700  1.37199   -11.36567 1.000 45.66926 ? 10  LYS D C     1 
ATOM   119  O O     . LYS B 2 10 ? -2.78752  0.31114   -11.58765 1.000 44.28207 ? 10  LYS D O     1 
ATOM   120  C CB    . LYS B 2 10 ? 0.22747   1.18120   -11.94511 1.000 44.53713 ? 10  LYS D CB    1 
ATOM   121  C CG    . LYS B 2 10 ? 1.47696   1.75725   -12.61084 1.000 50.57323 ? 10  LYS D CG    1 
ATOM   122  C CD    . LYS B 2 10 ? 1.70749   1.21458   -14.00955 1.000 58.50287 ? 10  LYS D CD    1 
ATOM   123  C CE    . LYS B 2 10 ? 3.20092   1.21560   -14.33194 1.000 57.96866 ? 10  LYS D CE    1 
ATOM   124  N NZ    . LYS B 2 10 ? 3.75865   2.59902   -14.36124 1.000 57.34324 ? 10  LYS D NZ    1 
ATOM   125  N N     . VAL B 2 11 ? -2.42692  2.11424   -10.28322 1.000 42.57865 ? 11  VAL D N     1 
ATOM   126  C CA    . VAL B 2 11 ? -3.54556  1.78005   -9.40509  1.000 44.63325 ? 11  VAL D CA    1 
ATOM   127  C C     . VAL B 2 11 ? -4.86155  1.92436   -10.16661 1.000 45.45527 ? 11  VAL D C     1 
ATOM   128  O O     . VAL B 2 11 ? -5.68477  0.99981   -10.20613 1.000 41.10609 ? 11  VAL D O     1 
ATOM   129  C CB    . VAL B 2 11 ? -3.51162  2.65648   -8.14061  1.000 43.42814 ? 11  VAL D CB    1 
ATOM   130  C CG1   . VAL B 2 11 ? -4.87005  2.62557   -7.41751  1.000 36.81762 ? 11  VAL D CG1   1 
ATOM   131  C CG2   . VAL B 2 11 ? -2.37888  2.18899   -7.20800  1.000 37.95211 ? 11  VAL D CG2   1 
ATOM   132  N N     . LYS B 2 12 ? -5.05147  3.07628   -10.81713 1.000 42.51787 ? 12  LYS D N     1 
ATOM   133  C CA    . LYS B 2 12 ? -6.25176  3.30036   -11.61734 1.000 46.16987 ? 12  LYS D CA    1 
ATOM   134  C C     . LYS B 2 12 ? -6.37605  2.27206   -12.72959 1.000 48.82842 ? 12  LYS D C     1 
ATOM   135  O O     . LYS B 2 12 ? -7.47558  1.77122   -13.00258 1.000 51.83800 ? 12  LYS D O     1 
ATOM   136  C CB    . LYS B 2 12 ? -6.23655  4.70830   -12.21371 1.000 39.40340 ? 12  LYS D CB    1 
ATOM   137  C CG    . LYS B 2 12 ? -6.29558  5.81150   -11.18048 1.000 45.65288 ? 12  LYS D CG    1 
ATOM   138  C CD    . LYS B 2 12 ? -7.02029  7.03051   -11.71055 1.000 51.36047 ? 12  LYS D CD    1 
ATOM   139  C CE    . LYS B 2 12 ? -6.42024  8.31726   -11.16930 1.000 52.38822 ? 12  LYS D CE    1 
ATOM   140  N NZ    . LYS B 2 12 ? -6.03508  9.26399   -12.26263 1.000 61.88784 ? 12  LYS D NZ    1 
ATOM   141  N N     . LYS B 2 13 ? -5.26122  1.95666   -13.39745 1.000 47.85936 ? 13  LYS D N     1 
ATOM   142  C CA    . LYS B 2 13 ? -5.31349  1.01230   -14.50738 1.000 47.51692 ? 13  LYS D CA    1 
ATOM   143  C C     . LYS B 2 13 ? -5.69984  -0.37677  -14.02075 1.000 52.57584 ? 13  LYS D C     1 
ATOM   144  O O     . LYS B 2 13 ? -6.46495  -1.08440  -14.68563 1.000 54.94192 ? 13  LYS D O     1 
ATOM   145  C CB    . LYS B 2 13 ? -3.96771  0.99301   -15.23621 1.000 50.82889 ? 13  LYS D CB    1 
ATOM   146  C CG    . LYS B 2 13 ? -3.80292  -0.10515  -16.26764 1.000 54.82028 ? 13  LYS D CG    1 
ATOM   147  C CD    . LYS B 2 13 ? -2.33502  -0.28747  -16.60881 1.000 56.81633 ? 13  LYS D CD    1 
ATOM   148  C CE    . LYS B 2 13 ? -1.92350  0.63096   -17.74245 1.000 57.35101 ? 13  LYS D CE    1 
ATOM   149  N NZ    . LYS B 2 13 ? -0.50060  0.41664   -18.11685 1.000 58.23899 ? 13  LYS D NZ    1 
ATOM   150  N N     . LEU B 2 14 ? -5.19933  -0.77670  -12.84983 1.000 49.64904 ? 14  LEU D N     1 
ATOM   151  C CA    . LEU B 2 14 ? -5.55694  -2.08107  -12.30591 1.000 49.36649 ? 14  LEU D CA    1 
ATOM   152  C C     . LEU B 2 14 ? -7.02630  -2.12556  -11.89618 1.000 49.85480 ? 14  LEU D C     1 
ATOM   153  O O     . LEU B 2 14 ? -7.70047  -3.14272  -12.08994 1.000 52.62264 ? 14  LEU D O     1 
ATOM   154  C CB    . LEU B 2 14 ? -4.64002  -2.41042  -11.12651 1.000 49.02090 ? 14  LEU D CB    1 
ATOM   155  C CG    . LEU B 2 14 ? -5.05367  -3.48823  -10.13268 1.000 52.45718 ? 14  LEU D CG    1 
ATOM   156  C CD1   . LEU B 2 14 ? -4.59751  -4.85073  -10.61581 1.000 58.87057 ? 14  LEU D CD1   1 
ATOM   157  C CD2   . LEU B 2 14 ? -4.46049  -3.18411  -8.75737  1.000 51.65219 ? 14  LEU D CD2   1 
ATOM   158  N N     . ILE B 2 15 ? -7.54624  -1.02648  -11.34760 1.000 49.75817 ? 15  ILE D N     1 
ATOM   159  C CA    . ILE B 2 15 ? -8.93756  -1.00675  -10.90449 1.000 49.63664 ? 15  ILE D CA    1 
ATOM   160  C C     . ILE B 2 15 ? -9.88653  -0.98041  -12.09984 1.000 56.19427 ? 15  ILE D C     1 
ATOM   161  O O     . ILE B 2 15 ? -10.93716 -1.63898  -12.09394 1.000 54.35260 ? 15  ILE D O     1 
ATOM   162  C CB    . ILE B 2 15 ? -9.16854  0.18602   -9.96125  1.000 49.17902 ? 15  ILE D CB    1 
ATOM   163  C CG1   . ILE B 2 15 ? -8.60429  -0.12806  -8.57506  1.000 41.05024 ? 15  ILE D CG1   1 
ATOM   164  C CG2   . ILE B 2 15 ? -10.64376 0.51624   -9.84623  1.000 48.84905 ? 15  ILE D CG2   1 
ATOM   165  C CD1   . ILE B 2 15 ? -8.30981  1.11086   -7.77728  1.000 39.88508 ? 15  ILE D CD1   1 
ATOM   166  N N     . LYS B 2 16 ? -9.53705  -0.22622  -13.14491 1.000 52.65862 ? 16  LYS D N     1 
ATOM   167  C CA    . LYS B 2 16 ? -10.36743 -0.23076  -14.34497 1.000 57.64559 ? 16  LYS D CA    1 
ATOM   168  C C     . LYS B 2 16 ? -10.24762 -1.55528  -15.09244 1.000 59.30471 ? 16  LYS D C     1 
ATOM   169  O O     . LYS B 2 16 ? -11.24556 -2.08520  -15.58746 1.000 59.80052 ? 16  LYS D O     1 
ATOM   170  C CB    . LYS B 2 16 ? -9.99988  0.95080   -15.24693 1.000 55.24683 ? 16  LYS D CB    1 
ATOM   171  C CG    . LYS B 2 16 ? -11.13537 1.38529   -16.17870 1.000 61.61551 ? 16  LYS D CG    1 
ATOM   172  C CD    . LYS B 2 16 ? -11.00167 2.84596   -16.60719 1.000 63.19223 ? 16  LYS D CD    1 
ATOM   173  C CE    . LYS B 2 16 ? -12.01138 3.20202   -17.68968 1.000 66.54456 ? 16  LYS D CE    1 
ATOM   174  N NZ    . LYS B 2 16 ? -11.39396 3.12017   -19.04839 1.000 65.28764 ? 16  LYS D NZ    1 
ATOM   175  N N     . GLU B 2 17 ? -9.04335  -2.12655  -15.15252 1.000 58.41469 ? 17  GLU D N     1 
ATOM   176  C CA    . GLU B 2 17 ? -8.82810  -3.34117  -15.93277 1.000 61.65499 ? 17  GLU D CA    1 
ATOM   177  C C     . GLU B 2 17 ? -9.36508  -4.58277  -15.22950 1.000 62.42591 ? 17  GLU D C     1 
ATOM   178  O O     . GLU B 2 17 ? -9.76531  -5.54267  -15.89740 1.000 66.92469 ? 17  GLU D O     1 
ATOM   179  C CB    . GLU B 2 17 ? -7.33385  -3.50691  -16.22587 1.000 67.05098 ? 17  GLU D CB    1 
ATOM   180  C CG    . GLU B 2 17 ? -6.97974  -4.34809  -17.43978 1.000 72.79339 ? 17  GLU D CG    1 
ATOM   181  C CD    . GLU B 2 17 ? -5.64251  -3.94587  -18.05400 1.000 77.88251 ? 17  GLU D CD    1 
ATOM   182  O OE1   . GLU B 2 17 ? -5.35334  -2.72944  -18.12674 1.000 74.00655 ? 17  GLU D OE1   1 
ATOM   183  O OE2   . GLU B 2 17 ? -4.86979  -4.85083  -18.44286 1.000 83.68824 ? 17  GLU D OE2   1 
ATOM   184  N N     . LYS B 2 18 ? -9.38812  -4.58788  -13.89523 1.000 64.35946 ? 18  LYS D N     1 
ATOM   185  C CA    . LYS B 2 18 ? -9.84851  -5.74750  -13.14206 1.000 59.57812 ? 18  LYS D CA    1 
ATOM   186  C C     . LYS B 2 18 ? -11.26626 -5.60908  -12.60062 1.000 60.99469 ? 18  LYS D C     1 
ATOM   187  O O     . LYS B 2 18 ? -11.85683 -6.61992  -12.20557 1.000 63.55999 ? 18  LYS D O     1 
ATOM   188  C CB    . LYS B 2 18 ? -8.90019  -6.03638  -11.97011 1.000 67.85659 ? 18  LYS D CB    1 
ATOM   189  C CG    . LYS B 2 18 ? -7.53007  -6.54516  -12.38397 1.000 65.32059 ? 18  LYS D CG    1 
ATOM   190  C CD    . LYS B 2 18 ? -7.49667  -8.06435  -12.39423 1.000 67.38952 ? 18  LYS D CD    1 
ATOM   191  C CE    . LYS B 2 18 ? -6.96657  -8.61227  -11.07443 1.000 74.28901 ? 18  LYS D CE    1 
ATOM   192  N NZ    . LYS B 2 18 ? -5.58141  -8.14129  -10.77957 1.000 73.68954 ? 18  LYS D NZ    1 
ATOM   193  N N     . GLY B 2 19 ? -11.82734 -4.40238  -12.56548 1.000 59.60760 ? 19  GLY D N     1 
ATOM   194  C CA    . GLY B 2 19 ? -13.17112 -4.23447  -12.04355 1.000 62.08296 ? 19  GLY D CA    1 
ATOM   195  C C     . GLY B 2 19 ? -14.05477 -3.32321  -12.87332 1.000 65.53335 ? 19  GLY D C     1 
ATOM   196  O O     . GLY B 2 19 ? -15.24789 -3.17640  -12.58216 1.000 64.60205 ? 19  GLY D O     1 
ATOM   197  N N     . GLN B 2 20 ? -13.47610 -2.70538  -13.90546 1.000 60.80637 ? 20  GLN D N     1 
ATOM   198  C CA    . GLN B 2 20 ? -14.13324 -1.76343  -14.81165 1.000 63.57958 ? 20  GLN D CA    1 
ATOM   199  C C     . GLN B 2 20 ? -14.51685 -0.45361  -14.14089 1.000 64.00955 ? 20  GLN D C     1 
ATOM   200  O O     . GLN B 2 20 ? -15.27353 0.33673   -14.72781 1.000 65.67160 ? 20  GLN D O     1 
ATOM   201  C CB    . GLN B 2 20 ? -15.38065 -2.36161  -15.47258 1.000 68.05782 ? 20  GLN D CB    1 
ATOM   202  C CG    . GLN B 2 20 ? -15.10031 -3.30243  -16.62748 1.000 71.37552 ? 20  GLN D CG    1 
ATOM   203  C CD    . GLN B 2 20 ? -15.45902 -4.73536  -16.29631 1.000 68.91871 ? 20  GLN D CD    1 
ATOM   204  O OE1   . GLN B 2 20 ? -15.42351 -5.14063  -15.13453 1.000 68.48123 ? 20  GLN D OE1   1 
ATOM   205  N NE2   . GLN B 2 20 ? -15.83337 -5.50543  -17.31591 1.000 71.69659 ? 20  GLN D NE2   1 
ATOM   206  N N     . MET B 2 21 ? -14.01273 -0.18064  -12.94624 1.000 56.26878 ? 21  MET D N     1 
ATOM   207  C CA    . MET B 2 21 ? -14.45047 0.99414   -12.21250 1.000 55.68116 ? 21  MET D CA    1 
ATOM   208  C C     . MET B 2 21 ? -13.44594 2.13223   -12.32060 1.000 52.76063 ? 21  MET D C     1 
ATOM   209  O O     . MET B 2 21 ? -12.29727 1.95273   -12.73575 1.000 53.86754 ? 21  MET D O     1 
ATOM   210  C CB    . MET B 2 21 ? -14.69118 0.65408   -10.73969 1.000 54.02033 ? 21  MET D CB    1 
ATOM   211  C CG    . MET B 2 21 ? -15.24957 -0.72991  -10.51020 1.000 55.65083 ? 21  MET D CG    1 
ATOM   212  S SD    . MET B 2 21 ? -15.75074 -0.93023  -8.79491  1.000 59.48048 ? 21  MET D SD    1 
ATOM   213  C CE    . MET B 2 21 ? -16.73841 -2.41527  -8.90716  1.000 54.15279 ? 21  MET D CE    1 
ATOM   214  N N     . ASN B 2 22 ? -13.91174 3.32022   -11.95202 1.000 50.48200 ? 22  ASN D N     1 
ATOM   215  C CA    . ASN B 2 22 ? -13.03436 4.45330   -11.73914 1.000 51.65559 ? 22  ASN D CA    1 
ATOM   216  C C     . ASN B 2 22 ? -12.46314 4.42480   -10.32080 1.000 47.32131 ? 22  ASN D C     1 
ATOM   217  O O     . ASN B 2 22 ? -12.82139 3.58923   -9.48515  1.000 46.48688 ? 22  ASN D O     1 
ATOM   218  C CB    . ASN B 2 22 ? -13.77043 5.76772   -11.98996 1.000 47.26847 ? 22  ASN D CB    1 
ATOM   219  C CG    . ASN B 2 22 ? -14.34933 5.85718   -13.39371 1.000 54.65973 ? 22  ASN D CG    1 
ATOM   220  O OD1   . ASN B 2 22 ? -13.83172 5.24695   -14.32889 1.000 53.44302 ? 22  ASN D OD1   1 
ATOM   221  N ND2   . ASN B 2 22 ? -15.41370 6.63610   -13.54856 1.000 56.03700 ? 22  ASN D ND2   1 
ATOM   222  N N     . THR B 2 23 ? -11.55656 5.36214   -10.06242 1.000 44.59991 ? 23  THR D N     1 
ATOM   223  C CA    . THR B 2 23 ? -10.85503 5.47198   -8.79026  1.000 45.76837 ? 23  THR D CA    1 
ATOM   224  C C     . THR B 2 23 ? -10.98566 6.90733   -8.31574  1.000 44.49258 ? 23  THR D C     1 
ATOM   225  O O     . THR B 2 23 ? -10.55036 7.83101   -9.01236  1.000 43.24662 ? 23  THR D O     1 
ATOM   226  C CB    . THR B 2 23 ? -9.37314  5.10030   -8.93430  1.000 46.32911 ? 23  THR D CB    1 
ATOM   227  O OG1   . THR B 2 23 ? -9.24910  3.74094   -9.37140  1.000 42.96141 ? 23  THR D OG1   1 
ATOM   228  C CG2   . THR B 2 23 ? -8.65008  5.27504   -7.60395  1.000 43.19170 ? 23  THR D CG2   1 
ATOM   229  N N     . SER B 2 24 ? -11.58953 7.10058   -7.14901  1.000 40.80914 ? 24  SER D N     1 
ATOM   230  C CA    . SER B 2 24 ? -11.70226 8.45107   -6.61674  1.000 38.90099 ? 24  SER D CA    1 
ATOM   231  C C     . SER B 2 24 ? -10.32969 9.00264   -6.21921  1.000 41.62534 ? 24  SER D C     1 
ATOM   232  O O     . SER B 2 24 ? -9.35821  8.26341   -6.02808  1.000 39.32786 ? 24  SER D O     1 
ATOM   233  C CB    . SER B 2 24 ? -12.64297 8.47694   -5.41493  1.000 45.82022 ? 24  SER D CB    1 
ATOM   234  O OG    . SER B 2 24 ? -11.97054 8.06557   -4.23160  1.000 45.46848 ? 24  SER D OG    1 
ATOM   235  N N     . ALA B 2 25 ? -10.27687 10.32789  -6.07050  1.000 37.36053 ? 25  ALA D N     1 
ATOM   236  C CA    . ALA B 2 25 ? -9.03536  11.00864  -5.71000  1.000 43.63779 ? 25  ALA D CA    1 
ATOM   237  C C     . ALA B 2 25 ? -8.52162  10.55824  -4.34906  1.000 47.91993 ? 25  ALA D C     1 
ATOM   238  O O     . ALA B 2 25 ? -7.34717  10.18796  -4.20578  1.000 43.41401 ? 25  ALA D O     1 
ATOM   239  C CB    . ALA B 2 25 ? -9.25097  12.52390  -5.71439  1.000 41.84390 ? 25  ALA D CB    1 
ATOM   240  N N     . GLU B 2 26 ? -9.38362  10.58957  -3.32820  1.000 42.57387 ? 26  GLU D N     1 
ATOM   241  C CA    . GLU B 2 26 ? -8.90632  10.28433  -1.98625  1.000 41.68469 ? 26  GLU D CA    1 
ATOM   242  C C     . GLU B 2 26 ? -8.63769  8.79730   -1.77108  1.000 36.89468 ? 26  GLU D C     1 
ATOM   243  O O     . GLU B 2 26 ? -8.01378  8.45465   -0.76149  1.000 37.04646 ? 26  GLU D O     1 
ATOM   244  C CB    . GLU B 2 26 ? -9.88883  10.83050  -0.94897  1.000 39.88209 ? 26  GLU D CB    1 
ATOM   245  C CG    . GLU B 2 26 ? -10.13940 12.32757  -1.10313  1.000 41.21147 ? 26  GLU D CG    1 
ATOM   246  C CD    . GLU B 2 26 ? -10.63356 13.01808  0.16204   1.000 45.18903 ? 26  GLU D CD    1 
ATOM   247  O OE1   . GLU B 2 26 ? -10.11046 12.75717  1.26933   1.000 43.61295 ? 26  GLU D OE1   1 
ATOM   248  O OE2   . GLU B 2 26 ? -11.55893 13.84539  0.03919   1.000 50.71207 ? 26  GLU D OE2   1 
ATOM   249  N N     . THR B 2 27 ? -9.06014  7.91997   -2.69316  1.000 36.83215 ? 27  THR D N     1 
ATOM   250  C CA    . THR B 2 27 ? -8.64155  6.51690   -2.64293  1.000 36.91151 ? 27  THR D CA    1 
ATOM   251  C C     . THR B 2 27 ? -7.12275  6.40733   -2.69232  1.000 39.71754 ? 27  THR D C     1 
ATOM   252  O O     . THR B 2 27 ? -6.52269  5.59575   -1.97362  1.000 31.50597 ? 27  THR D O     1 
ATOM   253  C CB    . THR B 2 27 ? -9.25017  5.72540   -3.80524  1.000 38.85611 ? 27  THR D CB    1 
ATOM   254  O OG1   . THR B 2 27 ? -10.67736 5.64184   -3.65993  1.000 40.31125 ? 27  THR D OG1   1 
ATOM   255  C CG2   . THR B 2 27 ? -8.67153  4.31004   -3.85488  1.000 37.16203 ? 27  THR D CG2   1 
ATOM   256  N N     . ILE B 2 28 ? -6.48942  7.21618   -3.54538  1.000 37.95599 ? 28  ILE D N     1 
ATOM   257  C CA    . ILE B 2 28 ? -5.02972  7.26214   -3.60339  1.000 36.71167 ? 28  ILE D CA    1 
ATOM   258  C C     . ILE B 2 28 ? -4.46413  7.70385   -2.26503  1.000 34.57336 ? 28  ILE D C     1 
ATOM   259  O O     . ILE B 2 28 ? -3.48424  7.14209   -1.77085  1.000 32.04801 ? 28  ILE D O     1 
ATOM   260  C CB    . ILE B 2 28 ? -4.55342  8.20338   -4.72461  1.000 37.02992 ? 28  ILE D CB    1 
ATOM   261  C CG1   . ILE B 2 28 ? -5.05460  7.74793   -6.10654  1.000 38.99193 ? 28  ILE D CG1   1 
ATOM   262  C CG2   . ILE B 2 28 ? -3.03566  8.32688   -4.68065  1.000 36.18477 ? 28  ILE D CG2   1 
ATOM   263  C CD1   . ILE B 2 28 ? -4.91322  6.27437   -6.38847  1.000 37.34854 ? 28  ILE D CD1   1 
ATOM   264  N N     . ASP B 2 29 ? -5.05187  8.75028   -1.68372  1.000 36.75006 ? 29  ASP D N     1 
ATOM   265  C CA    . ASP B 2 29 ? -4.60320  9.26311   -0.39230  1.000 39.21276 ? 29  ASP D CA    1 
ATOM   266  C C     . ASP B 2 29 ? -4.59597  8.17507   0.68270   1.000 38.06265 ? 29  ASP D C     1 
ATOM   267  O O     . ASP B 2 29 ? -3.63256  8.04239   1.45757   1.000 36.06253 ? 29  ASP D O     1 
ATOM   268  C CB    . ASP B 2 29 ? -5.52355  10.40592  0.03837   1.000 43.38914 ? 29  ASP D CB    1 
ATOM   269  C CG    . ASP B 2 29 ? -4.77649  11.64611  0.43140   1.000 50.20862 ? 29  ASP D CG    1 
ATOM   270  O OD1   . ASP B 2 29 ? -3.65472  11.52187  0.95948   1.000 56.75475 ? 29  ASP D OD1   1 
ATOM   271  O OD2   . ASP B 2 29 ? -5.33993  12.75481  0.24690   1.000 60.26035 ? 29  ASP D OD2   1 
ATOM   272  N N     . VAL B 2 30 ? -5.68511  7.40994   0.78064   1.000 34.01580 ? 30  VAL D N     1 
ATOM   273  C CA    . VAL B 2 30 ? -5.73818  6.44737   1.87839   1.000 31.97101 ? 30  VAL D CA    1 
ATOM   274  C C     . VAL B 2 30 ? -4.90555  5.21849   1.55445   1.000 29.74709 ? 30  VAL D C     1 
ATOM   275  O O     . VAL B 2 30 ? -4.36520  4.58182   2.46478   1.000 31.64105 ? 30  VAL D O     1 
ATOM   276  C CB    . VAL B 2 30 ? -7.18546  6.06180   2.24844   1.000 32.90494 ? 30  VAL D CB    1 
ATOM   277  C CG1   . VAL B 2 30 ? -7.95997  7.28767   2.72411   1.000 33.78100 ? 30  VAL D CG1   1 
ATOM   278  C CG2   . VAL B 2 30 ? -7.88240  5.36838   1.09511   1.000 38.74954 ? 30  VAL D CG2   1 
ATOM   279  N N     . LEU B 2 31 ? -4.76953  4.86468   0.27509   1.000 32.20772 ? 31  LEU D N     1 
ATOM   280  C CA    . LEU B 2 31 ? -3.83345  3.80210   -0.07962  1.000 31.98590 ? 31  LEU D CA    1 
ATOM   281  C C     . LEU B 2 31 ? -2.42054  4.17761   0.35245   1.000 31.93415 ? 31  LEU D C     1 
ATOM   282  O O     . LEU B 2 31 ? -1.67668  3.34068   0.87819   1.000 30.54411 ? 31  LEU D O     1 
ATOM   283  C CB    . LEU B 2 31 ? -3.89340  3.53708   -1.58801  1.000 35.29697 ? 31  LEU D CB    1 
ATOM   284  C CG    . LEU B 2 31 ? -5.01619  2.64088   -2.14305  1.000 35.64427 ? 31  LEU D CG    1 
ATOM   285  C CD1   . LEU B 2 31 ? -5.00982  2.59093   -3.67283  1.000 36.25862 ? 31  LEU D CD1   1 
ATOM   286  C CD2   . LEU B 2 31 ? -4.94991  1.23027   -1.56310  1.000 32.85876 ? 31  LEU D CD2   1 
ATOM   287  N N     . SER B 2 32 ? -2.05261  5.44580   0.14303   1.000 30.20353 ? 32  SER D N     1 
ATOM   288  C CA    . SER B 2 32 ? -0.76073  5.96449   0.57279   1.000 35.24229 ? 32  SER D CA    1 
ATOM   289  C C     . SER B 2 32 ? -0.61703  5.93474   2.09309   1.000 35.52999 ? 32  SER D C     1 
ATOM   290  O O     . SER B 2 32 ? 0.44416   5.56855   2.61577   1.000 34.51074 ? 32  SER D O     1 
ATOM   291  C CB    . SER B 2 32 ? -0.59100  7.38495   0.01740   1.000 35.94868 ? 32  SER D CB    1 
ATOM   292  O OG    . SER B 2 32 ? 0.72490   7.86575   0.21098   1.000 49.07924 ? 32  SER D OG    1 
ATOM   293  N N     . LYS B 2 33 ? -1.67979  6.28596   2.82592   1.000 34.30126 ? 33  LYS D N     1 
ATOM   294  C CA    . LYS B 2 33 ? -1.63386  6.19122   4.28707   1.000 33.99697 ? 33  LYS D CA    1 
ATOM   295  C C     . LYS B 2 33 ? -1.38843  4.75242   4.74330   1.000 30.80787 ? 33  LYS D C     1 
ATOM   296  O O     . LYS B 2 33 ? -0.63746  4.51578   5.69994   1.000 30.87732 ? 33  LYS D O     1 
ATOM   297  C CB    . LYS B 2 33 ? -2.93294  6.73575   4.89673   1.000 36.69975 ? 33  LYS D CB    1 
ATOM   298  C CG    . LYS B 2 33 ? -2.95515  6.72638   6.43547   1.000 43.53977 ? 33  LYS D CG    1 
ATOM   299  C CD    . LYS B 2 33 ? -2.26270  7.95874   6.99413   1.000 43.83047 ? 33  LYS D CD    1 
ATOM   300  C CE    . LYS B 2 33 ? -2.06931  7.89103   8.50377   1.000 51.35300 ? 33  LYS D CE    1 
ATOM   301  N NZ    . LYS B 2 33 ? -3.30715  7.43427   9.20052   1.000 56.19190 ? 33  LYS D NZ    1 
ATOM   302  N N     . ALA B 2 34 ? -2.02282  3.78447   4.07520   1.000 31.86914 ? 34  ALA D N     1 
ATOM   303  C CA    . ALA B 2 34 ? -1.81163  2.37860   4.40747   1.000 35.52820 ? 34  ALA D CA    1 
ATOM   304  C C     . ALA B 2 34 ? -0.35938  1.98620   4.21419   1.000 33.33971 ? 34  ALA D C     1 
ATOM   305  O O     . ALA B 2 34 ? 0.18541   1.20794   4.99974   1.000 30.43296 ? 34  ALA D O     1 
ATOM   306  C CB    . ALA B 2 34 ? -2.71489  1.49038   3.54863   1.000 34.94178 ? 34  ALA D CB    1 
ATOM   307  N N     . ILE B 2 35 ? 0.28999   2.52562   3.17452   1.000 33.51067 ? 35  ILE D N     1 
ATOM   308  C CA    . ILE B 2 35 ? 1.71184   2.25590   2.96536   1.000 29.39075 ? 35  ILE D CA    1 
ATOM   309  C C     . ILE B 2 35 ? 2.53701   2.81447   4.10883   1.000 32.01883 ? 35  ILE D C     1 
ATOM   310  O O     . ILE B 2 35 ? 3.43775   2.13719   4.62344   1.000 34.05037 ? 35  ILE D O     1 
ATOM   311  C CB    . ILE B 2 35 ? 2.18989   2.82431   1.61831   1.000 32.44325 ? 35  ILE D CB    1 
ATOM   312  C CG1   . ILE B 2 35 ? 1.57955   2.02089   0.47929   1.000 31.40525 ? 35  ILE D CG1   1 
ATOM   313  C CG2   . ILE B 2 35 ? 3.73340   2.76371   1.55719   1.000 31.57703 ? 35  ILE D CG2   1 
ATOM   314  C CD1   . ILE B 2 35 ? 1.92977   0.55252   0.56950   1.000 39.07640 ? 35  ILE D CD1   1 
ATOM   315  N N     . GLU B 2 36 ? 2.28330   4.07783   4.48761   1.000 28.47131 ? 36  GLU D N     1 
ATOM   316  C CA    . GLU B 2 36 ? 2.99350   4.68471   5.61434   1.000 33.02011 ? 36  GLU D CA    1 
ATOM   317  C C     . GLU B 2 36 ? 2.90852   3.82101   6.86226   1.000 33.47185 ? 36  GLU D C     1 
ATOM   318  O O     . GLU B 2 36 ? 3.89683   3.65842   7.59391   1.000 28.80855 ? 36  GLU D O     1 
ATOM   319  C CB    . GLU B 2 36 ? 2.41932   6.06237   5.93864   1.000 35.40450 ? 36  GLU D CB    1 
ATOM   320  C CG    . GLU B 2 36 ? 2.78953   7.17531   5.00000   1.000 44.33026 ? 36  GLU D CG    1 
ATOM   321  C CD    . GLU B 2 36 ? 2.03298   8.46109   5.31842   1.000 51.71090 ? 36  GLU D CD    1 
ATOM   322  O OE1   . GLU B 2 36 ? 1.71190   8.66693   6.51699   1.000 60.90077 ? 36  GLU D OE1   1 
ATOM   323  O OE2   . GLU B 2 36 ? 1.75063   9.25304   4.38271   1.000 53.93748 ? 36  GLU D OE2   1 
ATOM   324  N N     . GLN B 2 37 ? 1.72220   3.27721   7.13869   1.000 33.12042 ? 37  GLN D N     1 
ATOM   325  C CA    . GLN B 2 37 ? 1.53838   2.49507   8.35781   1.000 34.04333 ? 37  GLN D CA    1 
ATOM   326  C C     . GLN B 2 37 ? 2.25559   1.15133   8.27357   1.000 32.09189 ? 37  GLN D C     1 
ATOM   327  O O     . GLN B 2 37 ? 2.87389   0.71095   9.24953   1.000 32.95746 ? 37  GLN D O     1 
ATOM   328  C CB    . GLN B 2 37 ? 0.04697   2.29577   8.61900   1.000 37.57349 ? 37  GLN D CB    1 
ATOM   329  C CG    . GLN B 2 37 ? -0.72778  3.58428   8.86874   1.000 40.86208 ? 37  GLN D CG    1 
ATOM   330  C CD    . GLN B 2 37 ? -0.21810  4.35895   10.07249  1.000 42.66399 ? 37  GLN D CD    1 
ATOM   331  O OE1   . GLN B 2 37 ? -0.36116  3.91336   11.21461  1.000 52.36154 ? 37  GLN D OE1   1 
ATOM   332  N NE2   . GLN B 2 37 ? 0.35096   5.53605   9.82819   1.000 46.55828 ? 37  GLN D NE2   1 
ATOM   333  N N     . LEU B 2 38 ? 2.17292   0.48135   7.12399   1.000 27.97849 ? 38  LEU D N     1 
ATOM   334  C CA    . LEU B 2 38 ? 2.92508   -0.75458  6.92996   1.000 34.05106 ? 38  LEU D CA    1 
ATOM   335  C C     . LEU B 2 38 ? 4.42575   -0.53282  7.10218   1.000 34.73345 ? 38  LEU D C     1 
ATOM   336  O O     . LEU B 2 38 ? 5.11730   -1.36740  7.69986   1.000 31.47259 ? 38  LEU D O     1 
ATOM   337  C CB    . LEU B 2 38 ? 2.62166   -1.32594  5.54487   1.000 31.00278 ? 38  LEU D CB    1 
ATOM   338  C CG    . LEU B 2 38 ? 1.27848   -2.03952  5.37162   1.000 37.96947 ? 38  LEU D CG    1 
ATOM   339  C CD1   . LEU B 2 38 ? 1.07882   -2.34583  3.89906   1.000 37.19663 ? 38  LEU D CD1   1 
ATOM   340  C CD2   . LEU B 2 38 ? 1.21247   -3.32298  6.22463   1.000 39.20900 ? 38  LEU D CD2   1 
ATOM   341  N N     . CYS B 2 39 ? 4.94752   0.58146   6.56854   1.000 33.12746 ? 39  CYS D N     1 
ATOM   342  C CA    . CYS B 2 39 ? 6.37441   0.88312   6.68859   1.000 30.24561 ? 39  CYS D CA    1 
ATOM   343  C C     . CYS B 2 39 ? 6.77512   1.14572   8.12949   1.000 34.01510 ? 39  CYS D C     1 
ATOM   344  O O     . CYS B 2 39 ? 7.85501   0.72580   8.56974   1.000 30.12815 ? 39  CYS D O     1 
ATOM   345  C CB    . CYS B 2 39 ? 6.72871   2.10134   5.83024   1.000 32.52000 ? 39  CYS D CB    1 
ATOM   346  S SG    . CYS B 2 39 ? 6.66545   1.78297   4.08310   1.000 31.81975 ? 39  CYS D SG    1 
ATOM   347  N N     . LEU B 2 40 ? 5.93198   1.86167   8.87719   1.000 28.99508 ? 40  LEU D N     1 
ATOM   348  C CA    . LEU B 2 40 ? 6.27217   2.18295   10.25780  1.000 31.32959 ? 40  LEU D CA    1 
ATOM   349  C C     . LEU B 2 40 ? 6.19867   0.94546   11.16170  1.000 31.57645 ? 40  LEU D C     1 
ATOM   350  O O     . LEU B 2 40 ? 7.01013   0.79604   12.08210  1.000 32.49692 ? 40  LEU D O     1 
ATOM   351  C CB    . LEU B 2 40 ? 5.35651   3.30001   10.74959  1.000 37.86573 ? 40  LEU D CB    1 
ATOM   352  C CG    . LEU B 2 40 ? 5.85167   4.74484   10.58404  1.000 39.85597 ? 40  LEU D CG    1 
ATOM   353  C CD1   . LEU B 2 40 ? 6.66354   4.95085   9.30780   1.000 40.15161 ? 40  LEU D CD1   1 
ATOM   354  C CD2   . LEU B 2 40 ? 4.63458   5.68536   10.60523  1.000 38.19290 ? 40  LEU D CD2   1 
ATOM   355  N N     . LYS B 2 41 ? 5.24016   0.04634   10.91752  1.000 33.69623 ? 41  LYS D N     1 
ATOM   356  C CA    . LYS B 2 41 ? 5.25593   -1.24722  11.60274  1.000 34.97712 ? 41  LYS D CA    1 
ATOM   357  C C     . LYS B 2 41 ? 6.47482   -2.07177  11.20061  1.000 35.42760 ? 41  LYS D C     1 
ATOM   358  O O     . LYS B 2 41 ? 7.01525   -2.82980  12.01320  1.000 32.81657 ? 41  LYS D O     1 
ATOM   359  C CB    . LYS B 2 41 ? 3.99997   -2.05634  11.29358  1.000 38.62472 ? 41  LYS D CB    1 
ATOM   360  C CG    . LYS B 2 41 ? 2.66431   -1.45467  11.66639  1.000 41.31148 ? 41  LYS D CG    1 
ATOM   361  C CD    . LYS B 2 41 ? 1.63035   -2.59585  11.73429  1.000 46.57560 ? 41  LYS D CD    1 
ATOM   362  C CE    . LYS B 2 41 ? 0.71266   -2.59995  10.50154  1.000 56.89223 ? 41  LYS D CE    1 
ATOM   363  N NZ    . LYS B 2 41 ? -0.72380  -2.37076  10.81584  1.000 70.95570 ? 41  LYS D NZ    1 
ATOM   364  N N     . GLY B 2 42 ? 6.87839   -1.98402  9.93054   1.000 33.26283 ? 42  GLY D N     1 
ATOM   365  C CA    . GLY B 2 42 ? 8.08979   -2.66761  9.50418   1.000 32.98871 ? 42  GLY D CA    1 
ATOM   366  C C     . GLY B 2 42 ? 9.31241   -2.20401  10.26923  1.000 29.89326 ? 42  GLY D C     1 
ATOM   367  O O     . GLY B 2 42 ? 10.14072  -3.02052  10.68901  1.000 31.81057 ? 42  GLY D O     1 
ATOM   368  N N     . VAL B 2 43 ? 9.44583   -0.88545  10.46125  1.000 28.73003 ? 43  VAL D N     1 
ATOM   369  C CA    . VAL B 2 43 ? 10.55986  -0.36211  11.24718  1.000 31.12084 ? 43  VAL D CA    1 
ATOM   370  C C     . VAL B 2 43 ? 10.52345  -0.91983  12.66747  1.000 32.66856 ? 43  VAL D C     1 
ATOM   371  O O     . VAL B 2 43 ? 11.56608  -1.28296  13.23328  1.000 29.93056 ? 43  VAL D O     1 
ATOM   372  C CB    . VAL B 2 43 ? 10.53917  1.17590   11.23926  1.000 30.10769 ? 43  VAL D CB    1 
ATOM   373  C CG1   . VAL B 2 43 ? 11.44348  1.72991   12.32029  1.000 34.38261 ? 43  VAL D CG1   1 
ATOM   374  C CG2   . VAL B 2 43 ? 10.93358  1.72015   9.83411   1.000 29.73375 ? 43  VAL D CG2   1 
ATOM   375  N N     . GLU B 2 44 ? 9.32583   -0.99971  13.27072  1.000 32.46153 ? 44  GLU D N     1 
ATOM   376  C CA    . GLU B 2 44 ? 9.23290   -1.55712  14.62538  1.000 36.64213 ? 44  GLU D CA    1 
ATOM   377  C C     . GLU B 2 44 ? 9.60090   -3.03590  14.64255  1.000 33.59658 ? 44  GLU D C     1 
ATOM   378  O O     . GLU B 2 44 ? 10.30331  -3.50094  15.55103  1.000 35.14564 ? 44  GLU D O     1 
ATOM   379  C CB    . GLU B 2 44 ? 7.83079   -1.34503  15.20060  1.000 37.37547 ? 44  GLU D CB    1 
ATOM   380  C CG    . GLU B 2 44 ? 7.50724   0.10623   15.55367  1.000 42.61472 ? 44  GLU D CG    1 
ATOM   381  C CD    . GLU B 2 44 ? 8.62979   0.81292   16.32804  1.000 53.27040 ? 44  GLU D CD    1 
ATOM   382  O OE1   . GLU B 2 44 ? 8.90240   0.43429   17.49462  1.000 56.16816 ? 44  GLU D OE1   1 
ATOM   383  O OE2   . GLU B 2 44 ? 9.23446   1.76307   15.77262  1.000 52.86950 ? 44  GLU D OE2   1 
ATOM   384  N N     . SER B 2 45 ? 9.14331   -3.79498  13.64833  1.000 31.12810 ? 45  SER D N     1 
ATOM   385  C CA    . SER B 2 45 ? 9.52450   -5.20567  13.56019  1.000 31.68080 ? 45  SER D CA    1 
ATOM   386  C C     . SER B 2 45 ? 11.03892  -5.36936  13.42461  1.000 33.24226 ? 45  SER D C     1 
ATOM   387  O O     . SER B 2 45 ? 11.65078  -6.24202  14.07236  1.000 29.88284 ? 45  SER D O     1 
ATOM   388  C CB    . SER B 2 45 ? 8.80270   -5.86078  12.37545  1.000 29.39417 ? 45  SER D CB    1 
ATOM   389  O OG    . SER B 2 45 ? 9.30973   -7.17086  12.14146  1.000 33.65495 ? 45  SER D OG    1 
ATOM   390  N N     . ALA B 2 46 ? 11.66923  -4.52812  12.60208  1.000 29.98839 ? 46  ALA D N     1 
ATOM   391  C CA    . ALA B 2 46 ? 13.10730  -4.65901  12.39052  1.000 28.88339 ? 46  ALA D CA    1 
ATOM   392  C C     . ALA B 2 46 ? 13.87647  -4.28151  13.64826  1.000 28.32472 ? 46  ALA D C     1 
ATOM   393  O O     . ALA B 2 46 ? 14.84566  -4.94893  14.01135  1.000 30.20701 ? 46  ALA D O     1 
ATOM   394  C CB    . ALA B 2 46 ? 13.55114  -3.79277  11.20315  1.000 27.50960 ? 46  ALA D CB    1 
ATOM   395  N N     . LYS B 2 47 ? 13.45245  -3.21461  14.32114  1.000 25.60302 ? 47  LYS D N     1 
ATOM   396  C CA    . LYS B 2 47 ? 14.10489  -2.78165  15.54475  1.000 28.93371 ? 47  LYS D CA    1 
ATOM   397  C C     . LYS B 2 47 ? 14.06375  -3.87630  16.61172  1.000 32.07010 ? 47  LYS D C     1 
ATOM   398  O O     . LYS B 2 47 ? 15.07577  -4.15198  17.26319  1.000 31.87812 ? 47  LYS D O     1 
ATOM   399  C CB    . LYS B 2 47 ? 13.44689  -1.49565  16.04368  1.000 32.92342 ? 47  LYS D CB    1 
ATOM   400  C CG    . LYS B 2 47 ? 14.17585  -0.82738  17.19666  1.000 41.19586 ? 47  LYS D CG    1 
ATOM   401  C CD    . LYS B 2 47 ? 13.26698  0.19720   17.87017  1.000 46.28433 ? 47  LYS D CD    1 
ATOM   402  C CE    . LYS B 2 47 ? 13.80169  1.60971   17.66140  1.000 56.17892 ? 47  LYS D CE    1 
ATOM   403  N NZ    . LYS B 2 47 ? 13.14716  2.62508   18.55142  1.000 61.61151 ? 47  LYS D NZ    1 
ATOM   404  N N     . ALA B 2 48 ? 12.91971  -4.54200  16.76672  1.000 30.71834 ? 48  ALA D N     1 
ATOM   405  C CA    . ALA B 2 48 ? 12.80365  -5.63469  17.73169  1.000 37.54465 ? 48  ALA D CA    1 
ATOM   406  C C     . ALA B 2 48 ? 13.64887  -6.85854  17.36205  1.000 37.20091 ? 48  ALA D C     1 
ATOM   407  O O     . ALA B 2 48 ? 13.85590  -7.73159  18.21614  1.000 33.82943 ? 48  ALA D O     1 
ATOM   408  C CB    . ALA B 2 48 ? 11.33068  -6.03110  17.87619  1.000 34.62700 ? 48  ALA D CB    1 
ATOM   409  N N     . ASP B 2 49 ? 14.12787  -6.95326  16.11793  1.000 32.50712 ? 49  ASP D N     1 
ATOM   410  C CA    . ASP B 2 49 ? 15.05550  -8.00037  15.68292  1.000 33.32904 ? 49  ASP D CA    1 
ATOM   411  C C     . ASP B 2 49 ? 16.50435  -7.54479  15.79494  1.000 35.41858 ? 49  ASP D C     1 
ATOM   412  O O     . ASP B 2 49 ? 17.42072  -8.31151  15.46935  1.000 33.84727 ? 49  ASP D O     1 
ATOM   413  C CB    . ASP B 2 49 ? 14.75406  -8.39086  14.22509  1.000 40.32208 ? 49  ASP D CB    1 
ATOM   414  C CG    . ASP B 2 49 ? 14.05401  -9.73159  14.09489  1.000 43.45131 ? 49  ASP D CG    1 
ATOM   415  O OD1   . ASP B 2 49 ? 13.51345  -10.22378 15.10447  1.000 50.85031 ? 49  ASP D OD1   1 
ATOM   416  O OD2   . ASP B 2 49 ? 13.98395  -10.26657 12.96009  1.000 51.82883 ? 49  ASP D OD2   1 
ATOM   417  N N     . GLY B 2 50 ? 16.72228  -6.29661  16.20110  1.000 32.53451 ? 50  GLY D N     1 
ATOM   418  C CA    . GLY B 2 50 ? 18.04792  -5.70747  16.22803  1.000 32.49529 ? 50  GLY D CA    1 
ATOM   419  C C     . GLY B 2 50 ? 18.64395  -5.41721  14.86571  1.000 35.71164 ? 50  GLY D C     1 
ATOM   420  O O     . GLY B 2 50 ? 19.86792  -5.35538  14.74123  1.000 30.89796 ? 50  GLY D O     1 
ATOM   421  N N     . ARG B 2 51 ? 17.81103  -5.23440  13.83970  1.000 30.31103 ? 51  ARG D N     1 
ATOM   422  C CA    . ARG B 2 51 ? 18.28629  -5.00910  12.48842  1.000 31.39459 ? 51  ARG D CA    1 
ATOM   423  C C     . ARG B 2 51 ? 18.19284  -3.52605  12.14375  1.000 31.24419 ? 51  ARG D C     1 
ATOM   424  O O     . ARG B 2 51 ? 17.54521  -2.72601  12.83200  1.000 30.81169 ? 51  ARG D O     1 
ATOM   425  C CB    . ARG B 2 51 ? 17.50579  -5.86594  11.48108  1.000 27.73850 ? 51  ARG D CB    1 
ATOM   426  C CG    . ARG B 2 51 ? 17.87091  -7.36742  11.55617  1.000 31.96571 ? 51  ARG D CG    1 
ATOM   427  C CD    . ARG B 2 51 ? 17.15629  -8.17961  10.48517  1.000 32.87769 ? 51  ARG D CD    1 
ATOM   428  N NE    . ARG B 2 51 ? 15.79825  -8.53270  10.88799  1.000 30.18415 ? 51  ARG D NE    1 
ATOM   429  C CZ    . ARG B 2 51 ? 14.70029  -7.92597  10.45250  1.000 30.33137 ? 51  ARG D CZ    1 
ATOM   430  N NH1   . ARG B 2 51 ? 14.75900  -6.91776  9.59423   1.000 29.69324 ? 51  ARG D NH1   1 
ATOM   431  N NH2   . ARG B 2 51 ? 13.51099  -8.35244  10.87427  1.000 29.69753 ? 51  ARG D NH2   1 
ATOM   432  N N     . LYS B 2 52 ? 18.87962  -3.16040  11.06775  1.000 27.22168 ? 52  LYS D N     1 
ATOM   433  C CA    . LYS B 2 52 ? 18.88910  -1.78663  10.58532  1.000 28.34190 ? 52  LYS D CA    1 
ATOM   434  C C     . LYS B 2 52 ? 18.24485  -1.67981  9.21541   1.000 26.35491 ? 52  LYS D C     1 
ATOM   435  O O     . LYS B 2 52 ? 18.43189  -0.66803  8.53407   1.000 28.22497 ? 52  LYS D O     1 
ATOM   436  C CB    . LYS B 2 52 ? 20.32263  -1.24478  10.52809  1.000 29.22075 ? 52  LYS D CB    1 
ATOM   437  C CG    . LYS B 2 52 ? 21.07450  -1.31656  11.86655  1.000 38.72063 ? 52  LYS D CG    1 
ATOM   438  C CD    . LYS B 2 52 ? 22.53382  -0.86028  11.70223  1.000 39.45477 ? 52  LYS D CD    1 
ATOM   439  C CE    . LYS B 2 52 ? 22.61169  0.62234   11.31610  1.000 48.12449 ? 52  LYS D CE    1 
ATOM   440  N NZ    . LYS B 2 52 ? 23.98279  1.20131   11.51360  1.000 44.71050 ? 52  LYS D NZ    1 
ATOM   441  N N     . THR B 2 53 ? 17.54007  -2.72063  8.77550   1.000 24.85951 ? 53  THR D N     1 
ATOM   442  C CA    . THR B 2 53 ? 17.01021  -2.80657  7.42293   1.000 25.32420 ? 53  THR D CA    1 
ATOM   443  C C     . THR B 2 53 ? 15.59903  -3.35007  7.53269   1.000 30.30109 ? 53  THR D C     1 
ATOM   444  O O     . THR B 2 53 ? 15.38994  -4.38035  8.18115   1.000 27.26531 ? 53  THR D O     1 
ATOM   445  C CB    . THR B 2 53 ? 17.86068  -3.74807  6.53564   1.000 29.25181 ? 53  THR D CB    1 
ATOM   446  O OG1   . THR B 2 53 ? 19.24816  -3.38582  6.59772   1.000 25.58880 ? 53  THR D OG1   1 
ATOM   447  C CG2   . THR B 2 53 ? 17.38619  -3.73134  5.07486   1.000 26.12610 ? 53  THR D CG2   1 
ATOM   448  N N     . VAL B 2 54 ? 14.63600  -2.66461  6.91892   1.000 26.77687 ? 54  VAL D N     1 
ATOM   449  C CA    . VAL B 2 54 ? 13.26945  -3.17921  6.84219   1.000 25.66755 ? 54  VAL D CA    1 
ATOM   450  C C     . VAL B 2 54 ? 13.18291  -4.20382  5.71337   1.000 27.13249 ? 54  VAL D C     1 
ATOM   451  O O     . VAL B 2 54 ? 13.28373  -3.85738  4.53378   1.000 26.69925 ? 54  VAL D O     1 
ATOM   452  C CB    . VAL B 2 54 ? 12.25723  -2.04771  6.64528   1.000 24.99140 ? 54  VAL D CB    1 
ATOM   453  C CG1   . VAL B 2 54 ? 10.84214  -2.63566  6.54009   1.000 26.64353 ? 54  VAL D CG1   1 
ATOM   454  C CG2   . VAL B 2 54 ? 12.35880  -1.07539  7.82042   1.000 25.44764 ? 54  VAL D CG2   1 
ATOM   455  N N     . MET B 2 55 ? 12.96004  -5.47279  6.06703   1.000 25.03226 ? 55  MET D N     1 
ATOM   456  C CA    . MET B 2 55 ? 12.96277  -6.54717  5.08240   1.000 29.63874 ? 55  MET D CA    1 
ATOM   457  C C     . MET B 2 55 ? 11.55309  -7.09462  4.88227   1.000 27.57335 ? 55  MET D C     1 
ATOM   458  O O     . MET B 2 55 ? 10.61569  -6.73558  5.59688   1.000 30.30988 ? 55  MET D O     1 
ATOM   459  C CB    . MET B 2 55 ? 13.94721  -7.64911  5.49949   1.000 28.00056 ? 55  MET D CB    1 
ATOM   460  C CG    . MET B 2 55 ? 15.11041  -7.09450  6.28939   1.000 30.80189 ? 55  MET D CG    1 
ATOM   461  S SD    . MET B 2 55 ? 16.43565  -8.29872  6.63944   1.000 30.21379 ? 55  MET D SD    1 
ATOM   462  C CE    . MET B 2 55 ? 16.91860  -8.79240  4.98805   1.000 34.16118 ? 55  MET D CE    1 
ATOM   463  N N     . ALA B 2 56 ? 11.41192  -7.95734  3.87395   1.000 27.66535 ? 56  ALA D N     1 
ATOM   464  C CA    . ALA B 2 56 ? 10.10272  -8.51676  3.53999   1.000 33.40618 ? 56  ALA D CA    1 
ATOM   465  C C     . ALA B 2 56 ? 9.43506   -9.14542  4.75330   1.000 34.21920 ? 56  ALA D C     1 
ATOM   466  O O     . ALA B 2 56 ? 8.22393   -8.98427  4.95584   1.000 35.87596 ? 56  ALA D O     1 
ATOM   467  C CB    . ALA B 2 56 ? 10.23025  -9.54974  2.42045   1.000 30.91626 ? 56  ALA D CB    1 
ATOM   468  N N     . ARG B 2 57 ? 10.22274  -9.83350  5.59197   1.000 31.56172 ? 57  ARG D N     1 
ATOM   469  C CA    . ARG B 2 57 ? 9.72495   -10.47364 6.79989   1.000 30.88071 ? 57  ARG D CA    1 
ATOM   470  C C     . ARG B 2 57 ? 9.10544   -9.47992  7.76858   1.000 35.66936 ? 57  ARG D C     1 
ATOM   471  O O     . ARG B 2 57 ? 8.37721   -9.88939  8.67616   1.000 34.56816 ? 57  ARG D O     1 
ATOM   472  C CB    . ARG B 2 57 ? 10.87105  -11.22345 7.49789   1.000 31.55623 ? 57  ARG D CB    1 
ATOM   473  C CG    . ARG B 2 57 ? 11.86507  -10.30955 8.21521   1.000 28.99573 ? 57  ARG D CG    1 
ATOM   474  C CD    . ARG B 2 57 ? 13.15392  -11.03963 8.57530   1.000 36.98391 ? 57  ARG D CD    1 
ATOM   475  N NE    . ARG B 2 57 ? 13.97113  -11.32400 7.39912   1.000 36.86102 ? 57  ARG D NE    1 
ATOM   476  C CZ    . ARG B 2 57 ? 15.26488  -11.62525 7.45050   1.000 36.02004 ? 57  ARG D CZ    1 
ATOM   477  N NH1   . ARG B 2 57 ? 15.92128  -11.65007 8.59774   1.000 29.40461 ? 57  ARG D NH1   1 
ATOM   478  N NH2   . ARG B 2 57 ? 15.90989  -11.92648 6.32407   1.000 35.76998 ? 57  ARG D NH2   1 
ATOM   479  N N     . ASP B 2 58 ? 9.41646   -8.19181  7.63284   1.000 28.84544 ? 58  ASP D N     1 
ATOM   480  C CA    . ASP B 2 58 ? 8.89810   -7.19710  8.56233   1.000 33.35614 ? 58  ASP D CA    1 
ATOM   481  C C     . ASP B 2 58 ? 7.56058   -6.62726  8.12071   1.000 32.67675 ? 58  ASP D C     1 
ATOM   482  O O     . ASP B 2 58 ? 6.96228   -5.85340  8.87452   1.000 34.37101 ? 58  ASP D O     1 
ATOM   483  C CB    . ASP B 2 58 ? 9.89180   -6.03632  8.72894   1.000 28.98958 ? 58  ASP D CB    1 
ATOM   484  C CG    . ASP B 2 58 ? 11.23200  -6.48098  9.30638   1.000 32.12759 ? 58  ASP D CG    1 
ATOM   485  O OD1   . ASP B 2 58 ? 11.24019  -7.12197  10.36538  1.000 32.25380 ? 58  ASP D OD1   1 
ATOM   486  O OD2   . ASP B 2 58 ? 12.28547  -6.17442  8.71212   1.000 27.91777 ? 58  ASP D OD2   1 
ATOM   487  N N     . ILE B 2 59 ? 7.11335   -6.95273  6.91276   1.000 32.46452 ? 59  ILE D N     1 
ATOM   488  C CA    . ILE B 2 59 ? 5.86979   -6.43776  6.34339   1.000 37.45083 ? 59  ILE D CA    1 
ATOM   489  C C     . ILE B 2 59 ? 4.86010   -7.57828  6.39851   1.000 40.36999 ? 59  ILE D C     1 
ATOM   490  O O     . ILE B 2 59 ? 4.90504   -8.50965  5.58674   1.000 38.18006 ? 59  ILE D O     1 
ATOM   491  C CB    . ILE B 2 59 ? 6.04581   -5.93093  4.90753   1.000 33.84855 ? 59  ILE D CB    1 
ATOM   492  C CG1   . ILE B 2 59 ? 7.14594   -4.85916  4.81416   1.000 35.51445 ? 59  ILE D CG1   1 
ATOM   493  C CG2   . ILE B 2 59 ? 4.71154   -5.36096  4.38824   1.000 38.27708 ? 59  ILE D CG2   1 
ATOM   494  C CD1   . ILE B 2 59 ? 7.07451   -3.77623  5.87523   1.000 35.13097 ? 59  ILE D CD1   1 
ATOM   495  N N     . VAL B 2 60 ? 3.93283   -7.51216  7.34220   1.000 42.12294 ? 60  VAL D N     1 
ATOM   496  C CA    . VAL B 2 60 ? 2.93167   -8.55702  7.51325   1.000 47.46426 ? 60  VAL D CA    1 
ATOM   497  C C     . VAL B 2 60 ? 1.64265   -8.08658  6.85907   1.000 48.63473 ? 60  VAL D C     1 
ATOM   498  O O     . VAL B 2 60 ? 1.10043   -7.03675  7.22966   1.000 48.71416 ? 60  VAL D O     1 
ATOM   499  C CB    . VAL B 2 60 ? 2.71995   -8.88230  8.99815   1.000 51.18183 ? 60  VAL D CB    1 
ATOM   500  C CG1   . VAL B 2 60 ? 1.48379   -9.75990  9.18689   1.000 53.54569 ? 60  VAL D CG1   1 
ATOM   501  C CG2   . VAL B 2 60 ? 3.97519   -9.53737  9.57032   1.000 48.07090 ? 60  VAL D CG2   1 
ATOM   502  N N     . ILE B 2 61 ? 1.16371   -8.85068  5.87415   1.000 52.13337 ? 61  ILE D N     1 
ATOM   503  C CA    . ILE B 2 61 ? -0.06546  -8.52869  5.15053   1.000 58.67716 ? 61  ILE D CA    1 
ATOM   504  C C     . ILE B 2 61 ? -0.99530  -9.73872  5.13263   1.000 65.15784 ? 61  ILE D C     1 
ATOM   505  O O     . ILE B 2 61 ? -1.72543  -9.96401  4.15991   1.000 67.70200 ? 61  ILE D O     1 
ATOM   506  C CB    . ILE B 2 61 ? 0.23284   -8.04358  3.71672   1.000 57.97943 ? 61  ILE D CB    1 
ATOM   507  C CG1   . ILE B 2 61 ? 0.98589   -9.11432  2.91964   1.000 53.99004 ? 61  ILE D CG1   1 
ATOM   508  C CG2   . ILE B 2 61 ? 1.01717   -6.72501  3.73783   1.000 46.23560 ? 61  ILE D CG2   1 
ATOM   509  C CD1   . ILE B 2 61 ? 1.12014   -8.79184  1.43872   1.000 53.06826 ? 61  ILE D CD1   1 
ATOM   510  N N     . ASP B 2 62 ? -0.97736  -10.52258 6.21470   1.000 69.21619 ? 62  ASP D N     1 
ATOM   511  C CA    . ASP B 2 62 ? -1.87918  -11.66607 6.32890   1.000 76.63967 ? 62  ASP D CA    1 
ATOM   512  C C     . ASP B 2 62 ? -3.32454  -11.22637 6.54506   1.000 76.78090 ? 62  ASP D C     1 
ATOM   513  O O     . ASP B 2 62 ? -4.25265  -11.90123 6.08403   1.000 76.78774 ? 62  ASP D O     1 
ATOM   514  C CB    . ASP B 2 62 ? -1.42062  -12.58245 7.47213   1.000 73.78301 ? 62  ASP D CB    1 
ATOM   515  C CG    . ASP B 2 62 ? -1.83652  -12.06643 8.84946   1.000 76.88853 ? 62  ASP D CG    1 
ATOM   516  O OD1   . ASP B 2 62 ? -1.52429  -10.89964 9.18281   1.000 74.08202 ? 62  ASP D OD1   1 
ATOM   517  O OD2   . ASP B 2 62 ? -2.48138  -12.83101 9.60202   1.000 80.31935 ? 62  ASP D OD2   1 
ATOM   518  N N     . HIS B 2 63 ? -3.53175  -10.09953 7.23229   1.000 78.21764 ? 63  HIS D N     1 
ATOM   519  C CA    . HIS B 2 63 ? -4.87028  -9.63612  7.57867   1.000 82.30320 ? 63  HIS D CA    1 
ATOM   520  C C     . HIS B 2 63 ? -5.59805  -8.98965  6.40476   1.000 82.02491 ? 63  HIS D C     1 
ATOM   521  O O     . HIS B 2 63 ? -6.82965  -8.87853  6.44375   1.000 84.74549 ? 63  HIS D O     1 
ATOM   522  C CB    . HIS B 2 63 ? -4.79676  -8.64761  8.75261   1.000 84.43471 ? 63  HIS D CB    1 
ATOM   523  C CG    . HIS B 2 63 ? -3.73173  -7.60067  8.60490   1.000 84.47155 ? 63  HIS D CG    1 
ATOM   524  N ND1   . HIS B 2 63 ? -2.38373  -7.89225  8.64719   1.000 81.54144 ? 63  HIS D ND1   1 
ATOM   525  C CD2   . HIS B 2 63 ? -3.81765  -6.26131  8.42028   1.000 85.76467 ? 63  HIS D CD2   1 
ATOM   526  C CE1   . HIS B 2 63 ? -1.68793  -6.78024  8.48929   1.000 76.40878 ? 63  HIS D CE1   1 
ATOM   527  N NE2   . HIS B 2 63 ? -2.53415  -5.77552  8.34939   1.000 82.16489 ? 63  HIS D NE2   1 
ATOM   528  N N     . LEU B 2 64 ? -4.87253  -8.57158  5.36880   1.000 79.98487 ? 64  LEU D N     1 
ATOM   529  C CA    . LEU B 2 64 ? -5.46596  -7.89944  4.21146   1.000 80.67920 ? 64  LEU D CA    1 
ATOM   530  C C     . LEU B 2 64 ? -6.20340  -8.87868  3.30062   1.000 76.89169 ? 64  LEU D C     1 
ATOM   531  O O     . LEU B 2 64 ? -6.25085  -8.68827  2.08298   1.000 74.84005 ? 64  LEU D O     1 
ATOM   532  C CB    . LEU B 2 64 ? -4.38628  -7.15799  3.40960   1.000 75.14977 ? 64  LEU D CB    1 
ATOM   533  C CG    . LEU B 2 64 ? -4.17329  -5.65862  3.64438   1.000 68.55281 ? 64  LEU D CG    1 
ATOM   534  C CD1   . LEU B 2 64 ? -3.75813  -5.36474  5.07283   1.000 74.99998 ? 64  LEU D CD1   1 
ATOM   535  C CD2   . LEU B 2 64 ? -3.12072  -5.14644  2.68470   1.000 62.58141 ? 64  LEU D CD2   1 
ATOM   536  N N     . ALA C 2 2  ? 4.88215   -7.71330  -13.89496 1.000 81.20195 ? 2   ALA H N     1 
ATOM   537  C CA    . ALA C 2 2  ? 3.99612   -6.62114  -14.28765 1.000 83.47449 ? 2   ALA H CA    1 
ATOM   538  C C     . ALA C 2 2  ? 3.48817   -5.81215  -13.07732 1.000 83.83312 ? 2   ALA H C     1 
ATOM   539  O O     . ALA C 2 2  ? 2.95346   -6.37955  -12.11410 1.000 82.56708 ? 2   ALA H O     1 
ATOM   540  C CB    . ALA C 2 2  ? 2.81711   -7.16819  -15.09785 1.000 78.02755 ? 2   ALA H CB    1 
ATOM   541  N N     . GLU C 2 3  ? 3.69831   -4.48967  -13.13825 1.000 79.08791 ? 3   GLU H N     1 
ATOM   542  C CA    . GLU C 2 3  ? 3.12427   -3.50119  -12.22252 1.000 71.85101 ? 3   GLU H CA    1 
ATOM   543  C C     . GLU C 2 3  ? 3.75460   -3.50671  -10.82905 1.000 69.81183 ? 3   GLU H C     1 
ATOM   544  O O     . GLU C 2 3  ? 3.49564   -4.39981  -10.01157 1.000 72.61843 ? 3   GLU H O     1 
ATOM   545  C CB    . GLU C 2 3  ? 1.60640   -3.69422  -12.10920 1.000 72.74773 ? 3   GLU H CB    1 
ATOM   546  C CG    . GLU C 2 3  ? 0.76849   -2.62535  -12.81863 1.000 70.16380 ? 3   GLU H CG    1 
ATOM   547  C CD    . GLU C 2 3  ? -0.68884  -3.05071  -12.99709 1.000 69.47653 ? 3   GLU H CD    1 
ATOM   548  O OE1   . GLU C 2 3  ? -1.00981  -4.20919  -12.64770 1.000 73.80650 ? 3   GLU H OE1   1 
ATOM   549  O OE2   . GLU C 2 3  ? -1.51220  -2.23352  -13.47734 1.000 59.59831 ? 3   GLU H OE2   1 
ATOM   550  N N     . VAL C 2 4  ? 4.59149   -2.50577  -10.56429 1.000 63.51109 ? 4   VAL H N     1 
ATOM   551  C CA    . VAL C 2 4  ? 5.03015   -2.14851  -9.21987  1.000 55.42430 ? 4   VAL H CA    1 
ATOM   552  C C     . VAL C 2 4  ? 4.17105   -0.97498  -8.77622  1.000 50.36359 ? 4   VAL H C     1 
ATOM   553  O O     . VAL C 2 4  ? 4.18187   0.08261   -9.41955  1.000 45.03837 ? 4   VAL H O     1 
ATOM   554  C CB    . VAL C 2 4  ? 6.52387   -1.78534  -9.19480  1.000 55.03377 ? 4   VAL H CB    1 
ATOM   555  C CG1   . VAL C 2 4  ? 6.86634   -0.99077  -7.94459  1.000 48.23640 ? 4   VAL H CG1   1 
ATOM   556  C CG2   . VAL C 2 4  ? 7.36996   -3.04677  -9.27700  1.000 56.05561 ? 4   VAL H CG2   1 
ATOM   557  N N     . LEU C 2 5  ? 3.41995   -1.15003  -7.68222  1.000 42.19814 ? 5   LEU H N     1 
ATOM   558  C CA    . LEU C 2 5  ? 2.35916   -0.20105  -7.35678  1.000 44.59662 ? 5   LEU H CA    1 
ATOM   559  C C     . LEU C 2 5  ? 2.76069   0.85265   -6.33050  1.000 42.21470 ? 5   LEU H C     1 
ATOM   560  O O     . LEU C 2 5  ? 1.95444   1.74612   -6.04419  1.000 39.71987 ? 5   LEU H O     1 
ATOM   561  C CB    . LEU C 2 5  ? 1.10812   -0.94917  -6.86078  1.000 43.52997 ? 5   LEU H CB    1 
ATOM   562  C CG    . LEU C 2 5  ? 0.51705   -1.94332  -7.85966  1.000 48.04594 ? 5   LEU H CG    1 
ATOM   563  C CD1   . LEU C 2 5  ? -0.66982  -2.67469  -7.25689  1.000 46.32977 ? 5   LEU H CD1   1 
ATOM   564  C CD2   . LEU C 2 5  ? 0.11852   -1.24441  -9.15235  1.000 52.13499 ? 5   LEU H CD2   1 
ATOM   565  N N     . VAL C 2 6  ? 3.96585   0.77558   -5.76820  1.000 37.32256 ? 6   VAL H N     1 
ATOM   566  C CA    . VAL C 2 6  ? 4.44707   1.77253   -4.82476  1.000 35.77849 ? 6   VAL H CA    1 
ATOM   567  C C     . VAL C 2 6  ? 5.58384   2.55706   -5.47297  1.000 35.51013 ? 6   VAL H C     1 
ATOM   568  O O     . VAL C 2 6  ? 6.27338   2.07854   -6.38074  1.000 37.97416 ? 6   VAL H O     1 
ATOM   569  C CB    . VAL C 2 6  ? 4.90854   1.14241   -3.48309  1.000 38.63831 ? 6   VAL H CB    1 
ATOM   570  C CG1   . VAL C 2 6  ? 3.74429   0.41832   -2.80231  1.000 35.61056 ? 6   VAL H CG1   1 
ATOM   571  C CG2   . VAL C 2 6  ? 6.05118   0.18821   -3.71624  1.000 40.80988 ? 6   VAL H CG2   1 
ATOM   572  N N     . VAL C 2 7  ? 5.76858   3.78594   -4.99786  1.000 31.37441 ? 7   VAL H N     1 
ATOM   573  C CA    . VAL C 2 7  ? 6.81710   4.67892   -5.48322  1.000 35.43231 ? 7   VAL H CA    1 
ATOM   574  C C     . VAL C 2 7  ? 8.07233   4.39416   -4.65633  1.000 35.36272 ? 7   VAL H C     1 
ATOM   575  O O     . VAL C 2 7  ? 8.22693   4.89028   -3.53809  1.000 31.61153 ? 7   VAL H O     1 
ATOM   576  C CB    . VAL C 2 7  ? 6.39445   6.14587   -5.39593  1.000 38.38347 ? 7   VAL H CB    1 
ATOM   577  C CG1   . VAL C 2 7  ? 7.55877   7.08101   -5.80093  1.000 36.13588 ? 7   VAL H CG1   1 
ATOM   578  C CG2   . VAL C 2 7  ? 5.15458   6.40226   -6.29077  1.000 36.16388 ? 7   VAL H CG2   1 
ATOM   579  N N     . THR C 2 8  ? 8.96651   3.58011   -5.21961  1.000 37.60750 ? 8   THR H N     1 
ATOM   580  C CA    . THR C 2 8  ? 10.12018  3.06496   -4.48496  1.000 36.37750 ? 8   THR H CA    1 
ATOM   581  C C     . THR C 2 8  ? 10.90024  4.16179   -3.77486  1.000 32.02748 ? 8   THR H C     1 
ATOM   582  O O     . THR C 2 8  ? 11.19822  4.05298   -2.58107  1.000 29.91344 ? 8   THR H O     1 
ATOM   583  C CB    . THR C 2 8  ? 11.02759  2.31328   -5.45145  1.000 36.71450 ? 8   THR H CB    1 
ATOM   584  O OG1   . THR C 2 8  ? 10.27994  1.22961   -5.99674  1.000 38.56980 ? 8   THR H OG1   1 
ATOM   585  C CG2   . THR C 2 8  ? 12.26463  1.78104   -4.72976  1.000 37.91054 ? 8   THR H CG2   1 
ATOM   586  N N     . SER C 2 9  ? 11.23757  5.23762   -4.48923  1.000 31.76834 ? 9   SER H N     1 
ATOM   587  C CA    . SER C 2 9  ? 12.16168  6.21619   -3.92675  1.000 29.70569 ? 9   SER H CA    1 
ATOM   588  C C     . SER C 2 9  ? 11.56521  6.90567   -2.70625  1.000 32.88022 ? 9   SER H C     1 
ATOM   589  O O     . SER C 2 9  ? 12.28755  7.24396   -1.76114  1.000 27.44419 ? 9   SER H O     1 
ATOM   590  C CB    . SER C 2 9  ? 12.52530  7.25637   -4.98458  1.000 34.73233 ? 9   SER H CB    1 
ATOM   591  O OG    . SER C 2 9  ? 11.33621  7.82844   -5.48736  1.000 35.25720 ? 9   SER H OG    1 
ATOM   592  N N     . LYS C 2 10 ? 10.24734  7.14711   -2.72111  1.000 29.34950 ? 10  LYS H N     1 
ATOM   593  C CA    . LYS C 2 10 ? 9.59327   7.81986   -1.59956  1.000 31.50597 ? 10  LYS H CA    1 
ATOM   594  C C     . LYS C 2 10 ? 9.37136   6.87818   -0.41573  1.000 26.15858 ? 10  LYS H C     1 
ATOM   595  O O     . LYS C 2 10 ? 9.46605   7.30714   0.74093   1.000 27.72833 ? 10  LYS H O     1 
ATOM   596  C CB    . LYS C 2 10 ? 8.26450   8.42811   -2.07364  1.000 32.04600 ? 10  LYS H CB    1 
ATOM   597  C CG    . LYS C 2 10 ? 8.48877   9.71049   -2.93506  1.000 36.38736 ? 10  LYS H CG    1 
ATOM   598  C CD    . LYS C 2 10 ? 7.18798   10.36072  -3.41057  1.000 44.90073 ? 10  LYS H CD    1 
ATOM   599  C CE    . LYS C 2 10 ? 7.50203   11.57998  -4.29913  1.000 44.38736 ? 10  LYS H CE    1 
ATOM   600  N NZ    . LYS C 2 10 ? 6.39413   11.94353  -5.22972  1.000 47.71130 ? 10  LYS H NZ    1 
ATOM   601  N N     . VAL C 2 11 ? 9.08888   5.60435   -0.66955  1.000 26.53073 ? 11  VAL H N     1 
ATOM   602  C CA    . VAL C 2 11 ? 9.03197   4.63814   0.43116   1.000 26.62947 ? 11  VAL H CA    1 
ATOM   603  C C     . VAL C 2 11 ? 10.38359  4.55778   1.13916   1.000 29.75644 ? 11  VAL H C     1 
ATOM   604  O O     . VAL C 2 11 ? 10.46843  4.64393   2.37254   1.000 27.16011 ? 11  VAL H O     1 
ATOM   605  C CB    . VAL C 2 11 ? 8.57847   3.26607   -0.09459  1.000 29.34067 ? 11  VAL H CB    1 
ATOM   606  C CG1   . VAL C 2 11 ? 8.74380   2.17542   0.99320   1.000 28.50764 ? 11  VAL H CG1   1 
ATOM   607  C CG2   . VAL C 2 11 ? 7.12038   3.36184   -0.58077  1.000 30.28678 ? 11  VAL H CG2   1 
ATOM   608  N N     . LYS C 2 12 ? 11.46908  4.42347   0.36373   1.000 27.65285 ? 12  LYS H N     1 
ATOM   609  C CA    . LYS C 2 12 ? 12.80753  4.35318   0.96652   1.000 29.65099 ? 12  LYS H CA    1 
ATOM   610  C C     . LYS C 2 12 ? 13.11190  5.60317   1.77391   1.000 28.88732 ? 12  LYS H C     1 
ATOM   611  O O     . LYS C 2 12 ? 13.68212  5.52794   2.87107   1.000 27.52935 ? 12  LYS H O     1 
ATOM   612  C CB    . LYS C 2 12 ? 13.88022  4.15160   -0.12168  1.000 30.75138 ? 12  LYS H CB    1 
ATOM   613  C CG    . LYS C 2 12 ? 13.94479  2.73158   -0.64037  1.000 32.29980 ? 12  LYS H CG    1 
ATOM   614  C CD    . LYS C 2 12 ? 14.70783  2.61547   -1.93776  1.000 39.40431 ? 12  LYS H CD    1 
ATOM   615  C CE    . LYS C 2 12 ? 14.95630  1.15265   -2.26347  1.000 41.70674 ? 12  LYS H CE    1 
ATOM   616  N NZ    . LYS C 2 12 ? 15.84089  1.02155   -3.46409  1.000 49.58318 ? 12  LYS H NZ    1 
ATOM   617  N N     . LYS C 2 13 ? 12.73853  6.77153   1.24473   1.000 28.85451 ? 13  LYS H N     1 
ATOM   618  C CA    . LYS C 2 13 ? 12.99437  8.01601   1.95272   1.000 29.50910 ? 13  LYS H CA    1 
ATOM   619  C C     . LYS C 2 13 ? 12.23616  8.06368   3.27064   1.000 26.93953 ? 13  LYS H C     1 
ATOM   620  O O     . LYS C 2 13 ? 12.77340  8.50792   4.29423   1.000 29.66140 ? 13  LYS H O     1 
ATOM   621  C CB    . LYS C 2 13 ? 12.62205  9.20139   1.04861   1.000 32.18706 ? 13  LYS H CB    1 
ATOM   622  C CG    . LYS C 2 13 ? 12.89755  10.56165  1.65296   1.000 38.63211 ? 13  LYS H CG    1 
ATOM   623  C CD    . LYS C 2 13 ? 12.83522  11.67347  0.60076   1.000 46.77929 ? 13  LYS H CD    1 
ATOM   624  C CE    . LYS C 2 13 ? 13.10644  13.02384  1.24480   1.000 56.73426 ? 13  LYS H CE    1 
ATOM   625  N NZ    . LYS C 2 13 ? 14.56235  13.27347  1.40177   1.000 58.41464 ? 13  LYS H NZ    1 
ATOM   626  N N     . LEU C 2 14 ? 10.98955  7.59565   3.27355   1.000 32.43260 ? 14  LEU H N     1 
ATOM   627  C CA    . LEU C 2 14 ? 10.20360  7.57390   4.50905   1.000 32.04205 ? 14  LEU H CA    1 
ATOM   628  C C     . LEU C 2 14 ? 10.85134  6.67685   5.56515   1.000 28.61565 ? 14  LEU H C     1 
ATOM   629  O O     . LEU C 2 14 ? 11.02134  7.07938   6.72404   1.000 27.63955 ? 14  LEU H O     1 
ATOM   630  C CB    . LEU C 2 14 ? 8.77505   7.11439   4.19614   1.000 33.27037 ? 14  LEU H CB    1 
ATOM   631  C CG    . LEU C 2 14 ? 7.82553   6.81664   5.36501   1.000 39.17344 ? 14  LEU H CG    1 
ATOM   632  C CD1   . LEU C 2 14 ? 7.40586   8.09228   6.06445   1.000 40.89010 ? 14  LEU H CD1   1 
ATOM   633  C CD2   . LEU C 2 14 ? 6.61597   6.03616   4.85994   1.000 35.10802 ? 14  LEU H CD2   1 
ATOM   634  N N     . ILE C 2 15 ? 11.25973  5.46991   5.16946   1.000 28.41054 ? 15  ILE H N     1 
ATOM   635  C CA    . ILE C 2 15 ? 11.86309  4.53546   6.11891   1.000 27.49112 ? 15  ILE H CA    1 
ATOM   636  C C     . ILE C 2 15 ? 13.20558  5.06108   6.62518   1.000 28.30328 ? 15  ILE H C     1 
ATOM   637  O O     . ILE C 2 15 ? 13.54406  4.91126   7.80837   1.000 29.06160 ? 15  ILE H O     1 
ATOM   638  C CB    . ILE C 2 15 ? 11.98186  3.14158   5.46858   1.000 27.86708 ? 15  ILE H CB    1 
ATOM   639  C CG1   . ILE C 2 15 ? 10.58115  2.53005   5.29956   1.000 25.62926 ? 15  ILE H CG1   1 
ATOM   640  C CG2   . ILE C 2 15 ? 12.90632  2.21164   6.29140   1.000 24.26871 ? 15  ILE H CG2   1 
ATOM   641  C CD1   . ILE C 2 15 ? 10.54460  1.21227   4.56508   1.000 26.79760 ? 15  ILE H CD1   1 
ATOM   642  N N     . LYS C 2 16 ? 13.98935  5.68750   5.74423   1.000 32.65701 ? 16  LYS H N     1 
ATOM   643  C CA    . LYS C 2 16 ? 15.24950  6.30111   6.16726   1.000 30.82261 ? 16  LYS H CA    1 
ATOM   644  C C     . LYS C 2 16 ? 14.99606  7.47493   7.10593   1.000 36.91513 ? 16  LYS H C     1 
ATOM   645  O O     . LYS C 2 16 ? 15.61721  7.58521   8.16793   1.000 33.81827 ? 16  LYS H O     1 
ATOM   646  C CB    . LYS C 2 16 ? 16.04274  6.74596   4.92865   1.000 34.11311 ? 16  LYS H CB    1 
ATOM   647  C CG    . LYS C 2 16 ? 17.42537  7.35131   5.20412   1.000 36.57040 ? 16  LYS H CG    1 
ATOM   648  C CD    . LYS C 2 16 ? 18.38763  6.30440   5.73124   1.000 36.57010 ? 16  LYS H CD    1 
ATOM   649  C CE    . LYS C 2 16 ? 19.58189  6.05873   4.80158   1.000 38.62140 ? 16  LYS H CE    1 
ATOM   650  N NZ    . LYS C 2 16 ? 20.10987  4.66967   5.08361   1.000 36.82659 ? 16  LYS H NZ    1 
ATOM   651  N N     . GLU C 2 17 ? 14.04616  8.34643   6.74198   1.000 34.31399 ? 17  GLU H N     1 
ATOM   652  C CA    . GLU C 2 17 ? 13.78758  9.55313   7.52169   1.000 40.50672 ? 17  GLU H CA    1 
ATOM   653  C C     . GLU C 2 17 ? 13.12726  9.23146   8.85733   1.000 41.76795 ? 17  GLU H C     1 
ATOM   654  O O     . GLU C 2 17 ? 13.59070  9.67133   9.91744   1.000 45.05475 ? 17  GLU H O     1 
ATOM   655  C CB    . GLU C 2 17 ? 12.91009  10.49945  6.69706   1.000 43.55694 ? 17  GLU H CB    1 
ATOM   656  C CG    . GLU C 2 17 ? 12.58441  11.82585  7.34796   1.000 55.15984 ? 17  GLU H CG    1 
ATOM   657  C CD    . GLU C 2 17 ? 12.45949  12.94650  6.32316   1.000 64.05099 ? 17  GLU H CD    1 
ATOM   658  O OE1   . GLU C 2 17 ? 11.73925  12.74819  5.31806   1.000 68.15613 ? 17  GLU H OE1   1 
ATOM   659  O OE2   . GLU C 2 17 ? 13.07465  14.02205  6.52620   1.000 72.40452 ? 17  GLU H OE2   1 
ATOM   660  N N     . LYS C 2 18 ? 12.03844  8.46567   8.83103   1.000 40.46780 ? 18  LYS H N     1 
ATOM   661  C CA    . LYS C 2 18 ? 11.29471  8.21503   10.05979  1.000 40.63045 ? 18  LYS H CA    1 
ATOM   662  C C     . LYS C 2 18 ? 11.93398  7.10660   10.87825  1.000 42.13243 ? 18  LYS H C     1 
ATOM   663  O O     . LYS C 2 18 ? 11.93528  7.16326   12.11191  1.000 44.76500 ? 18  LYS H O     1 
ATOM   664  C CB    . LYS C 2 18 ? 9.84183   7.85376   9.73752   1.000 45.11130 ? 18  LYS H CB    1 
ATOM   665  C CG    . LYS C 2 18 ? 8.84760   9.00631   9.86208   1.000 49.93394 ? 18  LYS H CG    1 
ATOM   666  C CD    . LYS C 2 18 ? 9.15226   10.11699  8.87170   1.000 51.17775 ? 18  LYS H CD    1 
ATOM   667  C CE    . LYS C 2 18 ? 8.65973   11.47370  9.36567   1.000 54.06776 ? 18  LYS H CE    1 
ATOM   668  N NZ    . LYS C 2 18 ? 8.50014   12.42139  8.21831   1.000 53.10417 ? 18  LYS H NZ    1 
ATOM   669  N N     . GLY C 2 19 ? 12.48343  6.09135   10.22269  1.000 36.74987 ? 19  GLY H N     1 
ATOM   670  C CA    . GLY C 2 19 ? 12.94357  4.94334   10.97548  1.000 35.83301 ? 19  GLY H CA    1 
ATOM   671  C C     . GLY C 2 19 ? 14.44690  4.80975   11.07597  1.000 37.59006 ? 19  GLY H C     1 
ATOM   672  O O     . GLY C 2 19 ? 14.93322  3.91767   11.77547  1.000 38.50151 ? 19  GLY H O     1 
ATOM   673  N N     . GLN C 2 20 ? 15.19355  5.66023   10.35692  1.000 31.74211 ? 20  GLN H N     1 
ATOM   674  C CA    . GLN C 2 20 ? 16.65621  5.57450   10.31034  1.000 33.58399 ? 20  GLN H CA    1 
ATOM   675  C C     . GLN C 2 20 ? 17.12990  4.19217   9.83782   1.000 32.24102 ? 20  GLN H C     1 
ATOM   676  O O     . GLN C 2 20 ? 18.12186  3.65783   10.33656  1.000 29.44059 ? 20  GLN H O     1 
ATOM   677  C CB    . GLN C 2 20 ? 17.26615  5.93922   11.66820  1.000 38.45424 ? 20  GLN H CB    1 
ATOM   678  C CG    . GLN C 2 20 ? 17.63097  7.43122   11.81220  1.000 45.95707 ? 20  GLN H CG    1 
ATOM   679  C CD    . GLN C 2 20 ? 18.98936  7.68834   12.50491  1.000 50.80288 ? 20  GLN H CD    1 
ATOM   680  O OE1   . GLN C 2 20 ? 20.06373  7.27769   12.01942  1.000 49.89264 ? 20  GLN H OE1   1 
ATOM   681  N NE2   . GLN C 2 20 ? 18.94100  8.39996   13.62707  1.000 52.65409 ? 20  GLN H NE2   1 
ATOM   682  N N     . MET C 2 21 ? 16.44426  3.62862   8.83497   1.000 28.12278 ? 21  MET H N     1 
ATOM   683  C CA    . MET C 2 21 ? 16.74377  2.29112   8.31753   1.000 30.01993 ? 21  MET H CA    1 
ATOM   684  C C     . MET C 2 21 ? 16.81491  2.26015   6.79234   1.000 31.18182 ? 21  MET H C     1 
ATOM   685  O O     . MET C 2 21 ? 16.25249  3.11814   6.09955   1.000 27.00999 ? 21  MET H O     1 
ATOM   686  C CB    . MET C 2 21 ? 15.69217  1.26594   8.77263   1.000 24.12100 ? 21  MET H CB    1 
ATOM   687  C CG    . MET C 2 21 ? 15.80197  1.00007   10.27289  1.000 29.84129 ? 21  MET H CG    1 
ATOM   688  S SD    . MET C 2 21 ? 14.75514  -0.38080  10.73309  1.000 31.42459 ? 21  MET H SD    1 
ATOM   689  C CE    . MET C 2 21 ? 14.92213  -0.33104  12.53912  1.000 31.37226 ? 21  MET H CE    1 
ATOM   690  N N     . ASN C 2 22 ? 17.51616  1.23289   6.28692   1.000 25.42324 ? 22  ASN H N     1 
ATOM   691  C CA    . ASN C 2 22 ? 17.50488  0.85297   4.87844   1.000 30.68057 ? 22  ASN H CA    1 
ATOM   692  C C     . ASN C 2 22 ? 16.24264  0.06545   4.54987   1.000 25.36808 ? 22  ASN H C     1 
ATOM   693  O O     . ASN C 2 22 ? 15.50725  -0.37891  5.43385   1.000 27.23675 ? 22  ASN H O     1 
ATOM   694  C CB    . ASN C 2 22 ? 18.72368  -0.01756  4.51839   1.000 29.51894 ? 22  ASN H CB    1 
ATOM   695  C CG    . ASN C 2 22 ? 20.03008  0.73979   4.59957   1.000 33.12895 ? 22  ASN H CG    1 
ATOM   696  O OD1   . ASN C 2 22 ? 20.05367  1.95786   4.52125   1.000 36.21006 ? 22  ASN H OD1   1 
ATOM   697  N ND2   . ASN C 2 22 ? 21.12650  0.01033   4.70228   1.000 37.78355 ? 22  ASN H ND2   1 
ATOM   698  N N     . THR C 2 23 ? 16.01343  -0.14156  3.25209   1.000 27.61410 ? 23  THR H N     1 
ATOM   699  C CA    . THR C 2 23 ? 14.85144  -0.88162  2.76002   1.000 26.31143 ? 23  THR H CA    1 
ATOM   700  C C     . THR C 2 23 ? 15.30062  -1.93610  1.76226   1.000 29.09874 ? 23  THR H C     1 
ATOM   701  O O     . THR C 2 23 ? 15.91603  -1.59848  0.74329   1.000 30.49474 ? 23  THR H O     1 
ATOM   702  C CB    . THR C 2 23 ? 13.84613  0.05834   2.08617   1.000 30.30768 ? 23  THR H CB    1 
ATOM   703  O OG1   . THR C 2 23 ? 13.54300  1.13948   2.97184   1.000 34.28162 ? 23  THR H OG1   1 
ATOM   704  C CG2   . THR C 2 23 ? 12.55073  -0.71433  1.71188   1.000 30.11164 ? 23  THR H CG2   1 
ATOM   705  N N     . SER C 2 24 ? 14.96316  -3.20043  2.02954   1.000 28.85002 ? 24  SER H N     1 
ATOM   706  C CA    . SER C 2 24 ? 15.24419  -4.26574  1.07489   1.000 30.79029 ? 24  SER H CA    1 
ATOM   707  C C     . SER C 2 24 ? 14.41935  -4.08857  -0.19631  1.000 29.93054 ? 24  SER H C     1 
ATOM   708  O O     . SER C 2 24 ? 13.31746  -3.53231  -0.18222  1.000 33.18285 ? 24  SER H O     1 
ATOM   709  C CB    . SER C 2 24 ? 14.93559  -5.64712  1.66994   1.000 30.51220 ? 24  SER H CB    1 
ATOM   710  O OG    . SER C 2 24 ? 15.54845  -5.82689  2.92738   1.000 33.38213 ? 24  SER H OG    1 
ATOM   711  N N     . ALA C 2 25 ? 14.95898  -4.58213  -1.30881  1.000 27.92808 ? 25  ALA H N     1 
ATOM   712  C CA    . ALA C 2 25 ? 14.18895  -4.56293  -2.55020  1.000 32.96289 ? 25  ALA H CA    1 
ATOM   713  C C     . ALA C 2 25 ? 12.93033  -5.43451  -2.44667  1.000 33.13861 ? 25  ALA H C     1 
ATOM   714  O O     . ALA C 2 25 ? 11.87485  -5.07713  -2.97968  1.000 34.26584 ? 25  ALA H O     1 
ATOM   715  C CB    . ALA C 2 25 ? 15.07310  -5.00477  -3.71192  1.000 36.21187 ? 25  ALA H CB    1 
ATOM   716  N N     . GLU C 2 26 ? 13.00946  -6.57327  -1.75769  1.000 30.45592 ? 26  GLU H N     1 
ATOM   717  C CA    . GLU C 2 26 ? 11.81956  -7.42024  -1.62251  1.000 35.76020 ? 26  GLU H CA    1 
ATOM   718  C C     . GLU C 2 26 ? 10.73436  -6.76785  -0.76069  1.000 37.26287 ? 26  GLU H C     1 
ATOM   719  O O     . GLU C 2 26 ? 9.55063   -7.11300  -0.90031  1.000 36.31125 ? 26  GLU H O     1 
ATOM   720  C CB    . GLU C 2 26 ? 12.20237  -8.79119  -1.05754  1.000 40.16261 ? 26  GLU H CB    1 
ATOM   721  C CG    . GLU C 2 26 ? 13.25082  -8.71626  0.04770   1.000 40.38853 ? 26  GLU H CG    1 
ATOM   722  C CD    . GLU C 2 26 ? 13.22630  -9.88231  1.02463   1.000 50.28816 ? 26  GLU H CD    1 
ATOM   723  O OE1   . GLU C 2 26 ? 13.04048  -11.04238 0.55870   1.000 51.43237 ? 26  GLU H OE1   1 
ATOM   724  O OE2   . GLU C 2 26 ? 13.43874  -9.63392  2.24572   1.000 42.39089 ? 26  GLU H OE2   1 
ATOM   725  N N     . THR C 2 27 ? 11.10926  -5.82909  0.11427   1.000 31.56891 ? 27  THR H N     1 
ATOM   726  C CA    . THR C 2 27 ? 10.12000  -5.04807  0.85086   1.000 32.31904 ? 27  THR H CA    1 
ATOM   727  C C     . THR C 2 27 ? 9.19741   -4.28060  -0.09644  1.000 34.42528 ? 27  THR H C     1 
ATOM   728  O O     . THR C 2 27 ? 7.98769   -4.20962  0.13419   1.000 34.10218 ? 27  THR H O     1 
ATOM   729  C CB    . THR C 2 27 ? 10.83145  -4.07983  1.79682   1.000 31.72596 ? 27  THR H CB    1 
ATOM   730  O OG1   . THR C 2 27 ? 11.67812  -4.82068  2.68413   1.000 29.06460 ? 27  THR H OG1   1 
ATOM   731  C CG2   . THR C 2 27 ? 9.82073   -3.28032  2.60769   1.000 32.29954 ? 27  THR H CG2   1 
ATOM   732  N N     . ILE C 2 28 ? 9.75604   -3.68742  -1.15780  1.000 34.93650 ? 28  ILE H N     1 
ATOM   733  C CA    . ILE C 2 28 ? 8.94627   -2.95810  -2.13373  1.000 32.85776 ? 28  ILE H CA    1 
ATOM   734  C C     . ILE C 2 28 ? 7.94383   -3.89049  -2.79833  1.000 38.01946 ? 28  ILE H C     1 
ATOM   735  O O     . ILE C 2 28 ? 6.79056   -3.51303  -3.04918  1.000 36.65260 ? 28  ILE H O     1 
ATOM   736  C CB    . ILE C 2 28 ? 9.84822   -2.26956  -3.17496  1.000 38.89553 ? 28  ILE H CB    1 
ATOM   737  C CG1   . ILE C 2 28 ? 10.85858  -1.33373  -2.49462  1.000 36.46814 ? 28  ILE H CG1   1 
ATOM   738  C CG2   . ILE C 2 28 ? 9.00123   -1.56878  -4.26646  1.000 42.38763 ? 28  ILE H CG2   1 
ATOM   739  C CD1   . ILE C 2 28 ? 10.23333  -0.24021  -1.64648  1.000 35.77514 ? 28  ILE H CD1   1 
ATOM   740  N N     . ASP C 2 29 ? 8.36218   -5.12748  -3.07792  1.000 35.27348 ? 29  ASP H N     1 
ATOM   741  C CA    . ASP C 2 29 ? 7.46752   -6.09946  -3.69348  1.000 40.96303 ? 29  ASP H CA    1 
ATOM   742  C C     . ASP C 2 29 ? 6.27767   -6.41659  -2.79100  1.000 39.53946 ? 29  ASP H C     1 
ATOM   743  O O     . ASP C 2 29 ? 5.13980   -6.51866  -3.26518  1.000 36.98402 ? 29  ASP H O     1 
ATOM   744  C CB    . ASP C 2 29 ? 8.25188   -7.37136  -4.00716  1.000 42.20217 ? 29  ASP H CB    1 
ATOM   745  C CG    . ASP C 2 29 ? 9.34620   -7.13501  -5.04020  1.000 45.27391 ? 29  ASP H CG    1 
ATOM   746  O OD1   . ASP C 2 29 ? 9.34784   -6.05651  -5.66227  1.000 52.13873 ? 29  ASP H OD1   1 
ATOM   747  O OD2   . ASP C 2 29 ? 10.24272  -7.99673  -5.17923  1.000 51.54273 ? 29  ASP H OD2   1 
ATOM   748  N N     . VAL C 2 30 ? 6.52193   -6.61056  -1.49120  1.000 35.20434 ? 30  VAL H N     1 
ATOM   749  C CA    . VAL C 2 30 ? 5.43201   -6.98934  -0.59037  1.000 34.11016 ? 30  VAL H CA    1 
ATOM   750  C C     . VAL C 2 30 ? 4.44761   -5.83383  -0.42860  1.000 38.10137 ? 30  VAL H C     1 
ATOM   751  O O     . VAL C 2 30 ? 3.22625   -6.04140  -0.40425  1.000 37.83696 ? 30  VAL H O     1 
ATOM   752  C CB    . VAL C 2 30 ? 5.98711   -7.45999  0.76498   1.000 38.19310 ? 30  VAL H CB    1 
ATOM   753  C CG1   . VAL C 2 30 ? 4.83888   -7.72261  1.76312   1.000 40.24735 ? 30  VAL H CG1   1 
ATOM   754  C CG2   . VAL C 2 30 ? 6.84318   -8.71884  0.57846   1.000 36.20548 ? 30  VAL H CG2   1 
ATOM   755  N N     . LEU C 2 31 ? 4.96088   -4.60093  -0.33806  1.000 33.49788 ? 31  LEU H N     1 
ATOM   756  C CA    . LEU C 2 31 ? 4.09205   -3.42961  -0.29349  1.000 34.24979 ? 31  LEU H CA    1 
ATOM   757  C C     . LEU C 2 31 ? 3.23341   -3.32190  -1.55415  1.000 39.59721 ? 31  LEU H C     1 
ATOM   758  O O     . LEU C 2 31 ? 2.04244   -2.99858  -1.46677  1.000 35.00468 ? 31  LEU H O     1 
ATOM   759  C CB    . LEU C 2 31 ? 4.92094   -2.15992  -0.09904  1.000 28.66065 ? 31  LEU H CB    1 
ATOM   760  C CG    . LEU C 2 31 ? 5.70503   -2.02190  1.21091   1.000 36.38976 ? 31  LEU H CG    1 
ATOM   761  C CD1   . LEU C 2 31 ? 6.70161   -0.85585  1.09650   1.000 28.84872 ? 31  LEU H CD1   1 
ATOM   762  C CD2   . LEU C 2 31 ? 4.77452   -1.82664  2.39507   1.000 33.48794 ? 31  LEU H CD2   1 
ATOM   763  N N     . SER C 2 32 ? 3.81378   -3.59507  -2.73491  1.000 35.29314 ? 32  SER H N     1 
ATOM   764  C CA    . SER C 2 32 ? 3.01822   -3.58393  -3.96591  1.000 39.71870 ? 32  SER H CA    1 
ATOM   765  C C     . SER C 2 32 ? 1.90572   -4.62104  -3.91101  1.000 42.32389 ? 32  SER H C     1 
ATOM   766  O O     . SER C 2 32 ? 0.79885   -4.38434  -4.40810  1.000 43.25969 ? 32  SER H O     1 
ATOM   767  C CB    . SER C 2 32 ? 3.89495   -3.84353  -5.19509  1.000 39.28595 ? 32  SER H CB    1 
ATOM   768  O OG    . SER C 2 32 ? 4.82748   -2.80629  -5.39839  1.000 42.07800 ? 32  SER H OG    1 
ATOM   769  N N     . LYS C 2 33 ? 2.18781   -5.78675  -3.33255  1.000 40.98650 ? 33  LYS H N     1 
ATOM   770  C CA    . LYS C 2 33 ? 1.16094   -6.81278  -3.23212  1.000 44.30043 ? 33  LYS H CA    1 
ATOM   771  C C     . LYS C 2 33 ? 0.06603   -6.41088  -2.25411  1.000 45.67809 ? 33  LYS H C     1 
ATOM   772  O O     . LYS C 2 33 ? -1.10821  -6.73560  -2.47207  1.000 43.28497 ? 33  LYS H O     1 
ATOM   773  C CB    . LYS C 2 33 ? 1.78565   -8.14126  -2.82734  1.000 43.61762 ? 33  LYS H CB    1 
ATOM   774  C CG    . LYS C 2 33 ? 0.82289   -9.29485  -2.95229  1.000 54.67527 ? 33  LYS H CG    1 
ATOM   775  C CD    . LYS C 2 33 ? 0.64599   -9.69718  -4.42552  1.000 58.52844 ? 33  LYS H CD    1 
ATOM   776  C CE    . LYS C 2 33 ? -0.64173  -10.49290 -4.63610  1.000 61.22437 ? 33  LYS H CE    1 
ATOM   777  N NZ    . LYS C 2 33 ? -0.92815  -11.41707 -3.48807  1.000 63.58748 ? 33  LYS H NZ    1 
ATOM   778  N N     . ALA C 2 34 ? 0.42907   -5.69852  -1.18587  1.000 39.52297 ? 34  ALA H N     1 
ATOM   779  C CA    . ALA C 2 34 ? -0.57158  -5.15684  -0.27703  1.000 41.62431 ? 34  ALA H CA    1 
ATOM   780  C C     . ALA C 2 34 ? -1.50955  -4.19594  -1.00070  1.000 43.62240 ? 34  ALA H C     1 
ATOM   781  O O     . ALA C 2 34 ? -2.72663  -4.23836  -0.78526  1.000 38.94648 ? 34  ALA H O     1 
ATOM   782  C CB    . ALA C 2 34 ? 0.11536   -4.46714  0.90288   1.000 42.66634 ? 34  ALA H CB    1 
ATOM   783  N N     . ILE C 2 35 ? -0.95838  -3.33098  -1.86858  1.000 36.44454 ? 35  ILE H N     1 
ATOM   784  C CA    . ILE C 2 35 ? -1.77107  -2.39404  -2.64998  1.000 43.90124 ? 35  ILE H CA    1 
ATOM   785  C C     . ILE C 2 35 ? -2.70072  -3.15607  -3.58124  1.000 41.20375 ? 35  ILE H C     1 
ATOM   786  O O     . ILE C 2 35 ? -3.87763  -2.80927  -3.72187  1.000 41.50281 ? 35  ILE H O     1 
ATOM   787  C CB    . ILE C 2 35 ? -0.88378  -1.41739  -3.45144  1.000 39.28591 ? 35  ILE H CB    1 
ATOM   788  C CG1   . ILE C 2 35 ? -0.25408  -0.33279  -2.57637  1.000 42.46883 ? 35  ILE H CG1   1 
ATOM   789  C CG2   . ILE C 2 35 ? -1.72614  -0.68039  -4.49140  1.000 42.65479 ? 35  ILE H CG2   1 
ATOM   790  C CD1   . ILE C 2 35 ? -1.15482  0.19129   -1.46810  1.000 44.54029 ? 35  ILE H CD1   1 
ATOM   791  N N     . GLU C 2 36 ? -2.17755  -4.19051  -4.24749  1.000 44.98594 ? 36  GLU H N     1 
ATOM   792  C CA    . GLU C 2 36 ? -2.99588  -5.01731  -5.12953  1.000 47.37566 ? 36  GLU H CA    1 
ATOM   793  C C     . GLU C 2 36 ? -4.17778  -5.60537  -4.37309  1.000 48.54020 ? 36  GLU H C     1 
ATOM   794  O O     . GLU C 2 36 ? -5.32610  -5.52039  -4.82947  1.000 48.32847 ? 36  GLU H O     1 
ATOM   795  C CB    . GLU C 2 36 ? -2.13845  -6.13047  -5.74551  1.000 50.71186 ? 36  GLU H CB    1 
ATOM   796  C CG    . GLU C 2 36 ? -2.76356  -6.86583  -6.94218  1.000 57.87473 ? 36  GLU H CG    1 
ATOM   797  C CD    . GLU C 2 36 ? -2.01081  -8.14771  -7.31860  1.000 66.70417 ? 36  GLU H CD    1 
ATOM   798  O OE1   . GLU C 2 36 ? -0.78844  -8.23416  -7.05087  1.000 70.18796 ? 36  GLU H OE1   1 
ATOM   799  O OE2   . GLU C 2 36 ? -2.63429  -9.06279  -7.89945  1.000 68.32005 ? 36  GLU H OE2   1 
ATOM   800  N N     . GLN C 2 37 ? -3.91323  -6.19042  -3.19826  1.000 42.62044 ? 37  GLN H N     1 
ATOM   801  C CA    . GLN C 2 37 ? -4.97797  -6.78658  -2.39654  1.000 42.83250 ? 37  GLN H CA    1 
ATOM   802  C C     . GLN C 2 37 ? -5.98480  -5.73307  -1.93672  1.000 42.67310 ? 37  GLN H C     1 
ATOM   803  O O     . GLN C 2 37 ? -7.19649  -5.98356  -1.94112  1.000 41.24582 ? 37  GLN H O     1 
ATOM   804  C CB    . GLN C 2 37 ? -4.36917  -7.53705  -1.20436  1.000 48.38486 ? 37  GLN H CB    1 
ATOM   805  C CG    . GLN C 2 37 ? -3.46673  -8.70058  -1.61835  1.000 52.84488 ? 37  GLN H CG    1 
ATOM   806  C CD    . GLN C 2 37 ? -2.67221  -9.31692  -0.46035  1.000 60.51711 ? 37  GLN H CD    1 
ATOM   807  O OE1   . GLN C 2 37 ? -1.98310  -10.32587 -0.63568  1.000 61.53311 ? 37  GLN H OE1   1 
ATOM   808  N NE2   . GLN C 2 37 ? -2.76426  -8.71246  0.71875   1.000 58.50435 ? 37  GLN H NE2   1 
ATOM   809  N N     . LEU C 2 38 ? -5.50889  -4.53767  -1.56870  1.000 36.82771 ? 38  LEU H N     1 
ATOM   810  C CA    . LEU C 2 38 ? -6.41429  -3.48327  -1.11930  1.000 39.32495 ? 38  LEU H CA    1 
ATOM   811  C C     . LEU C 2 38 ? -7.31684  -2.99529  -2.24988  1.000 40.06269 ? 38  LEU H C     1 
ATOM   812  O O     . LEU C 2 38 ? -8.49730  -2.70474  -2.02399  1.000 37.23001 ? 38  LEU H O     1 
ATOM   813  C CB    . LEU C 2 38 ? -5.62297  -2.31589  -0.52630  1.000 36.40658 ? 38  LEU H CB    1 
ATOM   814  C CG    . LEU C 2 38 ? -5.09733  -2.54827  0.89795   1.000 42.38576 ? 38  LEU H CG    1 
ATOM   815  C CD1   . LEU C 2 38 ? -4.19217  -1.40181  1.30690   1.000 37.41420 ? 38  LEU H CD1   1 
ATOM   816  C CD2   . LEU C 2 38 ? -6.23619  -2.74870  1.91162   1.000 46.74281 ? 38  LEU H CD2   1 
ATOM   817  N N     . CYS C 2 39 ? -6.78924  -2.89648  -3.47146  1.000 40.73526 ? 39  CYS H N     1 
ATOM   818  C CA    . CYS C 2 39 ? -7.63357  -2.46494  -4.58546  1.000 40.13125 ? 39  CYS H CA    1 
ATOM   819  C C     . CYS C 2 39 ? -8.66120  -3.53230  -4.95392  1.000 42.83240 ? 39  CYS H C     1 
ATOM   820  O O     . CYS C 2 39 ? -9.82248  -3.21057  -5.23708  1.000 45.08041 ? 39  CYS H O     1 
ATOM   821  C CB    . CYS C 2 39 ? -6.77807  -2.08886  -5.80137  1.000 46.38160 ? 39  CYS H CB    1 
ATOM   822  S SG    . CYS C 2 39 ? -5.61834  -0.70453  -5.56214  1.000 42.70416 ? 39  CYS H SG    1 
ATOM   823  N N     . LEU C 2 40 ? -8.25443  -4.80002  -4.97761  1.000 42.43648 ? 40  LEU H N     1 
ATOM   824  C CA    . LEU C 2 40 ? -9.19507  -5.87611  -5.28863  1.000 47.68350 ? 40  LEU H CA    1 
ATOM   825  C C     . LEU C 2 40 ? -10.34601 -5.91610  -4.28411  1.000 48.98053 ? 40  LEU H C     1 
ATOM   826  O O     . LEU C 2 40 ? -11.50497 -6.13279  -4.66297  1.000 51.27325 ? 40  LEU H O     1 
ATOM   827  C CB    . LEU C 2 40 ? -8.47116  -7.22784  -5.32139  1.000 49.66048 ? 40  LEU H CB    1 
ATOM   828  C CG    . LEU C 2 40 ? -7.90723  -7.73927  -6.65367  1.000 57.17977 ? 40  LEU H CG    1 
ATOM   829  C CD1   . LEU C 2 40 ? -9.04135  -8.04398  -7.63716  1.000 58.57779 ? 40  LEU H CD1   1 
ATOM   830  C CD2   . LEU C 2 40 ? -6.92514  -6.77091  -7.26457  1.000 59.42469 ? 40  LEU H CD2   1 
ATOM   831  N N     . LYS C 2 41 ? -10.05191 -5.69980  -2.99883  1.000 43.74032 ? 41  LYS H N     1 
ATOM   832  C CA    . LYS C 2 41 ? -11.12464 -5.65093  -2.00867  1.000 45.86752 ? 41  LYS H CA    1 
ATOM   833  C C     . LYS C 2 41 ? -11.96718 -4.39147  -2.17143  1.000 48.82135 ? 41  LYS H C     1 
ATOM   834  O O     . LYS C 2 41 ? -13.19073 -4.43242  -1.99088  1.000 45.96387 ? 41  LYS H O     1 
ATOM   835  C CB    . LYS C 2 41 ? -10.55028 -5.74518  -0.59676  1.000 46.24243 ? 41  LYS H CB    1 
ATOM   836  C CG    . LYS C 2 41 ? -10.19196 -7.17085  -0.18126  1.000 57.59161 ? 41  LYS H CG    1 
ATOM   837  C CD    . LYS C 2 41 ? -9.18193  -7.20230  0.96506   1.000 60.80643 ? 41  LYS H CD    1 
ATOM   838  C CE    . LYS C 2 41 ? -9.42600  -8.38146  1.90227   1.000 68.52143 ? 41  LYS H CE    1 
ATOM   839  N NZ    . LYS C 2 41 ? -10.40084 -8.07125  2.98250   1.000 68.27935 ? 41  LYS H NZ    1 
ATOM   840  N N     . GLY C 2 42 ? -11.33631 -3.26733  -2.52664  1.000 42.01897 ? 42  GLY H N     1 
ATOM   841  C CA    . GLY C 2 42 ? -12.09643 -2.05478  -2.78681  1.000 43.39313 ? 42  GLY H CA    1 
ATOM   842  C C     . GLY C 2 42 ? -13.08581 -2.21864  -3.92581  1.000 48.13400 ? 42  GLY H C     1 
ATOM   843  O O     . GLY C 2 42 ? -14.20176 -1.68824  -3.87744  1.000 47.29178 ? 42  GLY H O     1 
ATOM   844  N N     . VAL C 2 43 ? -12.69259 -2.95531  -4.96813  1.000 45.88620 ? 43  VAL H N     1 
ATOM   845  C CA    . VAL C 2 43 ? -13.58528 -3.17839  -6.10026  1.000 46.18289 ? 43  VAL H CA    1 
ATOM   846  C C     . VAL C 2 43 ? -14.76031 -4.05937  -5.68496  1.000 50.52694 ? 43  VAL H C     1 
ATOM   847  O O     . VAL C 2 43 ? -15.90784 -3.82151  -6.08473  1.000 47.59780 ? 43  VAL H O     1 
ATOM   848  C CB    . VAL C 2 43 ? -12.80170 -3.78788  -7.27803  1.000 46.27643 ? 43  VAL H CB    1 
ATOM   849  C CG1   . VAL C 2 43 ? -13.74241 -4.52972  -8.22950  1.000 52.67805 ? 43  VAL H CG1   1 
ATOM   850  C CG2   . VAL C 2 43 ? -12.01135 -2.71636  -8.00847  1.000 44.28898 ? 43  VAL H CG2   1 
ATOM   851  N N     . GLU C 2 44 ? -14.49513 -5.08751  -4.87585  1.000 50.29407 ? 44  GLU H N     1 
ATOM   852  C CA    . GLU C 2 44 ? -15.57680 -5.92542  -4.37204  1.000 52.86992 ? 44  GLU H CA    1 
ATOM   853  C C     . GLU C 2 44 ? -16.48058 -5.14421  -3.42038  1.000 55.18573 ? 44  GLU H C     1 
ATOM   854  O O     . GLU C 2 44 ? -17.69795 -5.36873  -3.39697  1.000 54.54209 ? 44  GLU H O     1 
ATOM   855  C CB    . GLU C 2 44 ? -14.99713 -7.17309  -3.69980  1.000 53.40938 ? 44  GLU H CB    1 
ATOM   856  C CG    . GLU C 2 44 ? -15.76427 -8.47769  -3.98972  1.000 66.09299 ? 44  GLU H CG    1 
ATOM   857  C CD    . GLU C 2 44 ? -15.71174 -8.92095  -5.46082  1.000 72.06210 ? 44  GLU H CD    1 
ATOM   858  O OE1   . GLU C 2 44 ? -14.85014 -8.42110  -6.21963  1.000 68.89561 ? 44  GLU H OE1   1 
ATOM   859  O OE2   . GLU C 2 44 ? -16.54469 -9.77063  -5.86106  1.000 73.24622 ? 44  GLU H OE2   1 
ATOM   860  N N     . SER C 2 45 ? -15.91675 -4.19354  -2.66600  1.000 52.28882 ? 45  SER H N     1 
ATOM   861  C CA    . SER C 2 45 ? -16.73079 -3.37891  -1.76767  1.000 51.62223 ? 45  SER H CA    1 
ATOM   862  C C     . SER C 2 45 ? -17.59607 -2.38680  -2.53492  1.000 53.59115 ? 45  SER H C     1 
ATOM   863  O O     . SER C 2 45 ? -18.74093 -2.13324  -2.14228  1.000 53.91338 ? 45  SER H O     1 
ATOM   864  C CB    . SER C 2 45 ? -15.83966 -2.64505  -0.76475  1.000 50.99961 ? 45  SER H CB    1 
ATOM   865  O OG    . SER C 2 45 ? -16.53531 -1.57005  -0.15410  1.000 50.37820 ? 45  SER H OG    1 
ATOM   866  N N     . ALA C 2 46 ? -17.08384 -1.82453  -3.63028  1.000 46.94257 ? 46  ALA H N     1 
ATOM   867  C CA    . ALA C 2 46 ? -17.91347 -0.93521  -4.43766  1.000 53.03931 ? 46  ALA H CA    1 
ATOM   868  C C     . ALA C 2 46 ? -19.00326 -1.71149  -5.17492  1.000 56.27842 ? 46  ALA H C     1 
ATOM   869  O O     . ALA C 2 46 ? -20.15626 -1.26606  -5.23355  1.000 53.50370 ? 46  ALA H O     1 
ATOM   870  C CB    . ALA C 2 46 ? -17.04416 -0.15042  -5.41915  1.000 52.00413 ? 46  ALA H CB    1 
ATOM   871  N N     . LYS C 2 47 ? -18.65865 -2.88010  -5.73217  1.000 53.59571 ? 47  LYS H N     1 
ATOM   872  C CA    . LYS C 2 47 ? -19.64085 -3.68646  -6.45172  1.000 53.26558 ? 47  LYS H CA    1 
ATOM   873  C C     . LYS C 2 47 ? -20.77658 -4.12626  -5.53428  1.000 56.30071 ? 47  LYS H C     1 
ATOM   874  O O     . LYS C 2 47 ? -21.94923 -4.08777  -5.92307  1.000 59.90801 ? 47  LYS H O     1 
ATOM   875  C CB    . LYS C 2 47 ? -18.96263 -4.90079  -7.08403  1.000 49.34845 ? 47  LYS H CB    1 
ATOM   876  C CG    . LYS C 2 47 ? -19.50128 -5.27369  -8.46534  1.000 58.29306 ? 47  LYS H CG    1 
ATOM   877  C CD    . LYS C 2 47 ? -19.70374 -4.03306  -9.33673  1.000 56.80123 ? 47  LYS H CD    1 
ATOM   878  C CE    . LYS C 2 47 ? -19.75935 -4.36126  -10.82192 1.000 58.99561 ? 47  LYS H CE    1 
ATOM   879  N NZ    . LYS C 2 47 ? -19.35692 -3.17607  -11.63071 1.000 58.37334 ? 47  LYS H NZ    1 
ATOM   880  N N     . ALA C 2 48 ? -20.45009 -4.53855  -4.30885  1.000 52.40504 ? 48  ALA H N     1 
ATOM   881  C CA    . ALA C 2 48 ? -21.47373 -4.89599  -3.33650  1.000 57.12250 ? 48  ALA H CA    1 
ATOM   882  C C     . ALA C 2 48 ? -22.40397 -3.73152  -2.99865  1.000 61.34502 ? 48  ALA H C     1 
ATOM   883  O O     . ALA C 2 48 ? -23.48276 -3.96618  -2.44226  1.000 62.83952 ? 48  ALA H O     1 
ATOM   884  C CB    . ALA C 2 48 ? -20.81456 -5.42715  -2.06180  1.000 54.74029 ? 48  ALA H CB    1 
ATOM   885  N N     . ASP C 2 49 ? -22.02202 -2.49308  -3.31692  1.000 59.33407 ? 49  ASP H N     1 
ATOM   886  C CA    . ASP C 2 49 ? -22.87162 -1.32343  -3.12270  1.000 57.80889 ? 49  ASP H CA    1 
ATOM   887  C C     . ASP C 2 49 ? -23.43368 -0.79011  -4.43417  1.000 58.52775 ? 49  ASP H C     1 
ATOM   888  O O     . ASP C 2 49 ? -24.05678 0.27832   -4.44155  1.000 63.54370 ? 49  ASP H O     1 
ATOM   889  C CB    . ASP C 2 49 ? -22.09668 -0.21216  -2.40600  1.000 60.11758 ? 49  ASP H CB    1 
ATOM   890  C CG    . ASP C 2 49 ? -23.00971 0.76901   -1.67898  1.000 64.86940 ? 49  ASP H CG    1 
ATOM   891  O OD1   . ASP C 2 49 ? -24.04285 0.32388   -1.13204  1.000 64.80343 ? 49  ASP H OD1   1 
ATOM   892  O OD2   . ASP C 2 49 ? -22.70124 1.98726   -1.67552  1.000 61.97428 ? 49  ASP H OD2   1 
ATOM   893  N N     . GLY C 2 50 ? -23.20887 -1.49148  -5.54461  1.000 58.66271 ? 50  GLY H N     1 
ATOM   894  C CA    . GLY C 2 50 ? -23.71426 -1.04552  -6.83201  1.000 56.61312 ? 50  GLY H CA    1 
ATOM   895  C C     . GLY C 2 50 ? -23.13263 0.26022   -7.32356  1.000 60.53439 ? 50  GLY H C     1 
ATOM   896  O O     . GLY C 2 50 ? -23.82224 1.01470   -8.02491  1.000 56.79981 ? 50  GLY H O     1 
ATOM   897  N N     . ARG C 2 51 ? -21.88138 0.55556   -6.97504  1.000 55.96007 ? 51  ARG H N     1 
ATOM   898  C CA    . ARG C 2 51 ? -21.19812 1.74361   -7.46120  1.000 55.59778 ? 51  ARG H CA    1 
ATOM   899  C C     . ARG C 2 51 ? -20.15186 1.35964   -8.50063  1.000 54.87478 ? 51  ARG H C     1 
ATOM   900  O O     . ARG C 2 51 ? -19.73949 0.20155   -8.60635  1.000 52.92994 ? 51  ARG H O     1 
ATOM   901  C CB    . ARG C 2 51 ? -20.53995 2.51527   -6.31144  1.000 59.57001 ? 51  ARG H CB    1 
ATOM   902  C CG    . ARG C 2 51 ? -21.52092 3.14846   -5.33718  1.000 56.32092 ? 51  ARG H CG    1 
ATOM   903  C CD    . ARG C 2 51 ? -20.78197 3.93660   -4.26695  1.000 55.81942 ? 51  ARG H CD    1 
ATOM   904  N NE    . ARG C 2 51 ? -20.36780 3.07659   -3.16231  1.000 57.16868 ? 51  ARG H NE    1 
ATOM   905  C CZ    . ARG C 2 51 ? -19.13877 2.60583   -2.98676  1.000 55.01408 ? 51  ARG H CZ    1 
ATOM   906  N NH1   . ARG C 2 51 ? -18.15131 2.91373   -3.81532  1.000 50.15018 ? 51  ARG H NH1   1 
ATOM   907  N NH2   . ARG C 2 51 ? -18.89241 1.80537   -1.95095  1.000 55.73930 ? 51  ARG H NH2   1 
ATOM   908  N N     . LYS C 2 52 ? -19.73237 2.36054   -9.27362  1.000 55.23142 ? 52  LYS H N     1 
ATOM   909  C CA    . LYS C 2 52 ? -18.76939 2.19649   -10.35681 1.000 58.26241 ? 52  LYS H CA    1 
ATOM   910  C C     . LYS C 2 52 ? -17.43516 2.86220   -10.05023 1.000 54.98733 ? 52  LYS H C     1 
ATOM   911  O O     . LYS C 2 52 ? -16.61401 3.03689   -10.95864 1.000 53.60015 ? 52  LYS H O     1 
ATOM   912  C CB    . LYS C 2 52 ? -19.33422 2.76955   -11.66174 1.000 58.05031 ? 52  LYS H CB    1 
ATOM   913  C CG    . LYS C 2 52 ? -20.70550 2.25095   -12.04452 1.000 58.21802 ? 52  LYS H CG    1 
ATOM   914  C CD    . LYS C 2 52 ? -20.64641 0.80449   -12.50521 1.000 61.18309 ? 52  LYS H CD    1 
ATOM   915  C CE    . LYS C 2 52 ? -22.04668 0.27543   -12.76471 1.000 64.37652 ? 52  LYS H CE    1 
ATOM   916  N NZ    . LYS C 2 52 ? -22.26502 0.00350   -14.21395 1.000 68.48063 ? 52  LYS H NZ    1 
ATOM   917  N N     . THR C 2 53 ? -17.21050 3.26089   -8.80123  1.000 52.30470 ? 53  THR H N     1 
ATOM   918  C CA    . THR C 2 53 ? -16.02344 4.01723   -8.42097  1.000 48.37134 ? 53  THR H CA    1 
ATOM   919  C C     . THR C 2 53 ? -15.54764 3.50415   -7.07469  1.000 49.98528 ? 53  THR H C     1 
ATOM   920  O O     . THR C 2 53 ? -16.33096 3.44864   -6.11826  1.000 47.33236 ? 53  THR H O     1 
ATOM   921  C CB    . THR C 2 53 ? -16.31795 5.51967   -8.33756  1.000 48.46006 ? 53  THR H CB    1 
ATOM   922  O OG1   . THR C 2 53 ? -16.68886 6.00995   -9.63083  1.000 53.20217 ? 53  THR H OG1   1 
ATOM   923  C CG2   . THR C 2 53 ? -15.09290 6.28045   -7.84156  1.000 50.08175 ? 53  THR H CG2   1 
ATOM   924  N N     . VAL C 2 54 ? -14.27381 3.11988   -7.00191  1.000 47.58107 ? 54  VAL H N     1 
ATOM   925  C CA    . VAL C 2 54 ? -13.66584 2.82364   -5.71319  1.000 41.81219 ? 54  VAL H CA    1 
ATOM   926  C C     . VAL C 2 54 ? -13.41762 4.12713   -4.97269  1.000 41.73813 ? 54  VAL H C     1 
ATOM   927  O O     . VAL C 2 54 ? -12.75335 5.03874   -5.48585  1.000 40.28345 ? 54  VAL H O     1 
ATOM   928  C CB    . VAL C 2 54 ? -12.36256 2.03561   -5.89947  1.000 42.07574 ? 54  VAL H CB    1 
ATOM   929  C CG1   . VAL C 2 54 ? -11.77778 1.66970   -4.55262  1.000 37.91368 ? 54  VAL H CG1   1 
ATOM   930  C CG2   . VAL C 2 54 ? -12.61473 0.81115   -6.74770  1.000 39.15642 ? 54  VAL H CG2   1 
ATOM   931  N N     . MET C 2 55 ? -13.92889 4.21647   -3.75444  1.000 37.50512 ? 55  MET H N     1 
ATOM   932  C CA    . MET C 2 55 ? -13.77345 5.39928   -2.92211  1.000 40.05269 ? 55  MET H CA    1 
ATOM   933  C C     . MET C 2 55 ? -12.92795 5.06344   -1.70376  1.000 30.64418 ? 55  MET H C     1 
ATOM   934  O O     . MET C 2 55 ? -12.69421 3.89640   -1.38371  1.000 38.59418 ? 55  MET H O     1 
ATOM   935  C CB    . MET C 2 55 ? -15.14163 5.94135   -2.48468  1.000 42.86332 ? 55  MET H CB    1 
ATOM   936  C CG    . MET C 2 55 ? -16.20083 5.81130   -3.55373  1.000 49.51290 ? 55  MET H CG    1 
ATOM   937  S SD    . MET C 2 55 ? -17.19775 7.30390   -3.63627  1.000 69.12443 ? 55  MET H SD    1 
ATOM   938  C CE    . MET C 2 55 ? -16.09212 8.38775   -4.53017  1.000 49.16899 ? 55  MET H CE    1 
ATOM   939  N N     . ALA C 2 56 ? -12.48788 6.11426   -1.01248  1.000 34.60523 ? 56  ALA H N     1 
ATOM   940  C CA    . ALA C 2 56 ? -11.69442 5.92691   0.19754   1.000 38.19718 ? 56  ALA H CA    1 
ATOM   941  C C     . ALA C 2 56 ? -12.39805 4.99073   1.17545   1.000 38.54711 ? 56  ALA H C     1 
ATOM   942  O O     . ALA C 2 56 ? -11.76409 4.12685   1.79231   1.000 36.93592 ? 56  ALA H O     1 
ATOM   943  C CB    . ALA C 2 56 ? -11.40746 7.28412   0.84442   1.000 34.33723 ? 56  ALA H CB    1 
ATOM   944  N N     . ARG C 2 57 ? -13.72375 5.11248   1.29198   1.000 39.87121 ? 57  ARG H N     1 
ATOM   945  C CA    . ARG C 2 57 ? -14.45889 4.23923   2.19892   1.000 40.97978 ? 57  ARG H CA    1 
ATOM   946  C C     . ARG C 2 57 ? -14.39361 2.77422   1.77870   1.000 43.46436 ? 57  ARG H C     1 
ATOM   947  O O     . ARG C 2 57 ? -14.68038 1.89801   2.59844   1.000 43.78712 ? 57  ARG H O     1 
ATOM   948  C CB    . ARG C 2 57 ? -15.91739 4.68725   2.29203   1.000 38.70648 ? 57  ARG H CB    1 
ATOM   949  C CG    . ARG C 2 57 ? -16.73135 4.26212   1.08514   1.000 43.20995 ? 57  ARG H CG    1 
ATOM   950  C CD    . ARG C 2 57 ? -18.19089 4.64153   1.25182   1.000 49.45991 ? 57  ARG H CD    1 
ATOM   951  N NE    . ARG C 2 57 ? -18.90502 3.67650   2.07679   1.000 46.68806 ? 57  ARG H NE    1 
ATOM   952  C CZ    . ARG C 2 57 ? -19.73400 4.00026   3.06277   1.000 47.68977 ? 57  ARG H CZ    1 
ATOM   953  N NH1   . ARG C 2 57 ? -19.95363 5.26601   3.40249   1.000 39.88515 ? 57  ARG H NH1   1 
ATOM   954  N NH2   . ARG C 2 57 ? -20.36025 3.03194   3.71918   1.000 42.83328 ? 57  ARG H NH2   1 
ATOM   955  N N     . ASP C 2 58 ? -14.04172 2.48419   0.52454   1.000 38.69686 ? 58  ASP H N     1 
ATOM   956  C CA    . ASP C 2 58 ? -13.89915 1.10063   0.08015   1.000 41.64932 ? 58  ASP H CA    1 
ATOM   957  C C     . ASP C 2 58 ? -12.55005 0.49325   0.42914   1.000 45.02717 ? 58  ASP H C     1 
ATOM   958  O O     . ASP C 2 58 ? -12.36068 -0.70984  0.21343   1.000 45.89209 ? 58  ASP H O     1 
ATOM   959  C CB    . ASP C 2 58 ? -14.11420 1.00989   -1.43055  1.000 44.39442 ? 58  ASP H CB    1 
ATOM   960  C CG    . ASP C 2 58 ? -15.53687 1.32861   -1.82452  1.000 50.02489 ? 58  ASP H CG    1 
ATOM   961  O OD1   . ASP C 2 58 ? -16.44704 0.87877   -1.09553  1.000 49.81230 ? 58  ASP H OD1   1 
ATOM   962  O OD2   . ASP C 2 58 ? -15.74883 2.04057   -2.83469  1.000 44.37968 ? 58  ASP H OD2   1 
ATOM   963  N N     . ILE C 2 59 ? -11.62026 1.29023   0.94321   1.000 42.67836 ? 59  ILE H N     1 
ATOM   964  C CA    . ILE C 2 59 ? -10.28225 0.84078   1.30646   1.000 46.43735 ? 59  ILE H CA    1 
ATOM   965  C C     . ILE C 2 59 ? -10.32262 0.55852   2.80405   1.000 55.32516 ? 59  ILE H C     1 
ATOM   966  O O     . ILE C 2 59 ? -10.34275 1.47982   3.62953   1.000 51.26759 ? 59  ILE H O     1 
ATOM   967  C CB    . ILE C 2 59 ? -9.21613  1.88027   0.95144   1.000 44.54932 ? 59  ILE H CB    1 
ATOM   968  C CG1   . ILE C 2 59 ? -9.12188  2.08635   -0.56363  1.000 40.03349 ? 59  ILE H CG1   1 
ATOM   969  C CG2   . ILE C 2 59 ? -7.85273  1.43370   1.47161   1.000 43.72297 ? 59  ILE H CG2   1 
ATOM   970  C CD1   . ILE C 2 59 ? -9.43697  0.85986   -1.39559  1.000 38.14886 ? 59  ILE H CD1   1 
ATOM   971  N N     . VAL C 2 60 ? -10.35061 -0.72316  3.15045   1.000 65.02422 ? 60  VAL H N     1 
ATOM   972  C CA    . VAL C 2 60 ? -10.56629 -1.17810  4.51987   1.000 73.32656 ? 60  VAL H CA    1 
ATOM   973  C C     . VAL C 2 60 ? -9.21200  -1.44243  5.16020   1.000 76.21481 ? 60  VAL H C     1 
ATOM   974  O O     . VAL C 2 60 ? -8.44643  -2.29425  4.68949   1.000 74.79680 ? 60  VAL H O     1 
ATOM   975  C CB    . VAL C 2 60 ? -11.45193 -2.43434  4.56118   1.000 75.10599 ? 60  VAL H CB    1 
ATOM   976  C CG1   . VAL C 2 60 ? -11.73665 -2.84518  6.00272   1.000 80.59378 ? 60  VAL H CG1   1 
ATOM   977  C CG2   . VAL C 2 60 ? -12.74714 -2.18984  3.79873   1.000 65.89225 ? 60  VAL H CG2   1 
ATOM   978  N N     . ILE C 2 61 ? -8.91565  -0.70472  6.22908   1.000 82.73110 ? 61  ILE H N     1 
ATOM   979  C CA    . ILE C 2 61 ? -7.69777  -0.90765  7.00360   1.000 87.34336 ? 61  ILE H CA    1 
ATOM   980  C C     . ILE C 2 61 ? -8.05117  -0.85720  8.48644   1.000 94.91995 ? 61  ILE H C     1 
ATOM   981  O O     . ILE C 2 61 ? -7.27917  -0.33438  9.30099   1.000 95.05148 ? 61  ILE H O     1 
ATOM   982  C CB    . ILE C 2 61 ? -6.62253  0.13735   6.65430   1.000 83.07357 ? 61  ILE H CB    1 
ATOM   983  C CG1   . ILE C 2 61 ? -7.25276  1.52426   6.54426   1.000 81.58079 ? 61  ILE H CG1   1 
ATOM   984  C CG2   . ILE C 2 61 ? -5.92056  -0.23347  5.34946   1.000 76.03559 ? 61  ILE H CG2   1 
ATOM   985  C CD1   . ILE C 2 61 ? -6.24827  2.64765   6.50568   1.000 81.01365 ? 61  ILE H CD1   1 
ATOM   986  N N     . ASP C 2 62 ? -9.23338  -1.38175  8.84412   1.000 95.78837 ? 62  ASP H N     1 
ATOM   987  C CA    . ASP C 2 62 ? -9.60004  -1.51036  10.25301  1.000 96.94816 ? 62  ASP H CA    1 
ATOM   988  C C     . ASP C 2 62 ? -8.84026  -2.64204  10.93580  1.000 99.37120 ? 62  ASP H C     1 
ATOM   989  O O     . ASP C 2 62 ? -8.75008  -2.66095  12.17028  1.000 99.49556 ? 62  ASP H O     1 
ATOM   990  C CB    . ASP C 2 62 ? -11.11830 -1.70565  10.40524  1.000 95.40304 ? 62  ASP H CB    1 
ATOM   991  C CG    . ASP C 2 62 ? -11.65989 -2.90001  9.61304   1.000 96.23484 ? 62  ASP H CG    1 
ATOM   992  O OD1   . ASP C 2 62 ? -11.01234 -3.96955  9.58068   1.000 95.67137 ? 62  ASP H OD1   1 
ATOM   993  O OD2   . ASP C 2 62 ? -12.75917 -2.76781  9.03082   1.000 89.46720 ? 62  ASP H OD2   1 
ATOM   994  N N     . HIS C 2 63 ? -8.30072  -3.58218  10.15648  1.000 99.15941 ? 63  HIS H N     1 
ATOM   995  C CA    . HIS C 2 63 ? -7.35662  -4.58647  10.63104  1.000 98.55435 ? 63  HIS H CA    1 
ATOM   996  C C     . HIS C 2 63 ? -5.92483  -4.05374  10.69529  1.000 98.10445 ? 63  HIS H C     1 
ATOM   997  O O     . HIS C 2 63 ? -4.99068  -4.83881  10.89897  1.000 97.65786 ? 63  HIS H O     1 
ATOM   998  C CB    . HIS C 2 63 ? -7.40913  -5.83992  9.74147   1.000 95.37943 ? 63  HIS H CB    1 
ATOM   999  C CG    . HIS C 2 63 ? -7.54020  -5.55170  8.27309   1.000 93.73445 ? 63  HIS H CG    1 
ATOM   1000 N ND1   . HIS C 2 63 ? -8.64062  -4.92747  7.72562   1.000 93.87270 ? 63  HIS H ND1   1 
ATOM   1001 C CD2   . HIS C 2 63 ? -6.70534  -5.81165  7.23841   1.000 88.82127 ? 63  HIS H CD2   1 
ATOM   1002 C CE1   . HIS C 2 63 ? -8.47708  -4.81247  6.41941   1.000 88.66481 ? 63  HIS H CE1   1 
ATOM   1003 N NE2   . HIS C 2 63 ? -7.31049  -5.34030  6.09880   1.000 86.83996 ? 63  HIS H NE2   1 
ATOM   1004 N N     . LEU C 2 64 ? -5.74154  -2.74616  10.52035  1.000 94.98566 ? 64  LEU H N     1 
ATOM   1005 C CA    . LEU C 2 64 ? -4.43508  -2.10368  10.61892  1.000 93.56910 ? 64  LEU H CA    1 
ATOM   1006 C C     . LEU C 2 64 ? -4.34180  -1.31676  11.92748  1.000 93.84919 ? 64  LEU H C     1 
ATOM   1007 O O     . LEU C 2 64 ? -3.26848  -1.19439  12.51921  1.000 93.67443 ? 64  LEU H O     1 
ATOM   1008 C CB    . LEU C 2 64 ? -4.20095  -1.19057  9.40678   1.000 89.21672 ? 64  LEU H CB    1 
ATOM   1009 C CG    . LEU C 2 64 ? -2.83870  -0.53387  9.17029   1.000 83.86982 ? 64  LEU H CG    1 
ATOM   1010 C CD1   . LEU C 2 64 ? -2.63412  -0.24375  7.68217   1.000 68.62455 ? 64  LEU H CD1   1 
ATOM   1011 C CD2   . LEU C 2 64 ? -2.72531  0.74977   9.98563   1.000 75.66261 ? 64  LEU H CD2   1 
ATOM   1012 P P     . DA  D 3 1  ? 18.49293  -5.38363  -1.92607  1.000 38.93753 ? 2   DA  B P     1 
ATOM   1013 O OP1   . DA  D 3 1  ? 17.70407  -5.99742  -0.84939  1.000 31.13332 ? 2   DA  B OP1   1 
ATOM   1014 O OP2   . DA  D 3 1  ? 18.90091  -6.05269  -3.18193  1.000 38.73875 ? 2   DA  B OP2   1 
ATOM   1015 O "O5'" . DA  D 3 1  ? 19.52962  -4.29498  -1.33837  1.000 40.86229 ? 2   DA  B "O5'" 1 
ATOM   1016 C "C5'" . DA  D 3 1  ? 19.73310  -4.17381  0.07374   1.000 36.08378 ? 2   DA  B "C5'" 1 
ATOM   1017 C "C4'" . DA  D 3 1  ? 20.30125  -2.80814  0.42720   1.000 43.77721 ? 2   DA  B "C4'" 1 
ATOM   1018 O "O4'" . DA  D 3 1  ? 21.70248  -2.69773  0.00664   1.000 39.75388 ? 2   DA  B "O4'" 1 
ATOM   1019 C "C3'" . DA  D 3 1  ? 19.57141  -1.64996  -0.22232  1.000 41.11337 ? 2   DA  B "C3'" 1 
ATOM   1020 O "O3'" . DA  D 3 1  ? 19.45083  -0.58281  0.70254   1.000 40.07434 ? 2   DA  B "O3'" 1 
ATOM   1021 C "C2'" . DA  D 3 1  ? 20.44946  -1.29547  -1.43783  1.000 39.05247 ? 2   DA  B "C2'" 1 
ATOM   1022 C "C1'" . DA  D 3 1  ? 21.84802  -1.66455  -0.96989  1.000 42.01600 ? 2   DA  B "C1'" 1 
ATOM   1023 N N9    . DA  D 3 1  ? 22.72293  -2.16665  -2.04259  1.000 39.65156 ? 2   DA  B N9    1 
ATOM   1024 C C8    . DA  D 3 1  ? 22.42117  -3.11580  -2.97495  1.000 35.50227 ? 2   DA  B C8    1 
ATOM   1025 N N7    . DA  D 3 1  ? 23.41356  -3.39093  -3.80638  1.000 34.71736 ? 2   DA  B N7    1 
ATOM   1026 C C5    . DA  D 3 1  ? 24.44544  -2.56010  -3.37900  1.000 34.15228 ? 2   DA  B C5    1 
ATOM   1027 C C6    . DA  D 3 1  ? 25.75184  -2.39711  -3.82331  1.000 34.83245 ? 2   DA  B C6    1 
ATOM   1028 N N6    . DA  D 3 1  ? 26.25627  -3.08349  -4.85050  1.000 35.66288 ? 2   DA  B N6    1 
ATOM   1029 N N1    . DA  D 3 1  ? 26.53098  -1.48616  -3.19042  1.000 39.61547 ? 2   DA  B N1    1 
ATOM   1030 C C2    . DA  D 3 1  ? 26.01585  -0.80396  -2.15486  1.000 40.69261 ? 2   DA  B C2    1 
ATOM   1031 N N3    . DA  D 3 1  ? 24.78969  -0.90124  -1.61736  1.000 37.66237 ? 2   DA  B N3    1 
ATOM   1032 C C4    . DA  D 3 1  ? 24.04974  -1.80386  -2.28830  1.000 37.81709 ? 2   DA  B C4    1 
ATOM   1033 P P     . DT  D 3 2  ? 18.78382  0.80265   0.23882   1.000 43.49890 ? 3   DT  B P     1 
ATOM   1034 O OP1   . DT  D 3 2  ? 18.02318  1.32100   1.40619   1.000 36.89551 ? 3   DT  B OP1   1 
ATOM   1035 O OP2   . DT  D 3 2  ? 18.14412  0.60743   -1.10318  1.000 32.69577 ? 3   DT  B OP2   1 
ATOM   1036 O "O5'" . DT  D 3 2  ? 20.05207  1.74064   -0.00221  1.000 34.64892 ? 3   DT  B "O5'" 1 
ATOM   1037 C "C5'" . DT  D 3 2  ? 21.07202  1.83984   1.01777   1.000 32.49036 ? 3   DT  B "C5'" 1 
ATOM   1038 C "C4'" . DT  D 3 2  ? 22.07030  2.85146   0.56370   1.000 33.52569 ? 3   DT  B "C4'" 1 
ATOM   1039 O "O4'" . DT  D 3 2  ? 22.92666  2.23605   -0.40311  1.000 29.44779 ? 3   DT  B "O4'" 1 
ATOM   1040 C "C3'" . DT  D 3 2  ? 21.38898  3.99561   -0.16742  1.000 30.52804 ? 3   DT  B "C3'" 1 
ATOM   1041 C "C2'" . DT  D 3 2  ? 22.05392  4.09543   -1.53432  1.000 28.53839 ? 3   DT  B "C2'" 1 
ATOM   1042 C "C1'" . DT  D 3 2  ? 23.24396  3.18061   -1.41210  1.000 30.00930 ? 3   DT  B "C1'" 1 
ATOM   1043 N N1    . DT  D 3 2  ? 23.54940  2.42108   -2.64283  1.000 32.12131 ? 3   DT  B N1    1 
ATOM   1044 C C2    . DT  D 3 2  ? 24.83501  2.44359   -3.11976  1.000 34.14031 ? 3   DT  B C2    1 
ATOM   1045 O O2    . DT  D 3 2  ? 25.71848  3.10268   -2.60712  1.000 29.19364 ? 3   DT  B O2    1 
ATOM   1046 N N3    . DT  D 3 2  ? 25.04758  1.69113   -4.23632  1.000 34.72343 ? 3   DT  B N3    1 
ATOM   1047 C C4    . DT  D 3 2  ? 24.11738  0.90991   -4.90027  1.000 32.14251 ? 3   DT  B C4    1 
ATOM   1048 O O4    . DT  D 3 2  ? 24.41319  0.25833   -5.89198  1.000 32.97802 ? 3   DT  B O4    1 
ATOM   1049 C C5    . DT  D 3 2  ? 22.78156  0.92266   -4.34872  1.000 32.27856 ? 3   DT  B C5    1 
ATOM   1050 C C7    . DT  D 3 2  ? 21.68992  0.11128   -4.98964  1.000 42.99177 ? 3   DT  B C7    1 
ATOM   1051 C C6    . DT  D 3 2  ? 22.56061  1.66560   -3.24989  1.000 32.83728 ? 3   DT  B C6    1 
HETATM 1052 O O     . HOH E 4 .  ? 28.86475  -7.47252  4.43894   0.50  33.18201 ? 101 HOH A O     1 
HETATM 1053 O O     . HOH E 4 .  ? 20.53003  1.59876   8.46845   1.000 41.32847 ? 102 HOH A O     1 
HETATM 1054 O O     . HOH E 4 .  ? 22.35725  -4.66760  12.81639  1.000 39.65709 ? 103 HOH A O     1 
HETATM 1055 O O     . HOH E 4 .  ? 21.74326  -8.15446  11.86721  1.000 32.34358 ? 104 HOH A O     1 
HETATM 1056 O O     . HOH E 4 .  ? 23.78319  -6.85052  4.83538   1.000 29.11370 ? 105 HOH A O     1 
HETATM 1057 O O     . HOH E 4 .  ? 18.34644  -15.10650 5.03537   1.000 45.30790 ? 106 HOH A O     1 
HETATM 1058 O O     . HOH E 4 .  ? 26.76485  -1.75825  10.25942  1.000 34.64403 ? 107 HOH A O     1 
HETATM 1059 O O     . HOH E 4 .  ? 24.15896  -11.54998 4.29571   1.000 40.36415 ? 108 HOH A O     1 
HETATM 1060 O O     . HOH E 4 .  ? 19.25592  -11.27478 3.31428   1.000 40.35995 ? 109 HOH A O     1 
HETATM 1061 O O     . HOH E 4 .  ? 27.33312  2.05046   10.01017  1.000 35.60933 ? 110 HOH A O     1 
HETATM 1062 O O     . HOH E 4 .  ? 20.98657  -9.24000  3.05555   1.000 36.15698 ? 111 HOH A O     1 
HETATM 1063 O O     . HOH E 4 .  ? 20.11679  -6.57790  3.30485   1.000 36.21691 ? 112 HOH A O     1 
HETATM 1064 O O     . HOH F 4 .  ? -5.00178  11.12531  -11.07885 1.000 55.17002 ? 101 HOH D O     1 
HETATM 1065 O O     . HOH F 4 .  ? 10.69685  -8.35152  15.06604  1.000 36.90003 ? 102 HOH D O     1 
HETATM 1066 O O     . HOH F 4 .  ? -15.74558 2.80285   -15.19159 1.000 57.25507 ? 103 HOH D O     1 
HETATM 1067 O O     . HOH F 4 .  ? 0.97370   7.95405   8.98574   1.000 54.94571 ? 104 HOH D O     1 
HETATM 1068 O O     . HOH F 4 .  ? 8.12524   2.69846   13.53418  1.000 43.78893 ? 105 HOH D O     1 
HETATM 1069 O O     . HOH F 4 .  ? -9.80117  2.81424   -12.28714 1.000 46.02330 ? 106 HOH D O     1 
HETATM 1070 O O     . HOH F 4 .  ? 1.93600   -5.32877  9.15975   1.000 51.67543 ? 107 HOH D O     1 
HETATM 1071 O O     . HOH F 4 .  ? 4.36671   -3.89827  8.31212   1.000 39.14950 ? 108 HOH D O     1 
HETATM 1072 O O     . HOH F 4 .  ? -7.71005  11.56451  1.91422   1.000 41.55389 ? 109 HOH D O     1 
HETATM 1073 O O     . HOH F 4 .  ? 17.56611  -1.50710  15.32082  1.000 42.54720 ? 110 HOH D O     1 
HETATM 1074 O O     . HOH F 4 .  ? 20.84590  -2.81224  4.39907   1.000 34.63656 ? 111 HOH D O     1 
HETATM 1075 O O     . HOH F 4 .  ? 17.37699  -2.48218  17.76923  1.000 43.66966 ? 112 HOH D O     1 
HETATM 1076 O O     . HOH F 4 .  ? 10.47681  -2.18539  18.13236  1.000 43.32566 ? 113 HOH D O     1 
HETATM 1077 O O     . HOH F 4 .  ? 21.73417  -7.58446  15.45901  1.000 49.64415 ? 114 HOH D O     1 
HETATM 1078 O O     . HOH F 4 .  ? 2.16145   8.76992   -8.25701  1.000 46.87092 ? 115 HOH D O     1 
HETATM 1079 O O     . HOH F 4 .  ? -0.77332  9.34467   -12.62521 1.000 41.51818 ? 116 HOH D O     1 
HETATM 1080 O O     . HOH F 4 .  ? 11.52476  -13.07863 3.92914   1.000 51.17317 ? 117 HOH D O     1 
HETATM 1081 O O     . HOH F 4 .  ? 12.42642  -2.22194  19.92899  1.000 44.29883 ? 118 HOH D O     1 
HETATM 1082 O O     . HOH G 4 .  ? 14.87904  7.57230   -1.97842  1.000 37.06448 ? 101 HOH H O     1 
HETATM 1083 O O     . HOH G 4 .  ? 16.43846  -1.56280  -1.92265  1.000 44.01812 ? 102 HOH H O     1 
HETATM 1084 O O     . HOH G 4 .  ? 14.60731  2.91355   14.28262  1.000 45.23557 ? 103 HOH H O     1 
HETATM 1085 O O     . HOH G 4 .  ? 15.44525  -11.35851 2.94129   1.000 43.94788 ? 104 HOH H O     1 
HETATM 1086 O O     . HOH G 4 .  ? 15.31963  3.22019   3.47395   1.000 30.43806 ? 105 HOH H O     1 
HETATM 1087 O O     . HOH G 4 .  ? 20.16889  3.95288   7.78456   1.000 36.23876 ? 106 HOH H O     1 
HETATM 1088 O O     . HOH G 4 .  ? 12.69097  -11.06853 4.64929   1.000 33.61148 ? 107 HOH H O     1 
HETATM 1089 O O     . HOH G 4 .  ? 15.73035  -1.76009  -4.27591  1.000 49.81357 ? 108 HOH H O     1 
HETATM 1090 O O     . HOH G 4 .  ? 11.12361  5.47052   -7.39331  1.000 34.72089 ? 109 HOH H O     1 
HETATM 1091 O O     . HOH G 4 .  ? 9.09570   7.76220   14.00733  1.000 63.50498 ? 110 HOH H O     1 
HETATM 1092 O O     . HOH G 4 .  ? 16.17057  7.63824   0.87290   1.000 38.56174 ? 111 HOH H O     1 
HETATM 1093 O O     . HOH G 4 .  ? 10.90117  8.74134   15.24793  1.000 59.52169 ? 112 HOH H O     1 
HETATM 1094 O O     . HOH G 4 .  ? 17.18344  -9.80247  1.43222   1.000 42.99475 ? 113 HOH H O     1 
HETATM 1095 O O     . HOH G 4 .  ? 17.99851  -1.32329  -6.02243  1.000 56.89302 ? 114 HOH H O     1 
HETATM 1096 O O     . HOH G 4 .  ? 13.30967  4.26647   -8.19133  1.000 52.12836 ? 115 HOH H O     1 
HETATM 1097 O O     . HOH G 4 .  ? 16.09479  6.01187   -3.62686  1.000 40.60632 ? 116 HOH H O     1 
HETATM 1098 O O     . HOH H 4 .  ? 18.15775  -6.75937  1.40546   1.000 37.58168 ? 101 HOH B O     1 
HETATM 1099 O O     . HOH H 4 .  ? 26.96302  3.85988   -0.54935  1.000 46.50987 ? 102 HOH B O     1 
HETATM 1100 O O     . HOH H 4 .  ? 15.74207  -7.64574  -1.15773  1.000 28.93134 ? 103 HOH B O     1 
HETATM 1101 O O     . HOH H 4 .  ? 17.61546  3.78236   2.23587   1.000 33.57340 ? 104 HOH B O     1 
HETATM 1102 O O     . HOH H 4 .  ? 28.54235  5.44772   -1.15226  1.000 41.70592 ? 105 HOH B O     1 
HETATM 1103 O O     . HOH H 4 .  ? 18.15108  4.77679   -2.25358  1.000 41.34590 ? 106 HOH B O     1 
# 
